data_2MHO
#
_entry.id   2MHO
#
_cell.length_a   1.000
_cell.length_b   1.000
_cell.length_c   1.000
_cell.angle_alpha   90.00
_cell.angle_beta   90.00
_cell.angle_gamma   90.00
#
_symmetry.space_group_name_H-M   'P 1'
#
loop_
_entity.id
_entity.type
_entity.pdbx_description
1 polymer 'Disks large homolog 4'
2 polymer 'peptide from 5-hydroxytryptamine receptor 2C'
#
loop_
_entity_poly.entity_id
_entity_poly.type
_entity_poly.pdbx_seq_one_letter_code
_entity_poly.pdbx_strand_id
1 'polypeptide(L)'
;GAMEMEYEEITLERGNSGLGFSIAGGTDNPHIGDDPSIFITKIIPGGAAAQDGRLRVNDSILFVNEVDVREVTHSAAVEA
LKEAGSIVRLYVMRRKPPA
;
A
2 'polypeptide(L)' VVSERISSV B
#
# COMPACT_ATOMS: atom_id res chain seq x y z
N GLY A 1 -22.56 11.53 -6.28
CA GLY A 1 -23.84 11.61 -7.05
C GLY A 1 -24.16 10.31 -7.77
N ALA A 2 -23.85 10.28 -9.16
CA ALA A 2 -24.08 9.10 -10.14
C ALA A 2 -22.75 8.26 -10.54
N MET A 3 -21.55 8.71 -9.96
CA MET A 3 -20.13 8.14 -10.22
C MET A 3 -19.65 7.11 -9.14
N GLU A 4 -19.44 5.83 -9.68
CA GLU A 4 -18.96 4.58 -8.92
C GLU A 4 -17.41 4.21 -9.20
N MET A 5 -16.85 3.28 -8.30
CA MET A 5 -15.41 2.77 -8.24
C MET A 5 -15.19 1.24 -8.75
N GLU A 6 -13.87 0.95 -9.14
CA GLU A 6 -13.30 -0.37 -9.72
C GLU A 6 -11.98 -0.85 -8.94
N TYR A 7 -12.05 -2.12 -8.37
CA TYR A 7 -10.98 -2.78 -7.47
C TYR A 7 -10.05 -3.80 -8.24
N GLU A 8 -8.68 -3.83 -7.82
CA GLU A 8 -7.59 -4.72 -8.46
C GLU A 8 -6.77 -5.53 -7.34
N GLU A 9 -6.64 -6.92 -7.62
CA GLU A 9 -5.82 -7.93 -6.83
C GLU A 9 -4.47 -8.33 -7.57
N ILE A 10 -3.29 -7.88 -6.94
CA ILE A 10 -1.85 -8.10 -7.46
C ILE A 10 -1.06 -9.09 -6.42
N THR A 11 -0.18 -10.02 -7.02
CA THR A 11 0.74 -11.00 -6.28
C THR A 11 2.27 -10.65 -6.64
N LEU A 12 3.06 -10.32 -5.52
CA LEU A 12 4.53 -9.97 -5.48
C LEU A 12 5.42 -11.03 -4.74
N GLU A 13 6.74 -11.15 -5.26
CA GLU A 13 7.90 -11.93 -4.63
C GLU A 13 8.85 -10.88 -3.92
N ARG A 14 9.19 -11.18 -2.56
CA ARG A 14 9.99 -10.29 -1.55
C ARG A 14 11.46 -9.91 -2.08
N GLY A 15 11.60 -8.53 -2.40
CA GLY A 15 12.84 -7.86 -3.06
C GLY A 15 14.19 -7.85 -2.28
N ASN A 16 15.34 -7.78 -3.11
CA ASN A 16 16.85 -7.72 -2.65
C ASN A 16 17.32 -6.31 -2.06
N SER A 17 16.64 -5.15 -2.60
CA SER A 17 16.77 -3.71 -2.12
C SER A 17 15.63 -3.28 -1.06
N GLY A 18 14.43 -4.10 -1.03
CA GLY A 18 13.25 -3.90 -0.10
C GLY A 18 12.00 -3.46 -0.85
N LEU A 19 11.54 -4.38 -1.87
CA LEU A 19 10.33 -4.28 -2.84
C LEU A 19 10.33 -3.19 -3.99
N GLY A 20 10.70 -1.88 -3.64
CA GLY A 20 10.80 -0.71 -4.61
C GLY A 20 9.68 0.36 -4.48
N PHE A 21 9.12 0.57 -3.18
CA PHE A 21 8.07 1.59 -2.73
C PHE A 21 8.22 1.84 -1.13
N SER A 22 7.45 2.90 -0.52
CA SER A 22 7.28 3.11 0.99
C SER A 22 5.79 3.49 1.33
N ILE A 23 5.29 2.98 2.56
CA ILE A 23 3.82 3.13 3.07
C ILE A 23 3.52 3.95 4.35
N ALA A 24 2.51 4.97 4.14
CA ALA A 24 2.01 5.96 5.17
C ALA A 24 0.56 5.55 5.66
N GLY A 25 0.47 5.24 7.02
CA GLY A 25 -0.77 4.71 7.70
C GLY A 25 -0.62 4.45 9.20
N GLY A 26 -1.83 4.37 9.90
CA GLY A 26 -1.91 4.24 11.39
C GLY A 26 -3.33 4.28 12.01
N THR A 27 -3.36 3.77 13.32
CA THR A 27 -4.50 3.95 14.36
C THR A 27 -4.12 5.01 15.49
N ASP A 28 -2.76 4.99 15.92
CA ASP A 28 -2.10 5.95 16.92
C ASP A 28 -1.11 7.02 16.21
N ASN A 29 -0.44 6.59 15.00
CA ASN A 29 0.56 7.40 14.17
C ASN A 29 -0.12 8.09 12.82
N PRO A 30 -0.39 9.61 12.76
CA PRO A 30 -0.98 10.37 11.51
C PRO A 30 -0.04 10.49 10.18
N HIS A 31 -0.69 10.99 8.99
CA HIS A 31 -0.02 11.45 7.70
C HIS A 31 -0.36 13.01 7.37
N ILE A 32 -1.70 13.43 7.50
CA ILE A 32 -2.31 14.75 7.08
C ILE A 32 -2.85 15.64 8.36
N GLY A 33 -3.31 14.87 9.43
CA GLY A 33 -3.87 15.36 10.73
C GLY A 33 -4.98 14.47 11.28
N ASP A 34 -4.53 13.20 11.79
CA ASP A 34 -5.31 12.01 12.43
C ASP A 34 -6.15 11.14 11.39
N ASP A 35 -5.35 10.22 10.72
CA ASP A 35 -5.74 9.24 9.62
C ASP A 35 -6.31 7.78 10.13
N PRO A 36 -7.62 7.18 9.55
CA PRO A 36 -8.07 5.71 9.78
C PRO A 36 -7.43 4.56 8.80
N SER A 37 -7.28 4.90 7.40
CA SER A 37 -6.79 3.97 6.25
C SER A 37 -5.25 4.19 5.83
N ILE A 38 -4.59 3.06 5.20
CA ILE A 38 -3.11 3.02 4.75
C ILE A 38 -3.01 3.38 3.15
N PHE A 39 -2.24 4.54 2.87
CA PHE A 39 -2.08 5.31 1.54
C PHE A 39 -0.54 5.37 1.06
N ILE A 40 -0.35 5.38 -0.38
CA ILE A 40 1.01 5.49 -1.10
C ILE A 40 1.37 7.02 -1.35
N THR A 41 2.72 7.30 -1.13
CA THR A 41 3.43 8.67 -1.27
C THR A 41 4.91 8.59 -1.80
N LYS A 42 5.66 7.34 -1.59
CA LYS A 42 7.07 7.13 -2.09
C LYS A 42 7.15 5.88 -3.07
N ILE A 43 7.71 6.17 -4.34
CA ILE A 43 8.04 5.18 -5.43
C ILE A 43 9.60 5.33 -5.81
N ILE A 44 10.34 4.12 -5.83
CA ILE A 44 11.79 3.94 -6.30
C ILE A 44 11.86 3.75 -7.97
N PRO A 45 12.82 4.57 -8.83
CA PRO A 45 12.96 4.44 -10.39
C PRO A 45 13.51 3.01 -10.98
N GLY A 46 14.26 2.19 -10.09
CA GLY A 46 14.83 0.85 -10.43
C GLY A 46 14.52 -0.32 -9.45
N GLY A 47 13.20 -0.36 -8.86
CA GLY A 47 12.67 -1.51 -7.99
C GLY A 47 11.84 -2.62 -8.76
N ALA A 48 11.33 -3.64 -7.92
CA ALA A 48 10.53 -4.89 -8.31
C ALA A 48 8.96 -4.67 -8.57
N ALA A 49 8.25 -3.74 -7.71
CA ALA A 49 6.75 -3.33 -7.81
C ALA A 49 6.40 -2.19 -8.91
N ALA A 50 7.48 -1.31 -9.29
CA ALA A 50 7.46 -0.20 -10.34
C ALA A 50 7.69 -0.74 -11.86
N GLN A 51 8.73 -1.73 -12.04
CA GLN A 51 9.12 -2.43 -13.35
C GLN A 51 8.35 -3.82 -13.64
N ASP A 52 8.46 -4.88 -12.66
CA ASP A 52 7.93 -6.33 -12.80
C ASP A 52 6.43 -6.65 -12.31
N GLY A 53 5.92 -5.90 -11.19
CA GLY A 53 4.58 -6.15 -10.48
C GLY A 53 3.32 -5.46 -11.08
N ARG A 54 3.41 -4.05 -11.32
CA ARG A 54 2.37 -3.03 -11.90
C ARG A 54 1.44 -2.27 -10.82
N LEU A 55 2.19 -1.64 -9.81
CA LEU A 55 1.70 -0.67 -8.77
C LEU A 55 2.27 0.80 -9.03
N ARG A 56 1.28 1.78 -9.04
CA ARG A 56 1.46 3.29 -9.07
C ARG A 56 1.02 3.95 -7.67
N VAL A 57 1.63 5.18 -7.35
CA VAL A 57 1.40 6.11 -6.11
C VAL A 57 -0.16 6.54 -5.80
N ASN A 58 -0.93 6.59 -6.95
CA ASN A 58 -2.37 6.91 -7.07
C ASN A 58 -3.36 5.60 -6.99
N ASP A 59 -2.73 4.30 -6.61
CA ASP A 59 -3.52 2.96 -6.51
C ASP A 59 -4.20 2.65 -5.11
N SER A 60 -3.53 3.16 -3.90
CA SER A 60 -4.00 3.08 -2.37
C SER A 60 -4.54 1.66 -1.86
N ILE A 61 -3.85 1.08 -0.77
CA ILE A 61 -4.15 -0.35 -0.21
C ILE A 61 -5.35 -0.30 0.89
N LEU A 62 -6.37 -1.28 0.68
CA LEU A 62 -7.44 -1.63 1.70
C LEU A 62 -7.07 -2.91 2.52
N PHE A 63 -6.61 -4.03 1.73
CA PHE A 63 -6.27 -5.41 2.31
C PHE A 63 -4.91 -5.94 1.84
N VAL A 64 -4.08 -6.50 2.81
CA VAL A 64 -2.75 -7.23 2.52
C VAL A 64 -2.78 -8.65 3.06
N ASN A 65 -2.18 -9.68 2.30
CA ASN A 65 -2.12 -11.25 2.65
C ASN A 65 -3.53 -12.06 2.45
N GLU A 66 -4.67 -11.25 2.11
CA GLU A 66 -6.22 -11.48 2.28
C GLU A 66 -6.74 -11.10 3.80
N VAL A 67 -5.76 -10.36 4.58
CA VAL A 67 -5.83 -9.87 6.00
C VAL A 67 -6.25 -8.30 6.05
N ASP A 68 -6.96 -7.95 7.22
CA ASP A 68 -7.63 -6.63 7.54
C ASP A 68 -6.66 -5.57 8.16
N VAL A 69 -6.18 -4.70 7.19
CA VAL A 69 -5.23 -3.53 7.38
C VAL A 69 -6.00 -2.09 7.44
N ARG A 70 -7.39 -2.16 7.25
CA ARG A 70 -8.44 -0.97 7.33
C ARG A 70 -8.48 -0.18 8.76
N GLU A 71 -7.94 -0.90 9.91
CA GLU A 71 -7.85 -0.47 11.36
C GLU A 71 -6.70 -1.27 12.08
N VAL A 72 -5.43 -0.74 11.84
CA VAL A 72 -4.07 -1.23 12.39
C VAL A 72 -3.08 0.03 12.61
N THR A 73 -1.96 -0.20 13.43
CA THR A 73 -0.70 0.72 13.53
C THR A 73 0.28 0.56 12.24
N HIS A 74 1.24 1.60 12.02
CA HIS A 74 2.39 1.67 10.93
C HIS A 74 3.26 0.26 10.86
N SER A 75 3.87 -0.16 12.11
CA SER A 75 4.68 -1.46 12.38
C SER A 75 3.87 -2.82 12.06
N ALA A 76 2.45 -2.77 12.36
CA ALA A 76 1.39 -3.85 12.15
C ALA A 76 1.00 -4.09 10.59
N ALA A 77 1.23 -2.98 9.66
CA ALA A 77 1.07 -3.04 8.13
C ALA A 77 2.42 -3.45 7.38
N VAL A 78 3.66 -3.08 8.03
CA VAL A 78 5.13 -3.50 7.59
C VAL A 78 5.44 -5.09 7.92
N GLU A 79 4.93 -5.59 9.16
CA GLU A 79 5.02 -7.09 9.72
C GLU A 79 4.16 -8.18 8.92
N ALA A 80 3.17 -7.65 8.05
CA ALA A 80 2.44 -8.41 6.96
C ALA A 80 3.36 -8.59 5.64
N LEU A 81 4.37 -7.55 5.40
CA LEU A 81 5.34 -7.46 4.22
C LEU A 81 6.78 -8.12 4.44
N LYS A 82 7.30 -8.03 5.75
CA LYS A 82 8.63 -8.60 6.27
C LYS A 82 8.54 -10.10 6.79
N GLU A 83 7.34 -10.50 7.47
CA GLU A 83 7.07 -11.93 8.09
C GLU A 83 6.52 -13.08 7.17
N ALA A 84 5.81 -12.71 5.97
CA ALA A 84 5.22 -13.74 4.92
C ALA A 84 6.32 -14.74 4.23
N GLY A 85 7.66 -14.25 4.26
CA GLY A 85 8.91 -15.04 4.03
C GLY A 85 9.61 -14.99 2.68
N SER A 86 8.77 -14.88 1.54
CA SER A 86 9.20 -14.94 0.04
C SER A 86 8.02 -14.45 -0.91
N ILE A 87 6.67 -14.66 -0.46
CA ILE A 87 5.40 -14.31 -1.24
C ILE A 87 4.47 -13.39 -0.35
N VAL A 88 4.19 -12.17 -0.96
CA VAL A 88 3.27 -11.07 -0.42
C VAL A 88 2.12 -10.67 -1.47
N ARG A 89 0.81 -10.90 -1.03
CA ARG A 89 -0.49 -10.71 -1.89
C ARG A 89 -1.41 -9.48 -1.45
N LEU A 90 -1.26 -8.33 -2.25
CA LEU A 90 -1.87 -6.95 -2.04
C LEU A 90 -3.20 -6.67 -2.87
N TYR A 91 -4.20 -5.97 -2.14
CA TYR A 91 -5.55 -5.53 -2.64
C TYR A 91 -5.70 -3.96 -2.55
N VAL A 92 -5.76 -3.37 -3.83
CA VAL A 92 -5.85 -1.85 -4.16
C VAL A 92 -7.33 -1.32 -4.67
N MET A 93 -7.55 0.08 -4.48
CA MET A 93 -8.85 0.89 -4.77
C MET A 93 -8.62 2.20 -5.70
N ARG A 94 -9.26 2.19 -6.96
CA ARG A 94 -9.22 3.31 -8.03
C ARG A 94 -10.64 3.60 -8.71
N ARG A 95 -10.90 4.95 -9.01
CA ARG A 95 -12.17 5.54 -9.69
C ARG A 95 -12.25 5.33 -11.28
N LYS A 96 -13.55 5.08 -11.79
CA LYS A 96 -13.97 4.71 -13.25
C LYS A 96 -13.75 5.89 -14.39
N PRO A 97 -12.89 5.64 -15.65
CA PRO A 97 -12.73 6.67 -16.81
C PRO A 97 -14.04 6.82 -17.85
N PRO A 98 -14.34 8.14 -18.62
CA PRO A 98 -15.51 8.32 -19.64
C PRO A 98 -15.44 7.48 -21.04
N ALA A 99 -14.12 7.21 -21.58
CA ALA A 99 -13.80 6.45 -22.87
C ALA A 99 -13.14 5.03 -22.59
N VAL B 1 3.73 15.91 6.22
CA VAL B 1 2.88 17.12 6.60
C VAL B 1 2.35 17.05 8.05
N VAL B 2 2.90 18.02 8.95
CA VAL B 2 2.59 18.22 10.51
C VAL B 2 2.99 17.00 11.51
N SER B 3 2.78 15.68 10.98
CA SER B 3 2.97 14.28 11.62
C SER B 3 2.91 13.26 10.46
N GLU B 4 4.18 12.68 10.08
CA GLU B 4 4.38 11.74 8.87
C GLU B 4 5.21 10.41 9.24
N ARG B 5 6.65 10.53 9.40
CA ARG B 5 7.77 9.40 9.49
C ARG B 5 8.12 8.75 8.08
N ILE B 6 7.01 8.18 7.32
CA ILE B 6 6.98 7.50 5.89
C ILE B 6 7.90 6.23 5.60
N SER B 7 9.27 6.30 5.99
CA SER B 7 10.42 5.22 5.75
C SER B 7 10.04 3.69 6.19
N SER B 8 9.32 3.03 5.17
CA SER B 8 8.63 1.66 5.20
C SER B 8 9.01 0.77 3.89
N VAL B 9 8.18 -0.36 3.60
CA VAL B 9 8.36 -1.38 2.46
C VAL B 9 7.19 -1.20 1.38
N GLY A 1 -29.15 2.90 -16.25
CA GLY A 1 -27.85 3.61 -16.22
C GLY A 1 -27.37 3.90 -14.80
N ALA A 2 -26.51 2.91 -14.24
CA ALA A 2 -25.88 2.94 -12.83
C ALA A 2 -24.30 3.15 -12.89
N MET A 3 -23.78 4.15 -11.98
CA MET A 3 -22.34 4.56 -11.82
C MET A 3 -21.68 3.85 -10.50
N GLU A 4 -20.72 2.87 -10.81
CA GLU A 4 -19.88 2.05 -9.82
C GLU A 4 -18.27 2.29 -9.94
N MET A 5 -17.47 1.65 -8.95
CA MET A 5 -15.95 1.63 -8.85
C MET A 5 -15.31 0.17 -9.24
N GLU A 6 -13.92 0.16 -9.57
CA GLU A 6 -13.09 -1.04 -10.06
C GLU A 6 -11.83 -1.34 -9.17
N TYR A 7 -11.78 -2.63 -8.62
CA TYR A 7 -10.70 -3.18 -7.67
C TYR A 7 -9.69 -4.18 -8.37
N GLU A 8 -8.35 -4.11 -7.90
CA GLU A 8 -7.15 -4.96 -8.41
C GLU A 8 -6.43 -5.79 -7.29
N GLU A 9 -6.21 -7.16 -7.61
CA GLU A 9 -5.40 -8.16 -6.78
C GLU A 9 -4.02 -8.52 -7.47
N ILE A 10 -2.88 -7.99 -6.84
CA ILE A 10 -1.42 -8.16 -7.35
C ILE A 10 -0.52 -9.06 -6.30
N THR A 11 0.42 -9.94 -6.93
CA THR A 11 1.49 -10.81 -6.23
C THR A 11 2.98 -10.38 -6.54
N LEU A 12 3.76 -10.13 -5.40
CA LEU A 12 5.25 -9.76 -5.34
C LEU A 12 6.11 -10.74 -4.44
N GLU A 13 7.46 -10.91 -4.85
CA GLU A 13 8.57 -11.74 -4.13
C GLU A 13 9.47 -10.73 -3.24
N ARG A 14 9.59 -11.09 -1.89
CA ARG A 14 10.31 -10.31 -0.78
C ARG A 14 11.85 -10.68 -0.64
N GLY A 15 12.68 -9.55 -0.56
CA GLY A 15 14.19 -9.56 -0.19
C GLY A 15 15.24 -10.02 -1.28
N ASN A 16 14.85 -9.96 -2.65
CA ASN A 16 15.75 -10.26 -3.88
C ASN A 16 16.50 -8.96 -4.42
N SER A 17 15.74 -7.73 -4.38
CA SER A 17 16.26 -6.33 -4.68
C SER A 17 16.10 -5.34 -3.38
N GLY A 18 15.12 -5.70 -2.36
CA GLY A 18 14.82 -4.91 -1.11
C GLY A 18 13.41 -4.24 -1.13
N LEU A 19 12.54 -4.54 -2.28
CA LEU A 19 11.12 -4.01 -2.63
C LEU A 19 11.03 -2.44 -2.87
N GLY A 20 10.55 -2.07 -4.15
CA GLY A 20 10.63 -0.70 -4.77
C GLY A 20 9.41 0.22 -4.65
N PHE A 21 8.95 0.46 -3.32
CA PHE A 21 7.91 1.48 -2.82
C PHE A 21 8.09 1.70 -1.22
N SER A 22 7.38 2.80 -0.60
CA SER A 22 7.24 3.03 0.91
C SER A 22 5.74 3.41 1.29
N ILE A 23 5.24 2.92 2.55
CA ILE A 23 3.76 3.08 3.06
C ILE A 23 3.45 3.82 4.40
N ALA A 24 2.43 4.83 4.27
CA ALA A 24 1.92 5.74 5.38
C ALA A 24 0.52 5.24 5.95
N GLY A 25 0.55 4.90 7.31
CA GLY A 25 -0.63 4.36 8.08
C GLY A 25 -0.58 4.64 9.59
N GLY A 26 -1.81 4.51 10.27
CA GLY A 26 -1.92 4.77 11.75
C GLY A 26 -3.30 4.72 12.42
N THR A 27 -3.34 3.96 13.61
CA THR A 27 -4.45 4.06 14.70
C THR A 27 -4.06 5.00 15.91
N ASP A 28 -2.66 5.02 16.30
CA ASP A 28 -2.07 5.96 17.36
C ASP A 28 -1.04 7.06 16.80
N ASN A 29 -0.30 6.71 15.62
CA ASN A 29 0.74 7.58 14.90
C ASN A 29 0.14 8.33 13.57
N PRO A 30 0.00 9.88 13.51
CA PRO A 30 -0.55 10.67 12.26
C PRO A 30 0.28 10.57 10.87
N HIS A 31 -0.48 10.84 9.70
CA HIS A 31 0.00 10.96 8.27
C HIS A 31 -0.11 12.46 7.68
N ILE A 32 -1.32 13.17 7.92
CA ILE A 32 -1.76 14.50 7.18
C ILE A 32 -2.31 15.64 8.12
N GLY A 33 -3.35 15.26 8.93
CA GLY A 33 -4.03 16.06 10.00
C GLY A 33 -4.86 15.17 10.93
N ASP A 34 -4.25 13.91 11.29
CA ASP A 34 -4.78 12.74 12.16
C ASP A 34 -5.72 11.76 11.36
N ASP A 35 -5.00 10.96 10.43
CA ASP A 35 -5.62 9.97 9.43
C ASP A 35 -5.71 8.40 9.99
N PRO A 36 -7.09 7.66 10.05
CA PRO A 36 -7.25 6.16 10.44
C PRO A 36 -6.86 5.03 9.31
N SER A 37 -6.95 5.43 7.93
CA SER A 37 -6.69 4.55 6.68
C SER A 37 -5.17 4.60 6.16
N ILE A 38 -4.70 3.41 5.48
CA ILE A 38 -3.27 3.21 4.94
C ILE A 38 -3.24 3.55 3.33
N PHE A 39 -2.35 4.60 2.94
CA PHE A 39 -2.15 5.19 1.53
C PHE A 39 -0.60 5.15 1.07
N ILE A 40 -0.36 5.23 -0.36
CA ILE A 40 1.01 5.36 -1.05
C ILE A 40 1.38 6.93 -1.19
N THR A 41 2.71 7.19 -1.00
CA THR A 41 3.43 8.58 -1.00
C THR A 41 4.89 8.54 -1.60
N LYS A 42 5.64 7.29 -1.53
CA LYS A 42 7.03 7.11 -2.10
C LYS A 42 7.08 5.86 -3.08
N ILE A 43 7.67 6.15 -4.33
CA ILE A 43 7.98 5.17 -5.45
C ILE A 43 9.54 5.29 -5.82
N ILE A 44 10.24 4.05 -5.91
CA ILE A 44 11.68 3.85 -6.41
C ILE A 44 11.72 3.78 -8.09
N PRO A 45 12.71 4.62 -8.90
CA PRO A 45 12.83 4.59 -10.46
C PRO A 45 13.35 3.20 -11.15
N GLY A 46 14.10 2.32 -10.32
CA GLY A 46 14.64 0.98 -10.74
C GLY A 46 14.37 -0.20 -9.76
N GLY A 47 13.04 -0.28 -9.19
CA GLY A 47 12.53 -1.42 -8.31
C GLY A 47 11.66 -2.50 -9.06
N ALA A 48 11.14 -3.52 -8.22
CA ALA A 48 10.31 -4.74 -8.63
C ALA A 48 8.73 -4.46 -8.85
N ALA A 49 8.09 -3.49 -7.96
CA ALA A 49 6.62 -3.05 -8.01
C ALA A 49 6.24 -1.93 -9.10
N ALA A 50 7.30 -1.05 -9.52
CA ALA A 50 7.25 0.06 -10.58
C ALA A 50 7.46 -0.47 -12.09
N GLN A 51 8.49 -1.46 -12.29
CA GLN A 51 8.88 -2.13 -13.62
C GLN A 51 8.11 -3.51 -13.93
N ASP A 52 8.21 -4.59 -12.94
CA ASP A 52 7.68 -6.03 -13.10
C ASP A 52 6.19 -6.33 -12.59
N GLY A 53 5.69 -5.61 -11.44
CA GLY A 53 4.34 -5.85 -10.74
C GLY A 53 3.08 -5.14 -11.34
N ARG A 54 3.22 -3.74 -11.62
CA ARG A 54 2.18 -2.70 -12.19
C ARG A 54 1.28 -1.95 -11.10
N LEU A 55 2.05 -1.34 -10.09
CA LEU A 55 1.59 -0.41 -9.01
C LEU A 55 2.15 1.09 -9.24
N ARG A 56 1.16 2.06 -9.14
CA ARG A 56 1.33 3.58 -9.11
C ARG A 56 0.96 4.16 -7.66
N VAL A 57 1.54 5.40 -7.31
CA VAL A 57 1.36 6.23 -6.01
C VAL A 57 -0.19 6.66 -5.65
N ASN A 58 -1.00 6.77 -6.78
CA ASN A 58 -2.44 7.08 -6.86
C ASN A 58 -3.39 5.71 -6.87
N ASP A 59 -2.74 4.41 -6.57
CA ASP A 59 -3.50 3.04 -6.53
C ASP A 59 -4.15 2.66 -5.13
N SER A 60 -3.43 3.09 -3.93
CA SER A 60 -3.85 2.92 -2.40
C SER A 60 -4.43 1.50 -1.95
N ILE A 61 -3.71 0.84 -0.93
CA ILE A 61 -4.02 -0.59 -0.42
C ILE A 61 -5.17 -0.53 0.74
N LEU A 62 -6.30 -1.37 0.50
CA LEU A 62 -7.42 -1.65 1.50
C LEU A 62 -7.11 -2.92 2.37
N PHE A 63 -6.64 -4.08 1.63
CA PHE A 63 -6.34 -5.45 2.27
C PHE A 63 -4.96 -6.00 1.90
N VAL A 64 -4.15 -6.41 2.97
CA VAL A 64 -2.69 -7.00 2.81
C VAL A 64 -2.76 -8.47 3.34
N ASN A 65 -2.21 -9.48 2.50
CA ASN A 65 -2.19 -11.07 2.70
C ASN A 65 -3.64 -11.81 2.49
N GLU A 66 -4.74 -10.94 2.17
CA GLU A 66 -6.29 -11.17 2.30
C GLU A 66 -6.85 -10.76 3.78
N VAL A 67 -5.87 -10.11 4.68
CA VAL A 67 -6.11 -9.61 6.08
C VAL A 67 -6.49 -8.07 6.15
N ASP A 68 -7.23 -7.73 7.31
CA ASP A 68 -7.89 -6.44 7.59
C ASP A 68 -6.89 -5.39 8.25
N VAL A 69 -6.49 -4.48 7.31
CA VAL A 69 -5.51 -3.32 7.46
C VAL A 69 -6.22 -1.88 7.59
N ARG A 70 -7.58 -1.79 7.18
CA ARG A 70 -8.49 -0.51 7.19
C ARG A 70 -8.60 0.35 8.58
N GLU A 71 -8.22 -0.38 9.77
CA GLU A 71 -8.14 0.10 11.20
C GLU A 71 -7.01 -0.70 11.96
N VAL A 72 -5.71 -0.26 11.65
CA VAL A 72 -4.37 -0.77 12.23
C VAL A 72 -3.32 0.44 12.40
N THR A 73 -2.18 0.17 13.18
CA THR A 73 -0.88 1.04 13.26
C THR A 73 0.07 0.80 12.00
N HIS A 74 1.10 1.78 11.74
CA HIS A 74 2.19 1.69 10.58
C HIS A 74 3.01 0.28 10.54
N SER A 75 3.64 -0.06 11.80
CA SER A 75 4.46 -1.34 12.12
C SER A 75 3.60 -2.72 11.96
N ALA A 76 2.17 -2.60 12.26
CA ALA A 76 1.09 -3.69 12.13
C ALA A 76 0.68 -4.01 10.60
N ALA A 77 0.94 -2.96 9.60
CA ALA A 77 0.77 -3.07 8.10
C ALA A 77 2.10 -3.56 7.36
N VAL A 78 3.36 -3.14 7.95
CA VAL A 78 4.84 -3.55 7.51
C VAL A 78 5.13 -5.13 7.88
N GLU A 79 4.65 -5.61 9.13
CA GLU A 79 4.72 -7.10 9.71
C GLU A 79 3.91 -8.19 8.86
N ALA A 80 2.89 -7.68 8.03
CA ALA A 80 2.14 -8.42 6.94
C ALA A 80 3.02 -8.59 5.58
N LEU A 81 4.02 -7.58 5.31
CA LEU A 81 5.01 -7.53 4.12
C LEU A 81 6.42 -8.20 4.40
N LYS A 82 6.95 -8.10 5.71
CA LYS A 82 8.28 -8.67 6.24
C LYS A 82 8.18 -10.18 6.74
N GLU A 83 7.00 -10.54 7.47
CA GLU A 83 6.71 -11.97 8.09
C GLU A 83 5.93 -13.05 7.23
N ALA A 84 5.44 -12.63 5.95
CA ALA A 84 4.67 -13.57 4.92
C ALA A 84 5.50 -14.88 4.41
N GLY A 85 6.92 -14.79 4.54
CA GLY A 85 7.90 -15.91 4.41
C GLY A 85 8.88 -15.87 3.24
N SER A 86 8.39 -15.31 2.01
CA SER A 86 9.10 -15.15 0.62
C SER A 86 8.14 -14.55 -0.48
N ILE A 87 6.78 -15.01 -0.44
CA ILE A 87 5.66 -14.69 -1.41
C ILE A 87 4.53 -13.93 -0.61
N VAL A 88 4.40 -12.63 -1.02
CA VAL A 88 3.52 -11.55 -0.44
C VAL A 88 2.38 -11.15 -1.54
N ARG A 89 1.10 -10.96 -1.00
CA ARG A 89 -0.16 -10.51 -1.75
C ARG A 89 -0.79 -9.17 -1.19
N LEU A 90 -1.03 -8.17 -2.14
CA LEU A 90 -1.68 -6.80 -1.93
C LEU A 90 -3.01 -6.59 -2.78
N TYR A 91 -4.06 -5.92 -2.10
CA TYR A 91 -5.42 -5.58 -2.66
C TYR A 91 -5.66 -4.02 -2.64
N VAL A 92 -5.66 -3.45 -3.92
CA VAL A 92 -5.78 -1.92 -4.25
C VAL A 92 -7.25 -1.42 -4.85
N MET A 93 -7.49 -0.03 -4.74
CA MET A 93 -8.79 0.75 -5.13
C MET A 93 -8.59 1.89 -6.27
N ARG A 94 -9.44 1.78 -7.41
CA ARG A 94 -9.54 2.74 -8.61
C ARG A 94 -11.04 3.16 -8.88
N ARG A 95 -11.23 4.51 -9.26
CA ARG A 95 -12.55 5.20 -9.62
C ARG A 95 -12.73 5.27 -11.23
N LYS A 96 -14.03 4.91 -11.70
CA LYS A 96 -14.49 4.85 -13.20
C LYS A 96 -14.86 6.31 -13.87
N PRO A 97 -14.25 6.75 -15.23
CA PRO A 97 -14.64 8.07 -15.96
C PRO A 97 -16.16 8.13 -16.65
N PRO A 98 -16.96 9.46 -16.76
CA PRO A 98 -18.37 9.58 -17.44
C PRO A 98 -18.46 9.33 -19.06
N ALA A 99 -17.29 9.68 -19.84
CA ALA A 99 -17.13 9.54 -21.35
C ALA A 99 -16.11 8.40 -21.75
N VAL B 1 2.98 15.31 6.09
CA VAL B 1 2.56 16.57 6.85
C VAL B 1 2.05 16.31 8.32
N VAL B 2 2.50 17.23 9.31
CA VAL B 2 2.25 17.25 10.86
C VAL B 2 3.15 16.20 11.72
N SER B 3 3.32 14.86 11.17
CA SER B 3 4.09 13.75 11.86
C SER B 3 5.17 13.09 10.90
N GLU B 4 4.67 12.15 9.89
CA GLU B 4 5.38 11.31 8.80
C GLU B 4 6.80 10.63 9.15
N ARG B 5 6.76 9.23 9.06
CA ARG B 5 7.94 8.29 9.03
C ARG B 5 7.86 7.42 7.70
N ILE B 6 8.43 8.08 6.56
CA ILE B 6 8.54 7.48 5.16
C ILE B 6 9.92 6.72 4.84
N SER B 7 10.05 5.62 5.67
CA SER B 7 11.20 4.56 5.71
C SER B 7 10.66 3.01 5.59
N SER B 8 9.27 2.86 5.27
CA SER B 8 8.44 1.56 5.20
C SER B 8 8.63 0.70 3.81
N VAL B 9 7.82 -0.48 3.64
CA VAL B 9 7.89 -1.45 2.44
C VAL B 9 6.56 -1.25 1.56
N GLY A 1 -25.51 7.91 -15.41
CA GLY A 1 -25.58 6.41 -15.34
C GLY A 1 -25.14 5.87 -13.99
N ALA A 2 -23.78 5.41 -13.93
CA ALA A 2 -23.07 4.82 -12.71
C ALA A 2 -21.98 5.80 -12.09
N MET A 3 -22.14 6.05 -10.71
CA MET A 3 -21.22 6.96 -9.82
C MET A 3 -20.29 6.15 -8.73
N GLU A 4 -20.17 4.76 -8.97
CA GLU A 4 -19.40 3.72 -8.14
C GLU A 4 -17.85 3.55 -8.58
N MET A 5 -17.06 2.67 -7.78
CA MET A 5 -15.57 2.34 -7.94
C MET A 5 -15.26 0.86 -8.55
N GLU A 6 -13.99 0.71 -9.11
CA GLU A 6 -13.36 -0.54 -9.77
C GLU A 6 -12.02 -1.00 -9.02
N TYR A 7 -12.03 -2.31 -8.53
CA TYR A 7 -10.93 -2.97 -7.64
C TYR A 7 -9.97 -3.95 -8.43
N GLU A 8 -8.60 -3.96 -7.99
CA GLU A 8 -7.48 -4.81 -8.62
C GLU A 8 -6.65 -5.63 -7.51
N GLU A 9 -6.43 -7.00 -7.81
CA GLU A 9 -5.58 -7.99 -7.00
C GLU A 9 -4.19 -8.35 -7.71
N ILE A 10 -3.04 -7.88 -7.04
CA ILE A 10 -1.56 -8.04 -7.55
C ILE A 10 -0.73 -9.02 -6.53
N THR A 11 0.27 -9.85 -7.13
CA THR A 11 1.23 -10.82 -6.41
C THR A 11 2.77 -10.39 -6.68
N LEU A 12 3.54 -10.23 -5.51
CA LEU A 12 5.02 -9.83 -5.40
C LEU A 12 5.91 -10.86 -4.56
N GLU A 13 7.31 -10.87 -4.88
CA GLU A 13 8.41 -11.70 -4.18
C GLU A 13 9.34 -10.74 -3.28
N ARG A 14 9.49 -11.15 -1.94
CA ARG A 14 10.20 -10.42 -0.79
C ARG A 14 11.78 -10.68 -0.74
N GLY A 15 12.53 -9.50 -0.54
CA GLY A 15 14.03 -9.44 -0.16
C GLY A 15 15.13 -9.63 -1.27
N ASN A 16 14.74 -10.06 -2.57
CA ASN A 16 15.68 -10.32 -3.79
C ASN A 16 16.26 -9.00 -4.52
N SER A 17 15.35 -7.89 -4.64
CA SER A 17 15.70 -6.52 -5.20
C SER A 17 15.52 -5.33 -4.10
N GLY A 18 14.65 -5.56 -2.96
CA GLY A 18 14.35 -4.56 -1.86
C GLY A 18 12.90 -4.02 -1.89
N LEU A 19 11.97 -4.76 -2.72
CA LEU A 19 10.48 -4.52 -3.00
C LEU A 19 10.05 -3.35 -3.98
N GLY A 20 10.71 -2.10 -3.82
CA GLY A 20 10.62 -0.91 -4.80
C GLY A 20 9.53 0.18 -4.59
N PHE A 21 9.04 0.39 -3.26
CA PHE A 21 8.02 1.47 -2.79
C PHE A 21 8.22 1.76 -1.20
N SER A 22 7.48 2.85 -0.61
CA SER A 22 7.34 3.12 0.89
C SER A 22 5.85 3.51 1.24
N ILE A 23 5.34 3.02 2.49
CA ILE A 23 3.87 3.17 3.00
C ILE A 23 3.55 3.95 4.31
N ALA A 24 2.47 4.91 4.15
CA ALA A 24 1.89 5.77 5.25
C ALA A 24 0.49 5.20 5.71
N GLY A 25 0.43 4.80 7.05
CA GLY A 25 -0.74 4.14 7.73
C GLY A 25 -0.72 4.27 9.24
N GLY A 26 -1.98 4.20 9.88
CA GLY A 26 -2.11 4.46 11.36
C GLY A 26 -3.50 4.46 11.99
N THR A 27 -3.52 3.90 13.27
CA THR A 27 -4.66 4.05 14.33
C THR A 27 -4.27 5.06 15.50
N ASP A 28 -2.92 4.96 16.00
CA ASP A 28 -2.27 5.84 17.07
C ASP A 28 -1.26 6.94 16.46
N ASN A 29 -0.56 6.59 15.24
CA ASN A 29 0.46 7.44 14.48
C ASN A 29 -0.21 8.20 13.17
N PRO A 30 -0.33 9.73 13.12
CA PRO A 30 -0.93 10.52 11.91
C PRO A 30 0.01 10.68 10.58
N HIS A 31 -0.69 11.10 9.39
CA HIS A 31 -0.06 11.53 8.09
C HIS A 31 -0.46 13.06 7.71
N ILE A 32 -1.83 13.41 7.75
CA ILE A 32 -2.45 14.71 7.25
C ILE A 32 -3.12 15.63 8.47
N GLY A 33 -2.86 15.18 9.77
CA GLY A 33 -3.41 15.75 11.05
C GLY A 33 -3.87 14.67 12.03
N ASP A 34 -4.85 13.80 11.49
CA ASP A 34 -5.53 12.55 12.09
C ASP A 34 -6.11 11.68 10.88
N ASP A 35 -5.16 10.81 10.31
CA ASP A 35 -5.41 9.83 9.14
C ASP A 35 -5.74 8.26 9.66
N PRO A 36 -7.14 7.62 9.42
CA PRO A 36 -7.49 6.15 9.78
C PRO A 36 -7.02 4.94 8.76
N SER A 37 -6.99 5.25 7.35
CA SER A 37 -6.68 4.26 6.18
C SER A 37 -5.16 4.30 5.69
N ILE A 38 -4.65 3.08 5.07
CA ILE A 38 -3.20 2.88 4.56
C ILE A 38 -3.10 3.28 2.98
N PHE A 39 -2.28 4.41 2.74
CA PHE A 39 -2.10 5.23 1.47
C PHE A 39 -0.57 5.29 1.01
N ILE A 40 -0.37 5.29 -0.42
CA ILE A 40 0.99 5.40 -1.14
C ILE A 40 1.37 6.95 -1.36
N THR A 41 2.72 7.20 -1.16
CA THR A 41 3.44 8.58 -1.22
C THR A 41 4.89 8.53 -1.82
N LYS A 42 5.66 7.28 -1.69
CA LYS A 42 7.05 7.10 -2.24
C LYS A 42 7.13 5.84 -3.20
N ILE A 43 7.65 6.12 -4.47
CA ILE A 43 7.95 5.13 -5.58
C ILE A 43 9.50 5.29 -5.98
N ILE A 44 10.24 4.08 -6.00
CA ILE A 44 11.69 3.92 -6.47
C ILE A 44 11.77 3.75 -8.15
N PRO A 45 12.75 4.59 -8.98
CA PRO A 45 12.91 4.48 -10.53
C PRO A 45 13.46 3.07 -11.14
N GLY A 46 14.22 2.24 -10.25
CA GLY A 46 14.78 0.90 -10.61
C GLY A 46 14.48 -0.24 -9.58
N GLY A 47 13.16 -0.30 -9.03
CA GLY A 47 12.62 -1.40 -8.11
C GLY A 47 11.77 -2.51 -8.83
N ALA A 48 11.23 -3.49 -7.95
CA ALA A 48 10.41 -4.74 -8.33
C ALA A 48 8.84 -4.48 -8.61
N ALA A 49 8.17 -3.50 -7.80
CA ALA A 49 6.69 -3.07 -7.92
C ALA A 49 6.34 -1.99 -9.07
N ALA A 50 7.43 -1.14 -9.50
CA ALA A 50 7.39 -0.08 -10.59
C ALA A 50 7.66 -0.67 -12.08
N GLN A 51 8.71 -1.66 -12.21
CA GLN A 51 9.15 -2.40 -13.49
C GLN A 51 8.39 -3.80 -13.75
N ASP A 52 8.46 -4.82 -12.71
CA ASP A 52 7.96 -6.27 -12.81
C ASP A 52 6.45 -6.57 -12.36
N GLY A 53 5.91 -5.81 -11.26
CA GLY A 53 4.55 -6.05 -10.60
C GLY A 53 3.30 -5.36 -11.23
N ARG A 54 3.39 -3.95 -11.45
CA ARG A 54 2.35 -2.91 -12.01
C ARG A 54 1.42 -2.17 -10.95
N LEU A 55 2.17 -1.50 -9.95
CA LEU A 55 1.66 -0.56 -8.90
C LEU A 55 2.17 0.93 -9.17
N ARG A 56 1.14 1.87 -9.11
CA ARG A 56 1.28 3.39 -9.13
C ARG A 56 0.89 4.00 -7.70
N VAL A 57 1.48 5.24 -7.38
CA VAL A 57 1.30 6.11 -6.10
C VAL A 57 -0.25 6.54 -5.74
N ASN A 58 -1.07 6.63 -6.87
CA ASN A 58 -2.51 6.95 -6.95
C ASN A 58 -3.46 5.57 -6.90
N ASP A 59 -2.81 4.28 -6.57
CA ASP A 59 -3.58 2.92 -6.51
C ASP A 59 -4.23 2.55 -5.11
N SER A 60 -3.54 3.02 -3.89
CA SER A 60 -4.00 2.88 -2.36
C SER A 60 -4.57 1.45 -1.91
N ILE A 61 -3.88 0.80 -0.88
CA ILE A 61 -4.20 -0.63 -0.37
C ILE A 61 -5.37 -0.60 0.76
N LEU A 62 -6.44 -1.52 0.53
CA LEU A 62 -7.54 -1.84 1.53
C LEU A 62 -7.23 -3.13 2.36
N PHE A 63 -6.75 -4.27 1.60
CA PHE A 63 -6.49 -5.67 2.20
C PHE A 63 -5.14 -6.24 1.77
N VAL A 64 -4.33 -6.74 2.82
CA VAL A 64 -2.95 -7.36 2.57
C VAL A 64 -2.85 -8.82 3.05
N ASN A 65 -2.13 -9.74 2.24
CA ASN A 65 -1.95 -11.30 2.46
C ASN A 65 -3.33 -12.12 2.15
N GLU A 66 -4.31 -12.00 3.16
CA GLU A 66 -5.79 -12.43 3.25
C GLU A 66 -6.51 -11.54 4.42
N VAL A 67 -5.71 -10.45 4.99
CA VAL A 67 -5.99 -9.70 6.27
C VAL A 67 -6.56 -8.25 6.09
N ASP A 68 -7.26 -7.81 7.24
CA ASP A 68 -7.91 -6.50 7.46
C ASP A 68 -6.94 -5.42 8.07
N VAL A 69 -6.34 -4.61 7.10
CA VAL A 69 -5.43 -3.37 7.41
C VAL A 69 -6.23 -1.99 7.61
N ARG A 70 -7.62 -2.04 7.30
CA ARG A 70 -8.70 -0.88 7.41
C ARG A 70 -8.73 -0.05 8.81
N GLU A 71 -8.26 -0.77 9.98
CA GLU A 71 -8.09 -0.32 11.40
C GLU A 71 -6.85 -1.11 12.06
N VAL A 72 -5.58 -0.60 11.71
CA VAL A 72 -4.20 -1.07 12.28
C VAL A 72 -3.26 0.20 12.47
N THR A 73 -2.16 -0.03 13.26
CA THR A 73 -0.91 0.89 13.44
C THR A 73 0.11 0.73 12.20
N HIS A 74 1.13 1.73 12.07
CA HIS A 74 2.31 1.79 11.00
C HIS A 74 3.13 0.35 10.93
N SER A 75 3.64 -0.11 12.20
CA SER A 75 4.40 -1.42 12.46
C SER A 75 3.52 -2.74 12.18
N ALA A 76 2.05 -2.64 12.32
CA ALA A 76 1.05 -3.75 12.08
C ALA A 76 0.73 -3.97 10.51
N ALA A 77 1.05 -2.84 9.63
CA ALA A 77 0.99 -2.83 8.10
C ALA A 77 2.36 -3.29 7.41
N VAL A 78 3.59 -2.94 8.10
CA VAL A 78 5.07 -3.36 7.69
C VAL A 78 5.37 -4.93 8.05
N GLU A 79 4.90 -5.42 9.31
CA GLU A 79 5.02 -6.91 9.91
C GLU A 79 4.23 -8.03 9.08
N ALA A 80 3.15 -7.56 8.28
CA ALA A 80 2.39 -8.34 7.22
C ALA A 80 3.23 -8.49 5.84
N LEU A 81 4.19 -7.42 5.56
CA LEU A 81 5.11 -7.34 4.32
C LEU A 81 6.58 -7.95 4.52
N LYS A 82 7.11 -7.91 5.84
CA LYS A 82 8.44 -8.51 6.32
C LYS A 82 8.33 -10.03 6.78
N GLU A 83 7.17 -10.39 7.56
CA GLU A 83 6.88 -11.83 8.14
C GLU A 83 6.02 -12.86 7.27
N ALA A 84 5.63 -12.43 5.97
CA ALA A 84 4.86 -13.32 4.91
C ALA A 84 5.70 -14.64 4.41
N GLY A 85 7.11 -14.50 4.52
CA GLY A 85 8.13 -15.60 4.41
C GLY A 85 9.08 -15.58 3.21
N SER A 86 8.54 -15.11 1.98
CA SER A 86 9.17 -15.08 0.53
C SER A 86 8.15 -14.49 -0.54
N ILE A 87 6.75 -14.74 -0.31
CA ILE A 87 5.59 -14.34 -1.22
C ILE A 87 4.57 -13.47 -0.39
N VAL A 88 4.39 -12.20 -0.91
CA VAL A 88 3.52 -11.07 -0.35
C VAL A 88 2.45 -10.68 -1.52
N ARG A 89 1.12 -10.82 -1.13
CA ARG A 89 -0.14 -10.59 -2.04
C ARG A 89 -1.10 -9.43 -1.55
N LEU A 90 -1.07 -8.27 -2.33
CA LEU A 90 -1.79 -6.94 -2.08
C LEU A 90 -3.12 -6.73 -2.93
N TYR A 91 -4.17 -6.08 -2.22
CA TYR A 91 -5.52 -5.69 -2.78
C TYR A 91 -5.74 -4.14 -2.69
N VAL A 92 -5.77 -3.53 -3.96
CA VAL A 92 -5.87 -1.98 -4.25
C VAL A 92 -7.35 -1.47 -4.79
N MET A 93 -7.58 -0.08 -4.62
CA MET A 93 -8.88 0.72 -4.94
C MET A 93 -8.65 1.98 -5.91
N ARG A 94 -9.32 1.92 -7.16
CA ARG A 94 -9.30 3.02 -8.26
C ARG A 94 -10.75 3.45 -8.73
N ARG A 95 -10.98 4.85 -8.73
CA ARG A 95 -12.30 5.57 -9.12
C ARG A 95 -12.55 5.74 -10.69
N LYS A 96 -13.89 5.52 -11.08
CA LYS A 96 -14.47 5.52 -12.53
C LYS A 96 -14.64 7.02 -13.22
N PRO A 97 -13.97 7.36 -14.57
CA PRO A 97 -14.14 8.72 -15.30
C PRO A 97 -15.62 8.98 -16.06
N PRO A 98 -16.25 10.39 -16.15
CA PRO A 98 -17.60 10.69 -16.91
C PRO A 98 -17.59 10.56 -18.54
N ALA A 99 -16.37 10.91 -19.22
CA ALA A 99 -16.12 10.86 -20.72
C ALA A 99 -15.09 9.72 -21.14
N VAL B 1 2.76 15.05 5.74
CA VAL B 1 3.12 16.45 5.33
C VAL B 1 3.88 17.25 6.52
N VAL B 2 3.09 17.52 7.64
CA VAL B 2 3.50 18.15 8.96
C VAL B 2 3.52 17.01 10.19
N SER B 3 3.22 15.65 9.78
CA SER B 3 3.02 14.41 10.69
C SER B 3 3.83 13.10 10.20
N GLU B 4 4.59 13.24 8.98
CA GLU B 4 5.32 12.16 8.20
C GLU B 4 6.88 11.98 8.64
N ARG B 5 7.36 10.66 8.46
CA ARG B 5 8.80 10.18 8.53
C ARG B 5 9.29 9.55 7.13
N ILE B 6 8.36 8.64 6.45
CA ILE B 6 8.54 7.86 5.12
C ILE B 6 9.88 6.94 4.93
N SER B 7 9.98 5.95 5.93
CA SER B 7 11.12 4.92 6.10
C SER B 7 10.60 3.36 5.95
N SER B 8 9.31 3.16 5.36
CA SER B 8 8.55 1.82 5.20
C SER B 8 8.91 0.98 3.85
N VAL B 9 8.15 -0.21 3.60
CA VAL B 9 8.37 -1.26 2.48
C VAL B 9 7.17 -1.16 1.41
N GLY A 1 -27.31 -0.29 -17.34
CA GLY A 1 -28.22 0.52 -16.47
C GLY A 1 -27.45 1.44 -15.51
N ALA A 2 -27.19 0.88 -14.23
CA ALA A 2 -26.43 1.57 -13.08
C ALA A 2 -24.97 1.00 -12.88
N MET A 3 -23.94 2.00 -12.86
CA MET A 3 -22.44 1.74 -12.67
C MET A 3 -21.81 2.35 -11.36
N GLU A 4 -20.87 1.48 -10.75
CA GLU A 4 -20.04 1.72 -9.46
C GLU A 4 -18.46 1.64 -9.77
N MET A 5 -17.54 1.94 -8.69
CA MET A 5 -15.99 1.95 -8.76
C MET A 5 -15.31 0.47 -8.89
N GLU A 6 -13.97 0.44 -9.39
CA GLU A 6 -13.22 -0.82 -9.85
C GLU A 6 -11.95 -1.13 -9.00
N TYR A 7 -11.95 -2.41 -8.42
CA TYR A 7 -10.87 -2.99 -7.50
C TYR A 7 -9.95 -4.03 -8.23
N GLU A 8 -8.57 -3.99 -7.85
CA GLU A 8 -7.45 -4.84 -8.47
C GLU A 8 -6.62 -5.63 -7.35
N GLU A 9 -6.39 -7.00 -7.64
CA GLU A 9 -5.55 -7.97 -6.79
C GLU A 9 -4.16 -8.32 -7.49
N ILE A 10 -3.01 -7.84 -6.81
CA ILE A 10 -1.54 -8.02 -7.31
C ILE A 10 -0.74 -9.06 -6.33
N THR A 11 0.14 -9.94 -7.02
CA THR A 11 1.16 -10.89 -6.37
C THR A 11 2.65 -10.49 -6.69
N LEU A 12 3.42 -10.27 -5.54
CA LEU A 12 4.91 -9.97 -5.50
C LEU A 12 5.71 -11.05 -4.69
N GLU A 13 6.97 -11.40 -5.23
CA GLU A 13 8.04 -12.31 -4.60
C GLU A 13 9.10 -11.38 -3.87
N ARG A 14 9.27 -11.63 -2.47
CA ARG A 14 10.13 -10.83 -1.43
C ARG A 14 11.66 -10.54 -1.90
N GLY A 15 11.89 -9.18 -2.22
CA GLY A 15 13.20 -8.61 -2.78
C GLY A 15 14.35 -8.32 -1.77
N ASN A 16 15.63 -8.26 -2.36
CA ASN A 16 16.99 -7.97 -1.64
C ASN A 16 17.28 -6.40 -1.37
N SER A 17 16.57 -5.47 -2.21
CA SER A 17 16.63 -3.95 -2.13
C SER A 17 15.43 -3.30 -1.22
N GLY A 18 14.24 -4.10 -0.99
CA GLY A 18 13.08 -3.66 -0.13
C GLY A 18 11.79 -3.39 -0.94
N LEU A 19 11.57 -4.28 -2.05
CA LEU A 19 10.37 -4.37 -3.05
C LEU A 19 10.13 -3.19 -4.10
N GLY A 20 10.70 -1.93 -3.81
CA GLY A 20 10.68 -0.72 -4.73
C GLY A 20 9.55 0.32 -4.54
N PHE A 21 8.97 0.43 -3.21
CA PHE A 21 7.90 1.42 -2.75
C PHE A 21 7.99 1.63 -1.14
N SER A 22 7.29 2.76 -0.56
CA SER A 22 7.09 3.02 0.93
C SER A 22 5.58 3.38 1.26
N ILE A 23 5.04 2.86 2.49
CA ILE A 23 3.53 3.00 2.94
C ILE A 23 3.19 3.75 4.28
N ALA A 24 2.25 4.83 4.09
CA ALA A 24 1.76 5.77 5.17
C ALA A 24 0.34 5.36 5.70
N GLY A 25 0.32 5.03 7.05
CA GLY A 25 -0.87 4.50 7.81
C GLY A 25 -0.67 4.48 9.32
N GLY A 26 -1.85 4.43 10.09
CA GLY A 26 -1.83 4.58 11.59
C GLY A 26 -3.15 4.62 12.35
N THR A 27 -3.09 4.03 13.62
CA THR A 27 -4.13 4.21 14.76
C THR A 27 -3.66 5.24 15.87
N ASP A 28 -2.25 5.25 16.20
CA ASP A 28 -1.58 6.27 17.14
C ASP A 28 -0.58 7.31 16.43
N ASN A 29 0.07 6.86 15.23
CA ASN A 29 1.03 7.66 14.36
C ASN A 29 0.31 8.27 13.00
N PRO A 30 -0.13 9.76 12.93
CA PRO A 30 -0.84 10.40 11.69
C PRO A 30 0.07 10.73 10.38
N HIS A 31 -0.69 10.87 9.17
CA HIS A 31 -0.18 11.29 7.81
C HIS A 31 -0.51 12.86 7.48
N ILE A 32 -1.81 13.36 7.83
CA ILE A 32 -2.31 14.82 7.52
C ILE A 32 -2.68 15.66 8.84
N GLY A 33 -3.45 14.97 9.77
CA GLY A 33 -4.01 15.51 11.06
C GLY A 33 -4.38 14.41 12.05
N ASP A 34 -5.29 13.45 11.54
CA ASP A 34 -5.89 12.21 12.22
C ASP A 34 -6.42 11.27 11.03
N ASP A 35 -5.40 10.49 10.43
CA ASP A 35 -5.59 9.54 9.25
C ASP A 35 -5.76 7.95 9.74
N PRO A 36 -7.18 7.29 9.83
CA PRO A 36 -7.42 5.79 10.17
C PRO A 36 -7.09 4.67 9.01
N SER A 37 -7.20 5.12 7.65
CA SER A 37 -6.98 4.27 6.38
C SER A 37 -5.52 4.46 5.78
N ILE A 38 -4.92 3.29 5.19
CA ILE A 38 -3.47 3.20 4.66
C ILE A 38 -3.40 3.60 3.07
N PHE A 39 -2.50 4.65 2.78
CA PHE A 39 -2.24 5.32 1.40
C PHE A 39 -0.72 5.19 0.95
N ILE A 40 -0.48 5.23 -0.48
CA ILE A 40 0.88 5.36 -1.18
C ILE A 40 1.24 6.92 -1.35
N THR A 41 2.59 7.18 -1.20
CA THR A 41 3.27 8.57 -1.30
C THR A 41 4.76 8.51 -1.87
N LYS A 42 5.51 7.26 -1.70
CA LYS A 42 6.92 7.07 -2.20
C LYS A 42 7.03 5.79 -3.15
N ILE A 43 7.57 6.09 -4.42
CA ILE A 43 7.93 5.10 -5.51
C ILE A 43 9.48 5.28 -5.87
N ILE A 44 10.24 4.09 -5.86
CA ILE A 44 11.70 3.95 -6.27
C ILE A 44 11.83 3.77 -7.94
N PRO A 45 12.79 4.65 -8.75
CA PRO A 45 12.97 4.55 -10.31
C PRO A 45 13.55 3.16 -10.93
N GLY A 46 14.29 2.32 -10.03
CA GLY A 46 14.86 0.97 -10.38
C GLY A 46 14.55 -0.19 -9.38
N GLY A 47 13.22 -0.24 -8.84
CA GLY A 47 12.67 -1.34 -7.96
C GLY A 47 11.84 -2.46 -8.70
N ALA A 48 11.30 -3.46 -7.85
CA ALA A 48 10.51 -4.73 -8.28
C ALA A 48 8.94 -4.52 -8.60
N ALA A 49 8.21 -3.55 -7.83
CA ALA A 49 6.71 -3.13 -8.01
C ALA A 49 6.41 -2.07 -9.18
N ALA A 50 7.51 -1.19 -9.53
CA ALA A 50 7.52 -0.08 -10.60
C ALA A 50 7.88 -0.61 -12.08
N GLN A 51 9.00 -1.52 -12.19
CA GLN A 51 9.54 -2.18 -13.48
C GLN A 51 8.89 -3.60 -13.83
N ASP A 52 8.87 -4.60 -12.77
CA ASP A 52 8.38 -6.05 -12.91
C ASP A 52 6.84 -6.34 -12.61
N GLY A 53 6.15 -5.53 -11.60
CA GLY A 53 4.73 -5.81 -11.13
C GLY A 53 3.58 -5.14 -11.92
N ARG A 54 3.35 -3.72 -11.72
CA ARG A 54 2.27 -2.70 -12.39
C ARG A 54 2.07 -1.33 -11.56
N LEU A 55 2.44 -1.33 -10.16
CA LEU A 55 2.02 -0.31 -9.10
C LEU A 55 2.61 1.20 -9.24
N ARG A 56 1.58 2.14 -9.20
CA ARG A 56 1.68 3.67 -9.13
C ARG A 56 1.13 4.22 -7.70
N VAL A 57 1.59 5.52 -7.31
CA VAL A 57 1.14 6.38 -6.01
C VAL A 57 -0.45 6.60 -5.82
N ASN A 58 -1.13 6.60 -7.03
CA ASN A 58 -2.57 6.82 -7.29
C ASN A 58 -3.44 5.40 -7.24
N ASP A 59 -2.73 4.17 -6.79
CA ASP A 59 -3.41 2.79 -6.64
C ASP A 59 -4.12 2.53 -5.22
N SER A 60 -3.42 3.02 -4.01
CA SER A 60 -3.87 2.93 -2.49
C SER A 60 -4.45 1.50 -2.00
N ILE A 61 -3.73 0.86 -0.96
CA ILE A 61 -4.05 -0.55 -0.38
C ILE A 61 -5.19 -0.45 0.77
N LEU A 62 -6.31 -1.31 0.58
CA LEU A 62 -7.39 -1.59 1.61
C LEU A 62 -7.11 -2.88 2.46
N PHE A 63 -6.62 -4.03 1.73
CA PHE A 63 -6.37 -5.41 2.36
C PHE A 63 -5.01 -6.03 1.96
N VAL A 64 -4.15 -6.47 3.02
CA VAL A 64 -2.75 -7.11 2.75
C VAL A 64 -2.64 -8.55 3.33
N ASN A 65 -2.26 -9.57 2.44
CA ASN A 65 -2.32 -11.19 2.64
C ASN A 65 -3.81 -11.82 2.40
N GLU A 66 -4.88 -10.87 2.18
CA GLU A 66 -6.46 -11.00 2.34
C GLU A 66 -6.87 -10.66 3.91
N VAL A 67 -5.91 -9.82 4.60
CA VAL A 67 -5.91 -9.32 6.05
C VAL A 67 -6.47 -7.85 6.12
N ASP A 68 -7.19 -7.60 7.30
CA ASP A 68 -7.87 -6.31 7.64
C ASP A 68 -6.93 -5.20 8.28
N VAL A 69 -6.40 -4.29 7.32
CA VAL A 69 -5.52 -3.05 7.63
C VAL A 69 -6.31 -1.68 7.89
N ARG A 70 -7.71 -1.70 7.61
CA ARG A 70 -8.77 -0.52 7.76
C ARG A 70 -8.73 0.36 9.14
N GLU A 71 -8.20 -0.32 10.32
CA GLU A 71 -7.97 0.20 11.71
C GLU A 71 -6.77 -0.62 12.39
N VAL A 72 -5.49 -0.19 11.99
CA VAL A 72 -4.12 -0.74 12.48
C VAL A 72 -3.05 0.46 12.60
N THR A 73 -1.91 0.19 13.40
CA THR A 73 -0.59 1.06 13.45
C THR A 73 0.35 0.79 12.16
N HIS A 74 1.41 1.74 11.88
CA HIS A 74 2.48 1.59 10.71
C HIS A 74 3.27 0.18 10.70
N SER A 75 3.88 -0.17 11.95
CA SER A 75 4.66 -1.48 12.29
C SER A 75 3.78 -2.83 12.12
N ALA A 76 2.37 -2.70 12.44
CA ALA A 76 1.25 -3.74 12.29
C ALA A 76 0.83 -4.04 10.76
N ALA A 77 1.13 -2.99 9.78
CA ALA A 77 0.96 -3.07 8.27
C ALA A 77 2.27 -3.63 7.53
N VAL A 78 3.55 -3.23 8.10
CA VAL A 78 5.00 -3.65 7.61
C VAL A 78 5.33 -5.21 7.94
N GLU A 79 4.88 -5.71 9.20
CA GLU A 79 5.00 -7.20 9.76
C GLU A 79 4.17 -8.31 8.95
N ALA A 80 3.17 -7.79 8.08
CA ALA A 80 2.43 -8.54 7.01
C ALA A 80 3.28 -8.65 5.63
N LEU A 81 4.21 -7.58 5.32
CA LEU A 81 5.12 -7.47 4.07
C LEU A 81 6.60 -8.08 4.21
N LYS A 82 7.18 -7.99 5.50
CA LYS A 82 8.55 -8.54 5.94
C LYS A 82 8.50 -10.05 6.44
N GLU A 83 7.37 -10.44 7.23
CA GLU A 83 7.17 -11.86 7.90
C GLU A 83 6.41 -13.00 7.12
N ALA A 84 5.70 -12.65 5.92
CA ALA A 84 4.93 -13.69 5.00
C ALA A 84 5.84 -14.92 4.40
N GLY A 85 7.23 -14.62 4.32
CA GLY A 85 8.34 -15.61 4.14
C GLY A 85 9.12 -15.63 2.84
N SER A 86 8.40 -15.35 1.66
CA SER A 86 8.86 -15.45 0.16
C SER A 86 7.78 -14.83 -0.82
N ILE A 87 6.39 -14.99 -0.46
CA ILE A 87 5.19 -14.54 -1.27
C ILE A 87 4.28 -13.60 -0.40
N VAL A 88 4.05 -12.39 -1.01
CA VAL A 88 3.17 -11.23 -0.51
C VAL A 88 2.02 -10.83 -1.56
N ARG A 89 0.71 -10.92 -1.07
CA ARG A 89 -0.59 -10.63 -1.87
C ARG A 89 -1.39 -9.35 -1.37
N LEU A 90 -1.17 -8.19 -2.11
CA LEU A 90 -1.78 -6.80 -1.89
C LEU A 90 -3.10 -6.55 -2.75
N TYR A 91 -4.14 -5.90 -2.05
CA TYR A 91 -5.49 -5.53 -2.60
C TYR A 91 -5.71 -3.98 -2.56
N VAL A 92 -5.76 -3.42 -3.84
CA VAL A 92 -5.85 -1.90 -4.20
C VAL A 92 -7.31 -1.39 -4.76
N MET A 93 -7.52 0.02 -4.66
CA MET A 93 -8.81 0.83 -5.01
C MET A 93 -8.59 1.99 -6.09
N ARG A 94 -9.28 1.83 -7.30
CA ARG A 94 -9.30 2.75 -8.52
C ARG A 94 -10.79 3.20 -8.90
N ARG A 95 -10.89 4.30 -9.80
CA ARG A 95 -12.16 4.92 -10.38
C ARG A 95 -12.51 4.20 -11.82
N LYS A 96 -13.89 4.10 -12.10
CA LYS A 96 -14.59 3.40 -13.32
C LYS A 96 -14.14 3.86 -14.87
N PRO A 97 -13.50 2.84 -15.84
CA PRO A 97 -13.18 3.16 -17.33
C PRO A 97 -14.45 3.07 -18.43
N PRO A 98 -14.48 3.90 -19.73
CA PRO A 98 -15.58 3.76 -20.83
C PRO A 98 -15.57 2.38 -21.70
N ALA A 99 -16.85 1.83 -22.01
CA ALA A 99 -17.13 0.55 -22.81
C ALA A 99 -17.71 0.84 -24.25
N VAL B 1 -0.98 20.59 8.24
CA VAL B 1 -0.25 19.25 8.21
C VAL B 1 0.77 19.03 9.37
N VAL B 2 0.53 17.89 10.16
CA VAL B 2 1.35 17.37 11.35
C VAL B 2 2.57 16.39 10.86
N SER B 3 2.21 15.37 9.91
CA SER B 3 3.07 14.39 9.10
C SER B 3 4.06 13.39 9.88
N GLU B 4 4.14 12.17 9.23
CA GLU B 4 5.01 10.93 9.49
C GLU B 4 6.58 11.08 9.11
N ARG B 5 7.41 10.01 9.55
CA ARG B 5 8.91 9.75 9.21
C ARG B 5 9.11 9.15 7.72
N ILE B 6 8.03 8.30 7.20
CA ILE B 6 7.91 7.52 5.83
C ILE B 6 9.18 6.60 5.44
N SER B 7 9.33 5.57 6.36
CA SER B 7 10.50 4.53 6.41
C SER B 7 10.03 2.97 6.21
N SER B 8 8.78 2.81 5.57
CA SER B 8 7.99 1.51 5.38
C SER B 8 8.29 0.73 3.97
N VAL B 9 7.53 -0.48 3.72
CA VAL B 9 7.64 -1.38 2.46
C VAL B 9 6.28 -1.18 1.58
N GLY A 1 -27.94 5.90 -15.74
CA GLY A 1 -28.35 6.27 -14.35
C GLY A 1 -27.16 6.55 -13.44
N ALA A 2 -26.66 5.41 -12.73
CA ALA A 2 -25.48 5.41 -11.75
C ALA A 2 -24.17 4.70 -12.32
N MET A 3 -22.93 5.30 -11.91
CA MET A 3 -21.53 4.76 -12.22
C MET A 3 -20.88 3.93 -10.99
N GLU A 4 -20.00 2.90 -11.37
CA GLU A 4 -19.37 1.86 -10.42
C GLU A 4 -17.81 1.83 -10.35
N MET A 5 -17.30 1.65 -9.05
CA MET A 5 -15.82 1.55 -8.62
C MET A 5 -15.14 0.12 -8.96
N GLU A 6 -13.84 0.24 -9.43
CA GLU A 6 -12.96 -0.90 -9.98
C GLU A 6 -11.68 -1.21 -9.13
N TYR A 7 -11.69 -2.48 -8.53
CA TYR A 7 -10.64 -3.06 -7.59
C TYR A 7 -9.63 -4.06 -8.29
N GLU A 8 -8.30 -3.98 -7.83
CA GLU A 8 -7.11 -4.82 -8.35
C GLU A 8 -6.39 -5.66 -7.25
N GLU A 9 -6.21 -7.03 -7.57
CA GLU A 9 -5.43 -8.05 -6.75
C GLU A 9 -4.05 -8.44 -7.44
N ILE A 10 -2.91 -7.93 -6.78
CA ILE A 10 -1.45 -8.11 -7.29
C ILE A 10 -0.57 -9.00 -6.22
N THR A 11 0.21 -10.02 -6.82
CA THR A 11 1.28 -10.92 -6.16
C THR A 11 2.77 -10.57 -6.59
N LEU A 12 3.62 -10.32 -5.49
CA LEU A 12 5.14 -10.06 -5.51
C LEU A 12 5.94 -11.07 -4.56
N GLU A 13 7.38 -11.11 -4.74
CA GLU A 13 8.38 -11.89 -3.86
C GLU A 13 9.02 -10.92 -2.74
N ARG A 14 9.23 -11.51 -1.46
CA ARG A 14 9.61 -10.82 -0.14
C ARG A 14 11.21 -10.59 0.04
N GLY A 15 11.64 -9.21 -0.08
CA GLY A 15 13.03 -8.68 0.38
C GLY A 15 14.26 -8.93 -0.53
N ASN A 16 14.59 -10.30 -0.76
CA ASN A 16 15.76 -10.89 -1.63
C ASN A 16 15.70 -10.57 -3.21
N SER A 17 14.41 -10.21 -3.74
CA SER A 17 14.12 -9.78 -5.17
C SER A 17 14.20 -8.16 -5.38
N GLY A 18 14.02 -7.28 -4.20
CA GLY A 18 14.28 -5.81 -4.25
C GLY A 18 13.04 -4.94 -4.36
N LEU A 19 12.11 -5.01 -3.27
CA LEU A 19 10.78 -4.24 -3.14
C LEU A 19 10.95 -2.64 -3.07
N GLY A 20 10.47 -1.96 -4.20
CA GLY A 20 10.71 -0.54 -4.55
C GLY A 20 9.49 0.37 -4.54
N PHE A 21 8.96 0.61 -3.26
CA PHE A 21 7.89 1.62 -2.81
C PHE A 21 8.06 1.85 -1.21
N SER A 22 7.35 2.97 -0.58
CA SER A 22 7.18 3.12 0.92
C SER A 22 5.71 3.53 1.29
N ILE A 23 5.18 2.88 2.44
CA ILE A 23 3.71 2.97 2.93
C ILE A 23 3.42 3.65 4.30
N ALA A 24 2.39 4.64 4.23
CA ALA A 24 1.87 5.45 5.38
C ALA A 24 0.50 4.87 5.93
N GLY A 25 0.56 4.44 7.25
CA GLY A 25 -0.57 3.80 8.02
C GLY A 25 -0.66 4.27 9.46
N GLY A 26 -1.94 4.14 10.09
CA GLY A 26 -2.13 4.68 11.48
C GLY A 26 -3.47 4.60 12.15
N THR A 27 -3.41 3.96 13.39
CA THR A 27 -4.46 4.06 14.53
C THR A 27 -3.99 5.03 15.70
N ASP A 28 -2.57 5.03 15.97
CA ASP A 28 -1.86 5.93 17.00
C ASP A 28 -1.00 7.09 16.30
N ASN A 29 -0.32 6.75 15.07
CA ASN A 29 0.58 7.65 14.23
C ASN A 29 -0.18 8.28 12.91
N PRO A 30 -0.52 9.78 12.81
CA PRO A 30 -1.17 10.47 11.53
C PRO A 30 -0.25 10.57 10.21
N HIS A 31 -0.89 11.01 9.01
CA HIS A 31 -0.18 11.44 7.74
C HIS A 31 -0.53 12.97 7.35
N ILE A 32 -1.88 13.37 7.37
CA ILE A 32 -2.44 14.68 6.87
C ILE A 32 -3.27 15.54 8.02
N GLY A 33 -2.88 15.28 9.35
CA GLY A 33 -3.54 15.86 10.58
C GLY A 33 -3.86 14.83 11.64
N ASP A 34 -4.85 13.88 11.27
CA ASP A 34 -5.42 12.65 12.02
C ASP A 34 -6.29 11.80 10.95
N ASP A 35 -5.52 10.92 10.14
CA ASP A 35 -6.07 9.96 9.06
C ASP A 35 -6.09 8.37 9.57
N PRO A 36 -7.40 7.54 9.60
CA PRO A 36 -7.49 6.03 10.00
C PRO A 36 -6.98 4.90 8.90
N SER A 37 -7.11 5.24 7.51
CA SER A 37 -6.79 4.33 6.29
C SER A 37 -5.26 4.38 5.79
N ILE A 38 -4.74 3.18 5.13
CA ILE A 38 -3.30 2.98 4.62
C ILE A 38 -3.17 3.48 3.07
N PHE A 39 -2.36 4.61 2.90
CA PHE A 39 -2.14 5.47 1.65
C PHE A 39 -0.60 5.49 1.20
N ILE A 40 -0.38 5.56 -0.22
CA ILE A 40 1.00 5.68 -0.93
C ILE A 40 1.45 7.22 -1.08
N THR A 41 2.85 7.40 -0.96
CA THR A 41 3.62 8.73 -1.14
C THR A 41 5.05 8.52 -1.86
N LYS A 42 5.76 7.27 -1.59
CA LYS A 42 7.10 6.94 -2.16
C LYS A 42 7.04 5.74 -3.17
N ILE A 43 7.62 6.04 -4.42
CA ILE A 43 7.89 5.10 -5.55
C ILE A 43 9.45 5.26 -5.97
N ILE A 44 10.22 4.08 -5.88
CA ILE A 44 11.67 3.89 -6.37
C ILE A 44 11.72 3.67 -8.04
N PRO A 45 12.73 4.44 -8.90
CA PRO A 45 12.86 4.29 -10.46
C PRO A 45 13.35 2.84 -11.05
N GLY A 46 14.05 1.98 -10.14
CA GLY A 46 14.56 0.60 -10.47
C GLY A 46 14.22 -0.54 -9.47
N GLY A 47 12.88 -0.57 -8.94
CA GLY A 47 12.30 -1.68 -8.07
C GLY A 47 11.43 -2.74 -8.84
N ALA A 48 10.86 -3.75 -8.02
CA ALA A 48 10.00 -4.95 -8.45
C ALA A 48 8.45 -4.63 -8.71
N ALA A 49 7.82 -3.68 -7.82
CA ALA A 49 6.34 -3.20 -7.89
C ALA A 49 6.04 -2.03 -8.98
N ALA A 50 7.17 -1.22 -9.39
CA ALA A 50 7.17 -0.09 -10.43
C ALA A 50 7.40 -0.61 -11.94
N GLN A 51 8.40 -1.63 -12.14
CA GLN A 51 8.79 -2.29 -13.47
C GLN A 51 7.96 -3.63 -13.82
N ASP A 52 7.97 -4.71 -12.83
CA ASP A 52 7.34 -6.10 -13.00
C ASP A 52 5.81 -6.29 -12.53
N GLY A 53 5.35 -5.51 -11.41
CA GLY A 53 3.97 -5.64 -10.73
C GLY A 53 2.78 -4.82 -11.32
N ARG A 54 3.02 -3.44 -11.59
CA ARG A 54 2.06 -2.32 -12.14
C ARG A 54 1.18 -1.53 -11.03
N LEU A 55 1.97 -1.01 -9.97
CA LEU A 55 1.54 -0.08 -8.86
C LEU A 55 2.18 1.38 -9.00
N ARG A 56 1.23 2.39 -8.97
CA ARG A 56 1.45 3.91 -8.90
C ARG A 56 0.96 4.50 -7.48
N VAL A 57 1.45 5.79 -7.10
CA VAL A 57 1.05 6.67 -5.78
C VAL A 57 -0.52 6.91 -5.55
N ASN A 58 -1.24 6.94 -6.75
CA ASN A 58 -2.66 7.18 -6.97
C ASN A 58 -3.54 5.77 -6.96
N ASP A 59 -2.85 4.52 -6.55
CA ASP A 59 -3.53 3.14 -6.45
C ASP A 59 -4.20 2.78 -5.06
N SER A 60 -3.51 3.25 -3.82
CA SER A 60 -3.98 3.10 -2.31
C SER A 60 -4.52 1.65 -1.86
N ILE A 61 -3.79 1.01 -0.84
CA ILE A 61 -4.08 -0.44 -0.34
C ILE A 61 -5.22 -0.43 0.81
N LEU A 62 -6.33 -1.30 0.57
CA LEU A 62 -7.43 -1.61 1.59
C LEU A 62 -7.10 -2.89 2.44
N PHE A 63 -6.60 -4.03 1.69
CA PHE A 63 -6.28 -5.40 2.31
C PHE A 63 -4.88 -5.95 1.91
N VAL A 64 -4.09 -6.48 2.94
CA VAL A 64 -2.67 -7.13 2.74
C VAL A 64 -2.79 -8.63 3.14
N ASN A 65 -2.14 -9.58 2.28
CA ASN A 65 -2.12 -11.16 2.39
C ASN A 65 -3.52 -11.80 1.87
N GLU A 66 -4.54 -11.75 2.82
CA GLU A 66 -6.06 -12.03 2.79
C GLU A 66 -6.71 -11.26 4.09
N VAL A 67 -5.80 -10.37 4.80
CA VAL A 67 -6.00 -9.74 6.14
C VAL A 67 -6.40 -8.22 6.13
N ASP A 68 -7.10 -7.85 7.30
CA ASP A 68 -7.70 -6.54 7.60
C ASP A 68 -6.71 -5.49 8.25
N VAL A 69 -6.20 -4.60 7.32
CA VAL A 69 -5.27 -3.40 7.63
C VAL A 69 -6.03 -2.03 7.91
N ARG A 70 -7.38 -1.95 7.44
CA ARG A 70 -8.40 -0.73 7.53
C ARG A 70 -8.46 0.11 8.95
N GLU A 71 -8.11 -0.66 10.11
CA GLU A 71 -7.96 -0.21 11.53
C GLU A 71 -6.70 -0.97 12.21
N VAL A 72 -5.43 -0.47 11.79
CA VAL A 72 -4.03 -0.90 12.34
C VAL A 72 -3.08 0.37 12.42
N THR A 73 -1.93 0.18 13.15
CA THR A 73 -0.67 1.11 13.22
C THR A 73 0.28 0.88 11.94
N HIS A 74 1.29 1.86 11.65
CA HIS A 74 2.37 1.74 10.46
C HIS A 74 3.19 0.34 10.48
N SER A 75 3.73 0.02 11.77
CA SER A 75 4.47 -1.26 12.21
C SER A 75 3.65 -2.63 11.96
N ALA A 76 2.21 -2.57 12.18
CA ALA A 76 1.20 -3.68 12.02
C ALA A 76 0.81 -3.97 10.47
N ALA A 77 1.08 -2.88 9.51
CA ALA A 77 0.97 -2.97 7.99
C ALA A 77 2.32 -3.48 7.30
N VAL A 78 3.57 -3.09 7.92
CA VAL A 78 5.05 -3.52 7.49
C VAL A 78 5.34 -5.07 7.89
N GLU A 79 4.85 -5.54 9.14
CA GLU A 79 4.92 -7.02 9.75
C GLU A 79 4.15 -8.15 8.92
N ALA A 80 3.17 -7.67 8.02
CA ALA A 80 2.46 -8.48 6.94
C ALA A 80 3.38 -8.64 5.60
N LEU A 81 4.34 -7.58 5.33
CA LEU A 81 5.35 -7.48 4.16
C LEU A 81 6.80 -8.07 4.43
N LYS A 82 7.25 -8.03 5.77
CA LYS A 82 8.57 -8.59 6.33
C LYS A 82 8.47 -10.10 6.85
N GLU A 83 7.25 -10.49 7.50
CA GLU A 83 6.97 -11.92 8.13
C GLU A 83 6.30 -13.06 7.26
N ALA A 84 5.64 -12.69 6.05
CA ALA A 84 4.88 -13.73 5.08
C ALA A 84 5.75 -15.02 4.57
N GLY A 85 7.15 -14.82 4.58
CA GLY A 85 8.18 -15.89 4.45
C GLY A 85 9.03 -15.96 3.20
N SER A 86 8.39 -15.61 1.97
CA SER A 86 8.97 -15.71 0.52
C SER A 86 8.05 -15.03 -0.56
N ILE A 87 6.64 -15.12 -0.35
CA ILE A 87 5.54 -14.63 -1.29
C ILE A 87 4.55 -13.72 -0.47
N VAL A 88 4.45 -12.43 -0.98
CA VAL A 88 3.68 -11.25 -0.42
C VAL A 88 2.59 -10.69 -1.45
N ARG A 89 1.28 -10.69 -0.98
CA ARG A 89 0.03 -10.22 -1.76
C ARG A 89 -0.55 -8.84 -1.15
N LEU A 90 -0.89 -7.91 -2.12
CA LEU A 90 -1.57 -6.55 -1.93
C LEU A 90 -2.92 -6.42 -2.77
N TYR A 91 -3.98 -5.80 -2.08
CA TYR A 91 -5.35 -5.47 -2.64
C TYR A 91 -5.62 -3.92 -2.59
N VAL A 92 -5.64 -3.34 -3.87
CA VAL A 92 -5.77 -1.80 -4.17
C VAL A 92 -7.25 -1.32 -4.75
N MET A 93 -7.53 0.07 -4.61
CA MET A 93 -8.88 0.83 -4.93
C MET A 93 -8.70 2.12 -5.87
N ARG A 94 -9.45 2.08 -7.08
CA ARG A 94 -9.55 3.20 -8.16
C ARG A 94 -11.03 3.33 -8.71
N ARG A 95 -11.53 4.65 -8.84
CA ARG A 95 -12.89 5.04 -9.44
C ARG A 95 -12.75 5.37 -11.02
N LYS A 96 -13.87 5.01 -11.82
CA LYS A 96 -13.95 5.07 -13.36
C LYS A 96 -13.93 6.60 -14.07
N PRO A 97 -12.78 7.02 -15.02
CA PRO A 97 -12.77 8.35 -15.82
C PRO A 97 -13.62 8.35 -17.27
N PRO A 98 -14.36 9.61 -17.78
CA PRO A 98 -15.04 9.70 -19.18
C PRO A 98 -14.03 9.80 -20.47
N ALA A 99 -14.29 8.85 -21.51
CA ALA A 99 -13.51 8.70 -22.81
C ALA A 99 -14.35 9.13 -24.09
N VAL B 1 4.73 14.57 5.96
CA VAL B 1 4.24 15.99 6.05
C VAL B 1 3.69 16.30 7.50
N VAL B 2 4.52 17.14 8.32
CA VAL B 2 4.28 17.64 9.83
C VAL B 2 4.15 16.50 11.01
N SER B 3 3.85 15.20 10.56
CA SER B 3 3.48 13.97 11.40
C SER B 3 4.60 12.80 11.49
N GLU B 4 5.02 12.16 10.25
CA GLU B 4 5.96 10.93 10.17
C GLU B 4 7.34 11.17 9.37
N ARG B 5 8.38 10.24 9.68
CA ARG B 5 9.79 10.08 9.03
C ARG B 5 9.75 9.47 7.51
N ILE B 6 8.75 8.44 7.30
CA ILE B 6 8.37 7.66 6.02
C ILE B 6 9.51 6.71 5.34
N SER B 7 10.00 5.69 6.20
CA SER B 7 10.97 4.57 5.85
C SER B 7 10.31 3.15 6.12
N SER B 8 9.45 2.74 5.08
CA SER B 8 8.57 1.47 5.04
C SER B 8 8.85 0.57 3.72
N VAL B 9 8.02 -0.60 3.53
CA VAL B 9 8.14 -1.61 2.38
C VAL B 9 6.85 -1.47 1.45
N GLY A 1 -28.17 4.14 -18.83
CA GLY A 1 -26.84 3.51 -18.62
C GLY A 1 -26.12 4.04 -17.39
N ALA A 2 -26.15 3.19 -16.25
CA ALA A 2 -25.51 3.47 -14.87
C ALA A 2 -24.19 2.64 -14.62
N MET A 3 -23.07 3.41 -14.18
CA MET A 3 -21.64 2.89 -13.89
C MET A 3 -21.25 2.93 -12.36
N GLU A 4 -20.61 1.75 -11.89
CA GLU A 4 -20.07 1.47 -10.47
C GLU A 4 -18.46 1.40 -10.43
N MET A 5 -17.84 1.13 -9.16
CA MET A 5 -16.34 1.15 -8.77
C MET A 5 -15.44 -0.02 -9.40
N GLU A 6 -14.05 0.25 -9.39
CA GLU A 6 -12.96 -0.64 -10.02
C GLU A 6 -11.75 -0.98 -9.07
N TYR A 7 -11.70 -2.33 -8.66
CA TYR A 7 -10.66 -2.96 -7.71
C TYR A 7 -9.67 -3.95 -8.43
N GLU A 8 -8.33 -3.95 -7.93
CA GLU A 8 -7.16 -4.81 -8.46
C GLU A 8 -6.45 -5.68 -7.35
N GLU A 9 -6.24 -7.04 -7.70
CA GLU A 9 -5.43 -8.05 -6.89
C GLU A 9 -4.05 -8.42 -7.60
N ILE A 10 -2.91 -7.92 -6.96
CA ILE A 10 -1.44 -8.08 -7.48
C ILE A 10 -0.55 -9.02 -6.45
N THR A 11 0.43 -9.84 -7.10
CA THR A 11 1.53 -10.71 -6.42
C THR A 11 2.99 -10.18 -6.64
N LEU A 12 3.74 -10.01 -5.44
CA LEU A 12 5.21 -9.61 -5.32
C LEU A 12 6.04 -10.59 -4.40
N GLU A 13 7.42 -10.74 -4.75
CA GLU A 13 8.47 -11.59 -4.01
C GLU A 13 9.40 -10.66 -3.09
N ARG A 14 9.48 -11.09 -1.73
CA ARG A 14 10.21 -10.38 -0.58
C ARG A 14 11.75 -10.79 -0.46
N GLY A 15 12.63 -9.69 -0.58
CA GLY A 15 14.16 -9.75 -0.34
C GLY A 15 15.10 -10.24 -1.51
N ASN A 16 14.65 -10.06 -2.85
CA ASN A 16 15.48 -10.35 -4.14
C ASN A 16 16.32 -9.09 -4.64
N SER A 17 15.67 -7.83 -4.56
CA SER A 17 16.27 -6.44 -4.82
C SER A 17 16.22 -5.46 -3.53
N GLY A 18 15.24 -5.77 -2.51
CA GLY A 18 15.00 -4.97 -1.26
C GLY A 18 13.62 -4.23 -1.24
N LEU A 19 12.68 -4.57 -2.32
CA LEU A 19 11.26 -4.03 -2.62
C LEU A 19 11.17 -2.46 -2.90
N GLY A 20 10.68 -2.13 -4.18
CA GLY A 20 10.73 -0.77 -4.83
C GLY A 20 9.49 0.13 -4.70
N PHE A 21 9.03 0.37 -3.36
CA PHE A 21 7.99 1.38 -2.87
C PHE A 21 8.21 1.63 -1.26
N SER A 22 7.44 2.67 -0.63
CA SER A 22 7.30 2.87 0.87
C SER A 22 5.80 3.21 1.21
N ILE A 23 5.28 2.65 2.43
CA ILE A 23 3.80 2.77 2.92
C ILE A 23 3.49 3.49 4.26
N ALA A 24 2.53 4.54 4.12
CA ALA A 24 2.06 5.46 5.21
C ALA A 24 0.63 5.04 5.72
N GLY A 25 0.60 4.65 7.05
CA GLY A 25 -0.62 4.14 7.80
C GLY A 25 -0.64 4.54 9.28
N GLY A 26 -1.89 4.38 9.94
CA GLY A 26 -2.05 4.82 11.36
C GLY A 26 -3.42 4.71 12.02
N THR A 27 -3.38 4.16 13.31
CA THR A 27 -4.48 4.31 14.38
C THR A 27 -4.06 5.25 15.59
N ASP A 28 -2.71 5.14 16.04
CA ASP A 28 -2.08 5.96 17.20
C ASP A 28 -1.11 7.13 16.69
N ASN A 29 -0.31 6.83 15.53
CA ASN A 29 0.72 7.74 14.88
C ASN A 29 0.10 8.46 13.51
N PRO A 30 0.07 9.99 13.35
CA PRO A 30 -0.42 10.72 12.06
C PRO A 30 0.50 10.59 10.72
N HIS A 31 -0.21 10.69 9.51
CA HIS A 31 0.36 10.81 8.10
C HIS A 31 0.03 12.24 7.43
N ILE A 32 -1.25 12.81 7.70
CA ILE A 32 -1.88 14.05 7.00
C ILE A 32 -2.41 15.20 7.98
N GLY A 33 -3.30 14.75 8.93
CA GLY A 33 -3.99 15.53 10.01
C GLY A 33 -4.73 14.63 11.00
N ASP A 34 -4.08 13.36 11.28
CA ASP A 34 -4.51 12.14 12.18
C ASP A 34 -5.48 11.18 11.34
N ASP A 35 -4.78 10.44 10.37
CA ASP A 35 -5.33 9.46 9.30
C ASP A 35 -6.23 8.14 9.84
N PRO A 36 -7.56 7.74 9.18
CA PRO A 36 -8.27 6.39 9.48
C PRO A 36 -7.73 5.07 8.63
N SER A 37 -7.55 5.23 7.21
CA SER A 37 -7.08 4.17 6.18
C SER A 37 -5.50 4.29 5.77
N ILE A 38 -4.90 3.14 5.14
CA ILE A 38 -3.43 3.03 4.66
C ILE A 38 -3.32 3.48 3.09
N PHE A 39 -2.34 4.48 2.83
CA PHE A 39 -2.09 5.21 1.49
C PHE A 39 -0.55 5.10 1.03
N ILE A 40 -0.33 5.21 -0.40
CA ILE A 40 1.04 5.32 -1.08
C ILE A 40 1.44 6.88 -1.23
N THR A 41 2.78 7.11 -1.02
CA THR A 41 3.50 8.49 -0.99
C THR A 41 4.97 8.45 -1.58
N LYS A 42 5.70 7.19 -1.51
CA LYS A 42 7.11 7.01 -2.07
C LYS A 42 7.17 5.77 -3.06
N ILE A 43 7.73 6.08 -4.31
CA ILE A 43 8.03 5.12 -5.44
C ILE A 43 9.59 5.25 -5.83
N ILE A 44 10.29 4.02 -5.90
CA ILE A 44 11.74 3.85 -6.40
C ILE A 44 11.79 3.75 -8.08
N PRO A 45 12.77 4.63 -8.88
CA PRO A 45 12.90 4.61 -10.44
C PRO A 45 13.42 3.21 -11.13
N GLY A 46 14.19 2.34 -10.30
CA GLY A 46 14.72 1.00 -10.72
C GLY A 46 14.44 -0.18 -9.73
N GLY A 47 13.11 -0.26 -9.19
CA GLY A 47 12.58 -1.39 -8.31
C GLY A 47 11.71 -2.47 -9.06
N ALA A 48 11.18 -3.48 -8.22
CA ALA A 48 10.34 -4.69 -8.62
C ALA A 48 8.77 -4.41 -8.85
N ALA A 49 8.14 -3.43 -7.99
CA ALA A 49 6.65 -2.98 -8.04
C ALA A 49 6.28 -1.87 -9.16
N ALA A 50 7.36 -1.01 -9.57
CA ALA A 50 7.30 0.09 -10.64
C ALA A 50 7.52 -0.46 -12.14
N GLN A 51 8.56 -1.45 -12.34
CA GLN A 51 8.94 -2.14 -13.65
C GLN A 51 8.17 -3.54 -13.93
N ASP A 52 8.27 -4.59 -12.94
CA ASP A 52 7.75 -6.04 -13.08
C ASP A 52 6.25 -6.34 -12.58
N GLY A 53 5.75 -5.61 -11.45
CA GLY A 53 4.40 -5.85 -10.75
C GLY A 53 3.14 -5.15 -11.35
N ARG A 54 3.26 -3.74 -11.59
CA ARG A 54 2.21 -2.70 -12.13
C ARG A 54 1.31 -1.97 -11.04
N LEU A 55 2.08 -1.33 -10.03
CA LEU A 55 1.61 -0.40 -8.97
C LEU A 55 2.15 1.09 -9.22
N ARG A 56 1.15 2.05 -9.13
CA ARG A 56 1.32 3.56 -9.11
C ARG A 56 0.94 4.14 -7.67
N VAL A 57 1.55 5.37 -7.32
CA VAL A 57 1.39 6.21 -6.02
C VAL A 57 -0.16 6.66 -5.65
N ASN A 58 -0.97 6.79 -6.76
CA ASN A 58 -2.40 7.13 -6.84
C ASN A 58 -3.39 5.77 -6.83
N ASP A 59 -2.77 4.45 -6.54
CA ASP A 59 -3.56 3.10 -6.51
C ASP A 59 -4.22 2.72 -5.11
N SER A 60 -3.53 3.17 -3.89
CA SER A 60 -3.97 3.02 -2.36
C SER A 60 -4.54 1.57 -1.93
N ILE A 61 -3.87 0.94 -0.87
CA ILE A 61 -4.19 -0.49 -0.33
C ILE A 61 -5.39 -0.43 0.76
N LEU A 62 -6.45 -1.37 0.54
CA LEU A 62 -7.54 -1.70 1.54
C LEU A 62 -7.22 -2.97 2.39
N PHE A 63 -6.72 -4.11 1.64
CA PHE A 63 -6.40 -5.48 2.25
C PHE A 63 -5.05 -6.06 1.81
N VAL A 64 -4.25 -6.63 2.82
CA VAL A 64 -2.94 -7.38 2.58
C VAL A 64 -2.97 -8.83 3.05
N ASN A 65 -2.30 -9.79 2.23
CA ASN A 65 -2.22 -11.34 2.41
C ASN A 65 -3.65 -12.05 2.00
N GLU A 66 -4.62 -12.00 3.02
CA GLU A 66 -6.12 -12.33 3.06
C GLU A 66 -6.77 -11.48 4.31
N VAL A 67 -5.88 -10.51 4.92
CA VAL A 67 -6.04 -9.78 6.21
C VAL A 67 -6.47 -8.28 6.09
N ASP A 68 -7.16 -7.85 7.26
CA ASP A 68 -7.79 -6.54 7.50
C ASP A 68 -6.76 -5.50 8.15
N VAL A 69 -6.44 -4.51 7.26
CA VAL A 69 -5.54 -3.29 7.56
C VAL A 69 -6.28 -1.89 7.80
N ARG A 70 -7.64 -1.82 7.39
CA ARG A 70 -8.60 -0.56 7.50
C ARG A 70 -8.73 0.22 8.96
N GLU A 71 -8.31 -0.53 10.10
CA GLU A 71 -8.24 -0.07 11.56
C GLU A 71 -6.98 -0.84 12.26
N VAL A 72 -5.72 -0.36 11.85
CA VAL A 72 -4.32 -0.84 12.34
C VAL A 72 -3.31 0.41 12.48
N THR A 73 -2.16 0.17 13.26
CA THR A 73 -0.87 1.08 13.34
C THR A 73 0.10 0.85 12.06
N HIS A 74 1.13 1.83 11.80
CA HIS A 74 2.22 1.74 10.64
C HIS A 74 3.11 0.38 10.66
N SER A 75 3.68 0.08 11.93
CA SER A 75 4.51 -1.21 12.31
C SER A 75 3.69 -2.58 12.09
N ALA A 76 2.27 -2.53 12.37
CA ALA A 76 1.20 -3.61 12.14
C ALA A 76 0.83 -3.87 10.59
N ALA A 77 1.11 -2.78 9.65
CA ALA A 77 0.95 -2.83 8.13
C ALA A 77 2.29 -3.31 7.36
N VAL A 78 3.55 -3.01 8.02
CA VAL A 78 5.01 -3.49 7.59
C VAL A 78 5.21 -5.08 7.99
N GLU A 79 4.71 -5.52 9.27
CA GLU A 79 4.73 -6.98 9.90
C GLU A 79 3.90 -8.09 9.10
N ALA A 80 2.86 -7.60 8.25
CA ALA A 80 2.08 -8.38 7.20
C ALA A 80 2.98 -8.67 5.88
N LEU A 81 4.00 -7.68 5.60
CA LEU A 81 4.99 -7.68 4.44
C LEU A 81 6.39 -8.37 4.73
N LYS A 82 6.90 -8.22 6.05
CA LYS A 82 8.22 -8.77 6.63
C LYS A 82 8.10 -10.29 7.13
N GLU A 83 6.84 -10.68 7.74
CA GLU A 83 6.53 -12.11 8.35
C GLU A 83 5.97 -13.25 7.42
N ALA A 84 5.37 -12.87 6.17
CA ALA A 84 4.80 -13.89 5.10
C ALA A 84 5.87 -14.96 4.51
N GLY A 85 7.22 -14.55 4.60
CA GLY A 85 8.44 -15.41 4.44
C GLY A 85 9.30 -15.30 3.18
N SER A 86 8.62 -15.03 1.96
CA SER A 86 9.21 -14.98 0.51
C SER A 86 8.14 -14.44 -0.53
N ILE A 87 6.76 -14.71 -0.26
CA ILE A 87 5.58 -14.31 -1.15
C ILE A 87 4.55 -13.45 -0.31
N VAL A 88 4.31 -12.22 -0.89
CA VAL A 88 3.35 -11.12 -0.40
C VAL A 88 2.29 -10.69 -1.51
N ARG A 89 0.93 -10.83 -1.13
CA ARG A 89 -0.31 -10.53 -2.02
C ARG A 89 -1.21 -9.33 -1.53
N LEU A 90 -1.08 -8.17 -2.30
CA LEU A 90 -1.74 -6.80 -2.07
C LEU A 90 -3.06 -6.58 -2.92
N TYR A 91 -4.11 -5.96 -2.19
CA TYR A 91 -5.45 -5.57 -2.71
C TYR A 91 -5.67 -4.01 -2.64
N VAL A 92 -5.68 -3.42 -3.91
CA VAL A 92 -5.80 -1.87 -4.20
C VAL A 92 -7.28 -1.39 -4.78
N MET A 93 -7.54 0.01 -4.61
CA MET A 93 -8.86 0.78 -4.95
C MET A 93 -8.66 2.05 -5.89
N ARG A 94 -9.37 1.99 -7.12
CA ARG A 94 -9.44 3.07 -8.21
C ARG A 94 -10.98 3.50 -8.37
N ARG A 95 -11.21 4.88 -8.27
CA ARG A 95 -12.59 5.59 -8.32
C ARG A 95 -13.17 5.89 -9.76
N LYS A 96 -14.56 5.60 -9.90
CA LYS A 96 -15.46 5.77 -11.15
C LYS A 96 -15.66 7.33 -11.72
N PRO A 97 -15.26 7.72 -13.17
CA PRO A 97 -15.55 9.11 -13.79
C PRO A 97 -17.14 9.38 -14.26
N PRO A 98 -17.81 10.78 -14.12
CA PRO A 98 -19.27 11.10 -14.59
C PRO A 98 -19.52 11.10 -16.20
N ALA A 99 -20.68 10.36 -16.62
CA ALA A 99 -21.16 10.18 -18.06
C ALA A 99 -22.55 10.91 -18.33
N VAL B 1 -0.11 19.54 6.08
CA VAL B 1 0.50 18.31 6.69
C VAL B 1 1.25 18.65 8.07
N VAL B 2 0.89 17.79 9.12
CA VAL B 2 1.34 17.89 10.58
C VAL B 2 2.56 16.90 10.98
N SER B 3 2.49 15.53 10.51
CA SER B 3 3.44 14.39 10.96
C SER B 3 3.66 13.32 9.86
N GLU B 4 5.01 13.09 9.44
CA GLU B 4 5.46 11.99 8.47
C GLU B 4 6.92 11.48 8.73
N ARG B 5 6.97 10.09 8.96
CA ARG B 5 8.19 9.22 8.99
C ARG B 5 7.94 8.10 7.85
N ILE B 6 8.27 8.51 6.52
CA ILE B 6 8.09 7.66 5.24
C ILE B 6 9.45 6.91 4.80
N SER B 7 9.77 5.92 5.70
CA SER B 7 11.00 4.95 5.68
C SER B 7 10.60 3.35 5.60
N SER B 8 9.29 3.06 5.12
CA SER B 8 8.60 1.67 5.07
C SER B 8 8.96 0.77 3.74
N VAL B 9 8.17 -0.42 3.51
CA VAL B 9 8.42 -1.50 2.41
C VAL B 9 7.21 -1.47 1.36
N GLY A 1 -30.02 1.24 -5.40
CA GLY A 1 -28.78 2.07 -5.48
C GLY A 1 -27.86 1.67 -6.61
N ALA A 2 -27.81 2.58 -7.72
CA ALA A 2 -26.98 2.41 -9.00
C ALA A 2 -25.67 3.31 -9.04
N MET A 3 -24.56 2.70 -9.72
CA MET A 3 -23.13 3.24 -9.96
C MET A 3 -22.13 3.23 -8.78
N GLU A 4 -21.16 2.27 -8.95
CA GLU A 4 -20.03 1.84 -8.00
C GLU A 4 -18.55 2.02 -8.58
N MET A 5 -17.51 2.09 -7.59
CA MET A 5 -15.99 2.20 -7.85
C MET A 5 -15.27 0.79 -8.27
N GLU A 6 -13.98 0.90 -8.86
CA GLU A 6 -13.19 -0.25 -9.54
C GLU A 6 -11.90 -0.65 -8.74
N TYR A 7 -11.85 -1.99 -8.33
CA TYR A 7 -10.75 -2.66 -7.47
C TYR A 7 -9.79 -3.61 -8.29
N GLU A 8 -8.42 -3.60 -7.87
CA GLU A 8 -7.30 -4.42 -8.52
C GLU A 8 -6.48 -5.26 -7.43
N GLU A 9 -6.27 -6.63 -7.79
CA GLU A 9 -5.47 -7.65 -6.99
C GLU A 9 -4.06 -7.99 -7.67
N ILE A 10 -2.91 -7.57 -6.94
CA ILE A 10 -1.45 -7.78 -7.40
C ILE A 10 -0.72 -8.83 -6.41
N THR A 11 0.12 -9.78 -7.05
CA THR A 11 1.00 -10.80 -6.34
C THR A 11 2.53 -10.54 -6.75
N LEU A 12 3.36 -10.27 -5.64
CA LEU A 12 4.85 -10.01 -5.65
C LEU A 12 5.67 -11.14 -4.93
N GLU A 13 6.92 -11.48 -5.56
CA GLU A 13 8.03 -12.28 -4.98
C GLU A 13 9.04 -11.22 -4.25
N ARG A 14 9.37 -11.54 -2.93
CA ARG A 14 10.19 -10.71 -1.93
C ARG A 14 11.70 -10.46 -2.29
N GLY A 15 11.99 -9.09 -2.51
CA GLY A 15 13.38 -8.52 -2.87
C GLY A 15 14.35 -8.27 -1.66
N ASN A 16 15.72 -8.19 -2.01
CA ASN A 16 16.92 -7.96 -1.04
C ASN A 16 17.11 -6.45 -0.54
N SER A 17 16.53 -5.42 -1.36
CA SER A 17 16.54 -3.91 -1.08
C SER A 17 15.23 -3.36 -0.32
N GLY A 18 14.00 -4.15 -0.39
CA GLY A 18 12.71 -3.78 0.30
C GLY A 18 11.63 -3.42 -0.73
N LEU A 19 11.55 -4.36 -1.82
CA LEU A 19 10.66 -4.38 -3.07
C LEU A 19 10.97 -3.29 -4.14
N GLY A 20 10.41 -2.04 -3.95
CA GLY A 20 10.62 -0.86 -4.85
C GLY A 20 9.58 0.24 -4.66
N PHE A 21 9.08 0.44 -3.31
CA PHE A 21 8.06 1.45 -2.83
C PHE A 21 8.22 1.67 -1.23
N SER A 22 7.51 2.78 -0.62
CA SER A 22 7.35 3.00 0.88
C SER A 22 5.86 3.41 1.23
N ILE A 23 5.32 2.85 2.43
CA ILE A 23 3.83 2.98 2.91
C ILE A 23 3.53 3.73 4.24
N ALA A 24 2.57 4.79 4.10
CA ALA A 24 2.06 5.68 5.20
C ALA A 24 0.62 5.23 5.69
N GLY A 25 0.57 4.83 7.01
CA GLY A 25 -0.66 4.25 7.72
C GLY A 25 -0.63 4.46 9.23
N GLY A 26 -1.89 4.40 9.87
CA GLY A 26 -2.02 4.74 11.35
C GLY A 26 -3.39 4.75 12.00
N THR A 27 -3.40 4.20 13.30
CA THR A 27 -4.50 4.40 14.37
C THR A 27 -4.12 5.50 15.45
N ASP A 28 -2.75 5.50 15.92
CA ASP A 28 -2.15 6.55 16.86
C ASP A 28 -1.14 7.61 16.17
N ASN A 29 -0.42 7.14 15.02
CA ASN A 29 0.57 7.94 14.18
C ASN A 29 -0.10 8.52 12.78
N PRO A 30 -0.54 9.99 12.66
CA PRO A 30 -1.18 10.61 11.37
C PRO A 30 -0.17 10.97 10.13
N HIS A 31 -0.83 11.10 8.87
CA HIS A 31 -0.21 11.57 7.58
C HIS A 31 -0.79 13.02 7.14
N ILE A 32 -2.22 13.15 7.04
CA ILE A 32 -2.95 14.31 6.44
C ILE A 32 -3.84 15.21 7.49
N GLY A 33 -4.37 14.52 8.59
CA GLY A 33 -5.20 15.13 9.71
C GLY A 33 -6.13 14.16 10.42
N ASP A 34 -5.50 13.06 11.11
CA ASP A 34 -6.13 11.88 11.95
C ASP A 34 -7.13 10.94 11.12
N ASP A 35 -6.46 10.20 10.12
CA ASP A 35 -7.09 9.25 9.12
C ASP A 35 -6.77 7.66 9.38
N PRO A 36 -7.92 6.62 9.43
CA PRO A 36 -7.71 5.08 9.68
C PRO A 36 -7.05 4.18 8.47
N SER A 37 -7.19 4.67 7.12
CA SER A 37 -6.72 3.96 5.82
C SER A 37 -5.16 4.12 5.47
N ILE A 38 -4.52 2.96 4.89
CA ILE A 38 -3.02 2.84 4.53
C ILE A 38 -2.80 3.21 2.96
N PHE A 39 -2.15 4.45 2.76
CA PHE A 39 -1.95 5.22 1.45
C PHE A 39 -0.39 5.31 1.05
N ILE A 40 -0.14 5.36 -0.37
CA ILE A 40 1.25 5.45 -1.05
C ILE A 40 1.71 6.99 -1.16
N THR A 41 3.07 7.15 -0.95
CA THR A 41 3.84 8.46 -0.78
C THR A 41 5.23 8.39 -1.58
N LYS A 42 5.98 7.14 -1.55
CA LYS A 42 7.34 6.96 -2.18
C LYS A 42 7.35 5.73 -3.18
N ILE A 43 7.90 6.04 -4.44
CA ILE A 43 8.17 5.06 -5.56
C ILE A 43 9.73 5.17 -5.97
N ILE A 44 10.42 3.93 -5.99
CA ILE A 44 11.87 3.71 -6.47
C ILE A 44 11.94 3.55 -8.13
N PRO A 45 12.95 4.37 -8.96
CA PRO A 45 13.11 4.27 -10.52
C PRO A 45 13.61 2.85 -11.15
N GLY A 46 14.34 1.99 -10.28
CA GLY A 46 14.86 0.62 -10.64
C GLY A 46 14.50 -0.52 -9.64
N GLY A 47 13.19 -0.51 -9.05
CA GLY A 47 12.62 -1.58 -8.13
C GLY A 47 11.78 -2.72 -8.82
N ALA A 48 11.23 -3.66 -7.92
CA ALA A 48 10.40 -4.92 -8.21
C ALA A 48 8.84 -4.66 -8.52
N ALA A 49 8.16 -3.65 -7.73
CA ALA A 49 6.69 -3.18 -7.90
C ALA A 49 6.40 -2.11 -9.06
N ALA A 50 7.52 -1.27 -9.44
CA ALA A 50 7.53 -0.20 -10.54
C ALA A 50 7.78 -0.79 -12.02
N GLN A 51 8.78 -1.83 -12.15
CA GLN A 51 9.18 -2.59 -13.43
C GLN A 51 8.35 -3.95 -13.69
N ASP A 52 8.36 -4.97 -12.65
CA ASP A 52 7.76 -6.39 -12.76
C ASP A 52 6.23 -6.59 -12.29
N GLY A 53 5.75 -5.78 -11.20
CA GLY A 53 4.37 -5.93 -10.50
C GLY A 53 3.15 -5.18 -11.13
N ARG A 54 3.36 -3.80 -11.46
CA ARG A 54 2.37 -2.73 -12.07
C ARG A 54 1.51 -1.89 -11.03
N LEU A 55 2.29 -1.25 -10.03
CA LEU A 55 1.84 -0.27 -9.01
C LEU A 55 2.40 1.20 -9.26
N ARG A 56 1.42 2.18 -9.18
CA ARG A 56 1.58 3.70 -9.14
C ARG A 56 1.17 4.26 -7.70
N VAL A 57 1.78 5.47 -7.30
CA VAL A 57 1.60 6.25 -5.96
C VAL A 57 0.04 6.69 -5.58
N ASN A 58 -0.77 6.82 -6.68
CA ASN A 58 -2.21 7.16 -6.74
C ASN A 58 -3.19 5.81 -6.72
N ASP A 59 -2.57 4.50 -6.45
CA ASP A 59 -3.36 3.14 -6.38
C ASP A 59 -4.05 2.80 -4.99
N SER A 60 -3.37 3.25 -3.77
CA SER A 60 -3.82 3.13 -2.24
C SER A 60 -4.39 1.68 -1.79
N ILE A 61 -3.71 1.05 -0.72
CA ILE A 61 -4.02 -0.38 -0.17
C ILE A 61 -5.22 -0.32 0.93
N LEU A 62 -6.26 -1.27 0.71
CA LEU A 62 -7.35 -1.63 1.72
C LEU A 62 -7.01 -2.91 2.54
N PHE A 63 -6.51 -4.04 1.77
CA PHE A 63 -6.19 -5.42 2.34
C PHE A 63 -4.81 -5.96 1.89
N VAL A 64 -4.00 -6.53 2.89
CA VAL A 64 -2.65 -7.25 2.64
C VAL A 64 -2.70 -8.69 3.12
N ASN A 65 -2.18 -9.68 2.25
CA ASN A 65 -2.15 -11.28 2.44
C ASN A 65 -3.59 -12.02 2.19
N GLU A 66 -4.71 -11.14 2.07
CA GLU A 66 -6.26 -11.37 2.25
C GLU A 66 -6.76 -10.97 3.75
N VAL A 67 -5.76 -10.31 4.61
CA VAL A 67 -5.95 -9.80 6.02
C VAL A 67 -6.29 -8.26 6.09
N ASP A 68 -7.03 -7.93 7.26
CA ASP A 68 -7.65 -6.62 7.57
C ASP A 68 -6.70 -5.54 8.22
N VAL A 69 -6.28 -4.59 7.31
CA VAL A 69 -5.42 -3.34 7.64
C VAL A 69 -6.23 -1.96 7.79
N ARG A 70 -7.62 -2.02 7.50
CA ARG A 70 -8.70 -0.88 7.57
C ARG A 70 -8.72 0.09 8.91
N GLU A 71 -8.23 -0.53 10.11
CA GLU A 71 -8.07 0.06 11.49
C GLU A 71 -6.87 -0.70 12.23
N VAL A 72 -5.58 -0.23 11.86
CA VAL A 72 -4.21 -0.71 12.41
C VAL A 72 -3.19 0.52 12.54
N THR A 73 -2.07 0.31 13.38
CA THR A 73 -0.79 1.21 13.47
C THR A 73 0.22 0.97 12.23
N HIS A 74 1.25 1.96 12.00
CA HIS A 74 2.40 1.89 10.88
C HIS A 74 3.24 0.49 10.88
N SER A 75 3.80 0.14 12.16
CA SER A 75 4.61 -1.16 12.50
C SER A 75 3.76 -2.52 12.27
N ALA A 76 2.35 -2.44 12.60
CA ALA A 76 1.26 -3.49 12.39
C ALA A 76 0.86 -3.75 10.84
N ALA A 77 1.16 -2.65 9.91
CA ALA A 77 0.98 -2.67 8.40
C ALA A 77 2.28 -3.19 7.62
N VAL A 78 3.57 -2.84 8.20
CA VAL A 78 5.01 -3.28 7.69
C VAL A 78 5.29 -4.85 8.02
N GLU A 79 4.88 -5.33 9.30
CA GLU A 79 4.96 -6.77 9.89
C GLU A 79 4.23 -7.86 9.06
N ALA A 80 3.06 -7.45 8.30
CA ALA A 80 2.29 -8.26 7.27
C ALA A 80 3.13 -8.53 5.90
N LEU A 81 4.11 -7.52 5.55
CA LEU A 81 5.05 -7.53 4.33
C LEU A 81 6.46 -8.18 4.60
N LYS A 82 6.93 -8.08 5.94
CA LYS A 82 8.18 -8.72 6.54
C LYS A 82 7.97 -10.23 7.05
N GLU A 83 6.63 -10.61 7.49
CA GLU A 83 6.22 -12.06 7.98
C GLU A 83 6.06 -13.23 6.92
N ALA A 84 5.35 -12.91 5.70
CA ALA A 84 4.93 -13.92 4.60
C ALA A 84 6.09 -14.86 3.97
N GLY A 85 7.40 -14.34 4.14
CA GLY A 85 8.71 -15.04 3.94
C GLY A 85 9.41 -14.99 2.59
N SER A 86 8.56 -14.97 1.45
CA SER A 86 9.00 -15.13 -0.03
C SER A 86 7.93 -14.63 -1.06
N ILE A 87 6.56 -14.78 -0.69
CA ILE A 87 5.34 -14.47 -1.55
C ILE A 87 4.33 -13.57 -0.71
N VAL A 88 4.27 -12.25 -1.17
CA VAL A 88 3.39 -11.14 -0.60
C VAL A 88 2.27 -10.66 -1.63
N ARG A 89 0.95 -10.83 -1.20
CA ARG A 89 -0.33 -10.52 -2.03
C ARG A 89 -1.21 -9.28 -1.51
N LEU A 90 -1.00 -8.09 -2.23
CA LEU A 90 -1.65 -6.73 -1.98
C LEU A 90 -2.97 -6.47 -2.82
N TYR A 91 -3.99 -5.83 -2.10
CA TYR A 91 -5.35 -5.42 -2.63
C TYR A 91 -5.56 -3.88 -2.52
N VAL A 92 -5.61 -3.26 -3.79
CA VAL A 92 -5.70 -1.74 -4.08
C VAL A 92 -7.18 -1.20 -4.62
N MET A 93 -7.40 0.18 -4.42
CA MET A 93 -8.70 1.00 -4.71
C MET A 93 -8.50 2.25 -5.69
N ARG A 94 -9.21 2.15 -6.90
CA ARG A 94 -9.32 3.17 -8.02
C ARG A 94 -10.83 3.65 -8.21
N ARG A 95 -10.98 4.91 -8.78
CA ARG A 95 -12.31 5.61 -9.13
C ARG A 95 -12.87 5.29 -10.58
N LYS A 96 -14.28 5.17 -10.66
CA LYS A 96 -15.21 4.82 -11.88
C LYS A 96 -14.90 5.62 -13.32
N PRO A 97 -14.94 4.89 -14.70
CA PRO A 97 -14.48 5.48 -16.07
C PRO A 97 -14.85 7.08 -16.46
N PRO A 98 -13.73 8.12 -16.68
CA PRO A 98 -13.98 9.59 -17.14
C PRO A 98 -14.38 9.83 -18.71
N ALA A 99 -13.83 8.89 -19.67
CA ALA A 99 -14.04 8.91 -21.18
C ALA A 99 -15.03 7.77 -21.68
N VAL B 1 1.94 16.64 5.37
CA VAL B 1 1.73 17.98 6.04
C VAL B 1 2.04 17.93 7.63
N VAL B 2 1.24 17.05 8.37
CA VAL B 2 1.39 16.69 9.89
C VAL B 2 2.01 15.18 10.10
N SER B 3 2.68 14.64 8.94
CA SER B 3 3.22 13.28 8.70
C SER B 3 4.58 12.90 9.50
N GLU B 4 4.71 11.54 9.60
CA GLU B 4 5.81 10.57 10.07
C GLU B 4 7.32 10.77 9.38
N ARG B 5 8.31 9.78 9.72
CA ARG B 5 9.74 9.65 9.13
C ARG B 5 9.80 9.12 7.58
N ILE B 6 8.79 8.14 7.20
CA ILE B 6 8.51 7.48 5.81
C ILE B 6 9.78 6.75 5.07
N SER B 7 10.24 5.61 5.76
CA SER B 7 11.38 4.64 5.36
C SER B 7 10.85 3.08 5.29
N SER B 8 9.45 2.92 5.04
CA SER B 8 8.61 1.62 5.04
C SER B 8 8.78 0.68 3.70
N VAL B 9 7.93 -0.49 3.59
CA VAL B 9 7.97 -1.53 2.46
C VAL B 9 6.66 -1.34 1.53
N GLY A 1 -27.50 10.32 -11.75
CA GLY A 1 -28.15 9.63 -10.60
C GLY A 1 -27.15 9.02 -9.63
N ALA A 2 -26.90 7.63 -9.78
CA ALA A 2 -25.94 6.78 -8.94
C ALA A 2 -24.67 6.29 -9.77
N MET A 3 -23.42 6.52 -9.12
CA MET A 3 -22.04 6.10 -9.66
C MET A 3 -21.30 5.02 -8.81
N GLU A 4 -20.60 4.07 -9.58
CA GLU A 4 -19.80 2.86 -9.08
C GLU A 4 -18.21 2.93 -9.31
N MET A 5 -17.45 2.11 -8.46
CA MET A 5 -15.93 1.90 -8.41
C MET A 5 -15.44 0.46 -8.99
N GLU A 6 -14.07 0.37 -9.32
CA GLU A 6 -13.32 -0.84 -9.89
C GLU A 6 -12.01 -1.20 -9.06
N TYR A 7 -11.98 -2.50 -8.51
CA TYR A 7 -10.87 -3.07 -7.61
C TYR A 7 -9.89 -4.04 -8.37
N GLU A 8 -8.52 -3.96 -7.97
CA GLU A 8 -7.37 -4.78 -8.61
C GLU A 8 -6.54 -5.56 -7.50
N GLU A 9 -6.29 -6.93 -7.80
CA GLU A 9 -5.47 -7.91 -6.98
C GLU A 9 -4.05 -8.22 -7.64
N ILE A 10 -2.93 -7.77 -6.89
CA ILE A 10 -1.45 -7.95 -7.34
C ILE A 10 -0.71 -8.97 -6.33
N THR A 11 0.16 -9.90 -6.95
CA THR A 11 1.04 -10.92 -6.22
C THR A 11 2.58 -10.62 -6.57
N LEU A 12 3.36 -10.32 -5.44
CA LEU A 12 4.86 -10.00 -5.41
C LEU A 12 5.67 -11.08 -4.59
N GLU A 13 6.98 -11.33 -5.09
CA GLU A 13 8.07 -12.12 -4.35
C GLU A 13 9.15 -11.11 -3.75
N ARG A 14 9.36 -11.21 -2.35
CA ARG A 14 10.15 -10.29 -1.38
C ARG A 14 11.66 -9.98 -1.85
N GLY A 15 11.86 -8.62 -2.25
CA GLY A 15 13.17 -8.03 -2.82
C GLY A 15 14.40 -7.90 -1.84
N ASN A 16 15.67 -7.84 -2.49
CA ASN A 16 17.08 -7.70 -1.81
C ASN A 16 17.39 -6.29 -1.09
N SER A 17 16.77 -5.15 -1.68
CA SER A 17 16.74 -3.71 -1.15
C SER A 17 15.41 -3.36 -0.29
N GLY A 18 14.25 -4.20 -0.49
CA GLY A 18 12.93 -4.07 0.22
C GLY A 18 11.82 -3.64 -0.73
N LEU A 19 11.57 -4.56 -1.83
CA LEU A 19 10.66 -4.40 -3.06
C LEU A 19 11.05 -3.25 -4.08
N GLY A 20 10.50 -1.99 -3.86
CA GLY A 20 10.72 -0.78 -4.72
C GLY A 20 9.59 0.26 -4.64
N PHE A 21 9.02 0.46 -3.34
CA PHE A 21 7.93 1.44 -2.92
C PHE A 21 8.06 1.71 -1.32
N SER A 22 7.33 2.82 -0.77
CA SER A 22 7.15 3.09 0.73
C SER A 22 5.63 3.42 1.06
N ILE A 23 5.12 2.95 2.33
CA ILE A 23 3.62 3.09 2.80
C ILE A 23 3.29 3.85 4.12
N ALA A 24 2.31 4.88 3.96
CA ALA A 24 1.84 5.81 5.06
C ALA A 24 0.40 5.42 5.58
N GLY A 25 0.37 5.05 6.93
CA GLY A 25 -0.85 4.54 7.66
C GLY A 25 -0.62 4.36 9.17
N GLY A 26 -1.80 4.36 9.94
CA GLY A 26 -1.78 4.37 11.46
C GLY A 26 -3.13 4.48 12.18
N THR A 27 -3.13 3.93 13.48
CA THR A 27 -4.23 4.14 14.57
C THR A 27 -3.75 5.11 15.74
N ASP A 28 -2.44 4.88 16.25
CA ASP A 28 -1.72 5.73 17.32
C ASP A 28 -0.63 6.73 16.70
N ASN A 29 0.07 6.29 15.51
CA ASN A 29 1.12 7.06 14.71
C ASN A 29 0.48 7.76 13.36
N PRO A 30 0.21 9.28 13.31
CA PRO A 30 -0.45 10.00 12.10
C PRO A 30 0.45 10.26 10.76
N HIS A 31 -0.33 10.45 9.58
CA HIS A 31 0.15 10.85 8.19
C HIS A 31 -0.23 12.40 7.88
N ILE A 32 -1.61 12.76 7.97
CA ILE A 32 -2.27 14.06 7.57
C ILE A 32 -2.53 15.08 8.85
N GLY A 33 -2.79 14.42 10.04
CA GLY A 33 -3.22 15.06 11.35
C GLY A 33 -3.64 14.03 12.42
N ASP A 34 -4.76 13.22 12.07
CA ASP A 34 -5.42 12.05 12.86
C ASP A 34 -6.43 11.28 11.83
N ASP A 35 -5.78 10.37 10.97
CA ASP A 35 -6.44 9.46 9.92
C ASP A 35 -6.72 7.89 10.36
N PRO A 36 -8.05 7.18 9.96
CA PRO A 36 -8.30 5.65 10.18
C PRO A 36 -7.65 4.60 9.07
N SER A 37 -7.59 5.06 7.70
CA SER A 37 -7.14 4.24 6.46
C SER A 37 -5.61 4.46 6.00
N ILE A 38 -5.00 3.36 5.28
CA ILE A 38 -3.55 3.31 4.75
C ILE A 38 -3.52 3.73 3.15
N PHE A 39 -2.52 4.67 2.77
CA PHE A 39 -2.29 5.28 1.37
C PHE A 39 -0.76 5.15 0.89
N ILE A 40 -0.55 5.21 -0.55
CA ILE A 40 0.82 5.35 -1.26
C ILE A 40 1.17 6.91 -1.44
N THR A 41 2.51 7.19 -1.32
CA THR A 41 3.21 8.59 -1.41
C THR A 41 4.66 8.53 -2.01
N LYS A 42 5.43 7.27 -1.88
CA LYS A 42 6.83 7.10 -2.42
C LYS A 42 6.94 5.82 -3.36
N ILE A 43 7.48 6.08 -4.64
CA ILE A 43 7.83 5.06 -5.72
C ILE A 43 9.40 5.24 -6.10
N ILE A 44 10.15 4.04 -6.10
CA ILE A 44 11.62 3.88 -6.56
C ILE A 44 11.71 3.68 -8.22
N PRO A 45 12.70 4.49 -9.07
CA PRO A 45 12.86 4.34 -10.62
C PRO A 45 13.41 2.92 -11.21
N GLY A 46 14.15 2.11 -10.30
CA GLY A 46 14.71 0.75 -10.62
C GLY A 46 14.39 -0.39 -9.59
N GLY A 47 13.07 -0.41 -9.02
CA GLY A 47 12.52 -1.48 -8.09
C GLY A 47 11.70 -2.65 -8.77
N ALA A 48 11.18 -3.59 -7.86
CA ALA A 48 10.39 -4.87 -8.14
C ALA A 48 8.81 -4.66 -8.44
N ALA A 49 8.11 -3.64 -7.66
CA ALA A 49 6.63 -3.22 -7.83
C ALA A 49 6.32 -2.16 -9.02
N ALA A 50 7.43 -1.35 -9.46
CA ALA A 50 7.41 -0.31 -10.58
C ALA A 50 7.69 -0.93 -12.04
N GLN A 51 8.72 -1.95 -12.13
CA GLN A 51 9.14 -2.74 -13.38
C GLN A 51 8.33 -4.11 -13.63
N ASP A 52 8.35 -5.10 -12.55
CA ASP A 52 7.75 -6.51 -12.61
C ASP A 52 6.22 -6.70 -12.12
N GLY A 53 5.73 -5.82 -11.09
CA GLY A 53 4.36 -5.94 -10.40
C GLY A 53 3.14 -5.21 -11.06
N ARG A 54 3.33 -3.82 -11.40
CA ARG A 54 2.33 -2.79 -12.02
C ARG A 54 1.44 -1.94 -10.99
N LEU A 55 2.21 -1.32 -9.97
CA LEU A 55 1.73 -0.34 -8.94
C LEU A 55 2.30 1.14 -9.17
N ARG A 56 1.31 2.11 -9.17
CA ARG A 56 1.47 3.63 -9.15
C ARG A 56 0.96 4.24 -7.74
N VAL A 57 1.47 5.51 -7.37
CA VAL A 57 1.06 6.41 -6.07
C VAL A 57 -0.51 6.66 -5.84
N ASN A 58 -1.21 6.69 -7.04
CA ASN A 58 -2.64 6.93 -7.27
C ASN A 58 -3.56 5.55 -7.26
N ASP A 59 -2.88 4.29 -6.84
CA ASP A 59 -3.60 2.93 -6.74
C ASP A 59 -4.25 2.61 -5.32
N SER A 60 -3.55 3.11 -4.12
CA SER A 60 -3.98 3.01 -2.58
C SER A 60 -4.55 1.61 -2.07
N ILE A 61 -3.84 0.99 -1.03
CA ILE A 61 -4.16 -0.42 -0.43
C ILE A 61 -5.36 -0.33 0.68
N LEU A 62 -6.39 -1.30 0.50
CA LEU A 62 -7.46 -1.61 1.54
C LEU A 62 -7.11 -2.87 2.40
N PHE A 63 -6.61 -4.01 1.66
CA PHE A 63 -6.29 -5.38 2.27
C PHE A 63 -4.93 -5.90 1.80
N VAL A 64 -4.07 -6.35 2.79
CA VAL A 64 -2.66 -6.95 2.51
C VAL A 64 -2.62 -8.40 3.05
N ASN A 65 -1.98 -9.41 2.31
CA ASN A 65 -1.92 -11.00 2.66
C ASN A 65 -3.35 -11.79 2.46
N GLU A 66 -4.50 -10.96 2.12
CA GLU A 66 -6.05 -11.23 2.31
C GLU A 66 -6.52 -10.92 3.85
N VAL A 67 -5.61 -10.04 4.57
CA VAL A 67 -5.70 -9.60 6.01
C VAL A 67 -6.17 -8.06 6.08
N ASP A 68 -6.92 -7.74 7.22
CA ASP A 68 -7.60 -6.43 7.54
C ASP A 68 -6.65 -5.35 8.18
N VAL A 69 -6.17 -4.44 7.24
CA VAL A 69 -5.32 -3.17 7.57
C VAL A 69 -6.19 -1.84 7.82
N ARG A 70 -7.57 -1.95 7.49
CA ARG A 70 -8.72 -0.85 7.65
C ARG A 70 -8.76 -0.01 9.06
N GLU A 71 -8.21 -0.69 10.21
CA GLU A 71 -8.05 -0.18 11.64
C GLU A 71 -6.81 -0.98 12.33
N VAL A 72 -5.53 -0.53 11.93
CA VAL A 72 -4.15 -1.02 12.48
C VAL A 72 -3.18 0.23 12.65
N THR A 73 -2.05 -0.03 13.42
CA THR A 73 -0.79 0.85 13.57
C THR A 73 0.21 0.69 12.31
N HIS A 74 1.20 1.69 12.12
CA HIS A 74 2.34 1.75 11.03
C HIS A 74 3.16 0.31 10.94
N SER A 75 3.70 -0.16 12.20
CA SER A 75 4.45 -1.47 12.46
C SER A 75 3.58 -2.79 12.17
N ALA A 76 2.12 -2.70 12.37
CA ALA A 76 1.12 -3.81 12.16
C ALA A 76 0.75 -4.04 10.59
N ALA A 77 1.05 -2.91 9.69
CA ALA A 77 0.96 -2.93 8.17
C ALA A 77 2.31 -3.40 7.47
N VAL A 78 3.55 -2.98 8.09
CA VAL A 78 5.02 -3.35 7.63
C VAL A 78 5.40 -4.91 7.96
N GLU A 79 4.98 -5.43 9.22
CA GLU A 79 5.14 -6.93 9.77
C GLU A 79 4.34 -8.05 8.95
N ALA A 80 3.30 -7.56 8.12
CA ALA A 80 2.56 -8.34 7.06
C ALA A 80 3.41 -8.49 5.68
N LEU A 81 4.37 -7.42 5.39
CA LEU A 81 5.31 -7.33 4.17
C LEU A 81 6.77 -7.93 4.38
N LYS A 82 7.33 -7.80 5.67
CA LYS A 82 8.68 -8.34 6.16
C LYS A 82 8.64 -9.85 6.67
N GLU A 83 7.48 -10.24 7.43
CA GLU A 83 7.28 -11.65 8.12
C GLU A 83 6.54 -12.81 7.34
N ALA A 84 5.82 -12.47 6.13
CA ALA A 84 5.04 -13.54 5.22
C ALA A 84 5.94 -14.79 4.67
N GLY A 85 7.33 -14.52 4.60
CA GLY A 85 8.41 -15.54 4.42
C GLY A 85 9.22 -15.50 3.14
N SER A 86 8.52 -15.13 1.95
CA SER A 86 9.04 -15.07 0.48
C SER A 86 7.97 -14.49 -0.52
N ILE A 87 6.60 -14.78 -0.24
CA ILE A 87 5.40 -14.44 -1.13
C ILE A 87 4.39 -13.53 -0.31
N VAL A 88 4.25 -12.26 -0.85
CA VAL A 88 3.42 -11.11 -0.32
C VAL A 88 2.32 -10.64 -1.40
N ARG A 89 1.00 -10.81 -0.99
CA ARG A 89 -0.28 -10.57 -1.86
C ARG A 89 -1.22 -9.36 -1.41
N LEU A 90 -1.04 -8.17 -2.16
CA LEU A 90 -1.74 -6.83 -1.95
C LEU A 90 -3.06 -6.62 -2.81
N TYR A 91 -4.09 -5.93 -2.15
CA TYR A 91 -5.44 -5.55 -2.71
C TYR A 91 -5.66 -4.00 -2.65
N VAL A 92 -5.74 -3.42 -3.92
CA VAL A 92 -5.86 -1.90 -4.26
C VAL A 92 -7.34 -1.41 -4.80
N MET A 93 -7.58 -0.01 -4.66
CA MET A 93 -8.90 0.76 -4.98
C MET A 93 -8.73 2.02 -5.97
N ARG A 94 -9.42 1.92 -7.20
CA ARG A 94 -9.44 2.97 -8.35
C ARG A 94 -10.90 3.28 -8.88
N ARG A 95 -11.24 4.65 -8.98
CA ARG A 95 -12.60 5.24 -9.46
C ARG A 95 -12.75 5.36 -11.04
N LYS A 96 -14.05 5.03 -11.53
CA LYS A 96 -14.52 4.94 -13.00
C LYS A 96 -14.69 6.40 -13.77
N PRO A 97 -13.95 6.69 -15.11
CA PRO A 97 -14.11 8.02 -15.90
C PRO A 97 -15.54 8.23 -16.74
N PRO A 98 -16.18 9.64 -16.93
CA PRO A 98 -17.47 9.89 -17.76
C PRO A 98 -17.39 9.70 -19.39
N ALA A 99 -16.10 10.00 -20.01
CA ALA A 99 -15.77 9.91 -21.50
C ALA A 99 -14.81 8.69 -21.83
N VAL B 1 1.56 17.56 3.59
CA VAL B 1 1.68 16.73 4.88
C VAL B 1 2.55 17.37 6.02
N VAL B 2 1.90 17.40 7.26
CA VAL B 2 2.39 18.06 8.58
C VAL B 2 2.82 17.03 9.78
N SER B 3 2.41 15.65 9.63
CA SER B 3 2.53 14.55 10.70
C SER B 3 3.47 13.30 10.30
N GLU B 4 4.00 13.32 8.97
CA GLU B 4 4.78 12.21 8.27
C GLU B 4 6.41 12.35 8.41
N ARG B 5 7.06 11.10 8.44
CA ARG B 5 8.56 10.82 8.35
C ARG B 5 8.92 9.90 7.05
N ILE B 6 8.03 8.78 6.81
CA ILE B 6 8.05 7.68 5.72
C ILE B 6 9.44 6.80 5.60
N SER B 7 9.50 5.75 6.50
CA SER B 7 10.65 4.69 6.65
C SER B 7 10.16 3.15 6.36
N SER B 8 8.99 3.02 5.57
CA SER B 8 8.17 1.73 5.30
C SER B 8 8.52 0.94 3.92
N VAL B 9 7.76 -0.27 3.68
CA VAL B 9 7.88 -1.23 2.47
C VAL B 9 6.52 -1.06 1.58
N GLY A 1 -21.10 -2.27 -16.77
CA GLY A 1 -21.44 -1.36 -15.62
C GLY A 1 -20.48 -0.19 -15.50
N ALA A 2 -20.96 1.05 -16.02
CA ALA A 2 -20.19 2.40 -16.03
C ALA A 2 -20.64 3.48 -14.89
N MET A 3 -21.59 3.01 -13.96
CA MET A 3 -22.22 3.83 -12.77
C MET A 3 -21.58 3.59 -11.29
N GLU A 4 -20.66 2.56 -11.22
CA GLU A 4 -19.86 2.05 -10.01
C GLU A 4 -18.27 2.13 -10.18
N MET A 5 -17.53 2.22 -8.97
CA MET A 5 -15.98 2.25 -8.81
C MET A 5 -15.26 0.79 -9.03
N GLU A 6 -13.89 0.82 -9.36
CA GLU A 6 -13.06 -0.39 -9.83
C GLU A 6 -11.84 -0.80 -8.91
N TYR A 7 -11.87 -2.13 -8.44
CA TYR A 7 -10.82 -2.80 -7.52
C TYR A 7 -9.91 -3.83 -8.27
N GLU A 8 -8.55 -3.86 -7.85
CA GLU A 8 -7.43 -4.74 -8.44
C GLU A 8 -6.66 -5.59 -7.37
N GLU A 9 -6.44 -6.95 -7.74
CA GLU A 9 -5.62 -7.97 -6.95
C GLU A 9 -4.22 -8.31 -7.65
N ILE A 10 -3.07 -7.85 -6.97
CA ILE A 10 -1.61 -8.03 -7.44
C ILE A 10 -0.83 -9.04 -6.44
N THR A 11 0.07 -9.95 -7.05
CA THR A 11 0.99 -10.94 -6.33
C THR A 11 2.52 -10.62 -6.70
N LEU A 12 3.33 -10.38 -5.58
CA LEU A 12 4.81 -10.08 -5.56
C LEU A 12 5.65 -11.15 -4.76
N GLU A 13 6.89 -11.45 -5.34
CA GLU A 13 8.00 -12.33 -4.72
C GLU A 13 9.10 -11.35 -4.12
N ARG A 14 9.45 -11.57 -2.76
CA ARG A 14 10.41 -10.75 -1.83
C ARG A 14 11.87 -10.47 -2.51
N GLY A 15 12.05 -9.11 -2.92
CA GLY A 15 13.28 -8.56 -3.65
C GLY A 15 14.58 -8.30 -2.80
N ASN A 16 15.72 -8.03 -3.58
CA ASN A 16 17.17 -7.75 -3.07
C ASN A 16 17.43 -6.25 -2.47
N SER A 17 16.58 -5.22 -2.98
CA SER A 17 16.60 -3.74 -2.58
C SER A 17 15.49 -3.32 -1.48
N GLY A 18 14.32 -4.17 -1.32
CA GLY A 18 13.19 -3.89 -0.37
C GLY A 18 11.87 -3.55 -1.09
N LEU A 19 11.63 -4.35 -2.27
CA LEU A 19 10.41 -4.38 -3.25
C LEU A 19 10.23 -3.20 -4.28
N GLY A 20 10.71 -1.92 -3.89
CA GLY A 20 10.74 -0.68 -4.78
C GLY A 20 9.60 0.35 -4.58
N PHE A 21 9.04 0.46 -3.26
CA PHE A 21 7.97 1.45 -2.78
C PHE A 21 8.10 1.65 -1.18
N SER A 22 7.42 2.78 -0.59
CA SER A 22 7.25 3.05 0.91
C SER A 22 5.78 3.45 1.27
N ILE A 23 5.26 2.98 2.53
CA ILE A 23 3.78 3.16 3.01
C ILE A 23 3.46 3.97 4.30
N ALA A 24 2.39 4.94 4.12
CA ALA A 24 1.85 5.88 5.19
C ALA A 24 0.47 5.38 5.75
N GLY A 25 0.46 5.10 7.11
CA GLY A 25 -0.72 4.54 7.87
C GLY A 25 -0.56 4.53 9.38
N GLY A 26 -1.76 4.49 10.10
CA GLY A 26 -1.81 4.59 11.61
C GLY A 26 -3.18 4.65 12.28
N THR A 27 -3.24 4.00 13.52
CA THR A 27 -4.36 4.17 14.59
C THR A 27 -3.92 5.11 15.80
N ASP A 28 -2.53 5.05 16.18
CA ASP A 28 -1.86 5.89 17.27
C ASP A 28 -0.91 7.05 16.67
N ASN A 29 -0.21 6.75 15.44
CA ASN A 29 0.75 7.66 14.69
C ASN A 29 -0.01 8.39 13.38
N PRO A 30 -0.13 9.92 13.28
CA PRO A 30 -0.76 10.66 12.04
C PRO A 30 0.05 10.59 10.63
N HIS A 31 -0.74 10.87 9.47
CA HIS A 31 -0.28 11.02 8.04
C HIS A 31 -0.48 12.54 7.48
N ILE A 32 -1.77 13.12 7.66
CA ILE A 32 -2.30 14.41 6.92
C ILE A 32 -2.94 15.51 7.88
N GLY A 33 -3.90 15.02 8.72
CA GLY A 33 -4.67 15.75 9.79
C GLY A 33 -5.26 14.80 10.85
N ASP A 34 -4.47 13.60 11.12
CA ASP A 34 -4.76 12.38 12.06
C ASP A 34 -5.81 11.38 11.36
N ASP A 35 -5.24 10.66 10.27
CA ASP A 35 -5.97 9.69 9.34
C ASP A 35 -5.94 8.10 9.86
N PRO A 36 -7.25 7.30 10.06
CA PRO A 36 -7.30 5.77 10.44
C PRO A 36 -6.89 4.69 9.28
N SER A 37 -7.08 5.10 7.90
CA SER A 37 -6.80 4.27 6.64
C SER A 37 -5.32 4.45 6.04
N ILE A 38 -4.75 3.30 5.40
CA ILE A 38 -3.30 3.22 4.82
C ILE A 38 -3.32 3.55 3.22
N PHE A 39 -2.39 4.54 2.81
CA PHE A 39 -2.21 5.14 1.39
C PHE A 39 -0.67 5.13 0.94
N ILE A 40 -0.42 5.16 -0.50
CA ILE A 40 0.95 5.32 -1.18
C ILE A 40 1.25 6.90 -1.36
N THR A 41 2.58 7.20 -1.14
CA THR A 41 3.24 8.60 -1.12
C THR A 41 4.75 8.59 -1.60
N LYS A 42 5.51 7.33 -1.54
CA LYS A 42 6.92 7.17 -2.04
C LYS A 42 7.04 5.92 -3.03
N ILE A 43 7.63 6.22 -4.28
CA ILE A 43 8.00 5.24 -5.38
C ILE A 43 9.58 5.40 -5.72
N ILE A 44 10.29 4.17 -5.79
CA ILE A 44 11.74 3.98 -6.26
C ILE A 44 11.78 3.82 -7.93
N PRO A 45 12.72 4.67 -8.79
CA PRO A 45 12.81 4.58 -10.35
C PRO A 45 13.36 3.18 -11.00
N GLY A 46 14.10 2.31 -10.15
CA GLY A 46 14.68 0.98 -10.55
C GLY A 46 14.37 -0.22 -9.61
N GLY A 47 13.07 -0.28 -8.99
CA GLY A 47 12.54 -1.45 -8.16
C GLY A 47 11.72 -2.55 -8.94
N ALA A 48 11.22 -3.59 -8.13
CA ALA A 48 10.43 -4.84 -8.55
C ALA A 48 8.84 -4.62 -8.80
N ALA A 49 8.15 -3.71 -7.91
CA ALA A 49 6.66 -3.29 -7.95
C ALA A 49 6.30 -2.14 -9.02
N ALA A 50 7.36 -1.22 -9.36
CA ALA A 50 7.32 -0.06 -10.37
C ALA A 50 7.53 -0.54 -11.91
N GLN A 51 8.56 -1.53 -12.14
CA GLN A 51 8.93 -2.17 -13.48
C GLN A 51 8.15 -3.55 -13.83
N ASP A 52 8.27 -4.65 -12.88
CA ASP A 52 7.74 -6.09 -13.08
C ASP A 52 6.25 -6.41 -12.57
N GLY A 53 5.77 -5.74 -11.39
CA GLY A 53 4.43 -6.02 -10.68
C GLY A 53 3.15 -5.28 -11.23
N ARG A 54 3.30 -3.89 -11.55
CA ARG A 54 2.27 -2.86 -12.12
C ARG A 54 1.40 -2.06 -11.05
N LEU A 55 2.19 -1.44 -10.05
CA LEU A 55 1.74 -0.48 -9.00
C LEU A 55 2.31 0.99 -9.26
N ARG A 56 1.33 1.96 -9.20
CA ARG A 56 1.51 3.48 -9.19
C ARG A 56 1.09 4.06 -7.76
N VAL A 57 1.66 5.31 -7.40
CA VAL A 57 1.43 6.17 -6.11
C VAL A 57 -0.15 6.57 -5.80
N ASN A 58 -0.93 6.63 -6.96
CA ASN A 58 -2.37 6.93 -7.09
C ASN A 58 -3.30 5.53 -7.05
N ASP A 59 -2.64 4.25 -6.69
CA ASP A 59 -3.39 2.88 -6.60
C ASP A 59 -4.05 2.56 -5.20
N SER A 60 -3.33 2.99 -4.00
CA SER A 60 -3.74 2.89 -2.48
C SER A 60 -4.34 1.50 -1.97
N ILE A 61 -3.61 0.83 -0.96
CA ILE A 61 -3.94 -0.58 -0.39
C ILE A 61 -5.09 -0.48 0.76
N LEU A 62 -6.19 -1.35 0.56
CA LEU A 62 -7.27 -1.64 1.59
C LEU A 62 -6.96 -2.93 2.43
N PHE A 63 -6.52 -4.08 1.68
CA PHE A 63 -6.25 -5.47 2.30
C PHE A 63 -4.89 -6.08 1.86
N VAL A 64 -4.09 -6.62 2.88
CA VAL A 64 -2.73 -7.34 2.65
C VAL A 64 -2.75 -8.78 3.13
N ASN A 65 -2.13 -9.76 2.26
CA ASN A 65 -2.05 -11.32 2.46
C ASN A 65 -3.47 -12.07 2.17
N GLU A 66 -4.46 -11.79 3.13
CA GLU A 66 -5.96 -12.13 3.25
C GLU A 66 -6.61 -11.27 4.49
N VAL A 67 -5.72 -10.30 5.10
CA VAL A 67 -5.92 -9.55 6.38
C VAL A 67 -6.42 -8.06 6.22
N ASP A 68 -7.13 -7.61 7.37
CA ASP A 68 -7.80 -6.33 7.59
C ASP A 68 -6.84 -5.25 8.24
N VAL A 69 -6.25 -4.47 7.27
CA VAL A 69 -5.26 -3.33 7.50
C VAL A 69 -5.95 -1.88 7.58
N ARG A 70 -7.32 -1.86 7.24
CA ARG A 70 -8.30 -0.63 7.23
C ARG A 70 -8.42 0.17 8.69
N GLU A 71 -7.97 -0.56 9.87
CA GLU A 71 -7.90 -0.09 11.32
C GLU A 71 -6.75 -0.88 12.08
N VAL A 72 -5.46 -0.37 11.84
CA VAL A 72 -4.12 -0.88 12.42
C VAL A 72 -3.08 0.35 12.63
N THR A 73 -1.95 0.09 13.44
CA THR A 73 -0.65 0.97 13.54
C THR A 73 0.32 0.75 12.26
N HIS A 74 1.35 1.71 12.01
CA HIS A 74 2.45 1.65 10.85
C HIS A 74 3.25 0.24 10.77
N SER A 75 3.86 -0.16 12.02
CA SER A 75 4.67 -1.46 12.28
C SER A 75 3.78 -2.82 12.08
N ALA A 76 2.37 -2.70 12.40
CA ALA A 76 1.26 -3.74 12.23
C ALA A 76 0.83 -4.00 10.68
N ALA A 77 1.12 -2.92 9.74
CA ALA A 77 0.93 -2.97 8.23
C ALA A 77 2.24 -3.46 7.46
N VAL A 78 3.51 -3.11 8.06
CA VAL A 78 4.97 -3.54 7.59
C VAL A 78 5.24 -5.13 7.90
N GLU A 79 4.78 -5.64 9.15
CA GLU A 79 4.84 -7.13 9.70
C GLU A 79 3.94 -8.19 8.88
N ALA A 80 2.96 -7.63 8.04
CA ALA A 80 2.16 -8.35 6.96
C ALA A 80 3.03 -8.56 5.60
N LEU A 81 4.07 -7.56 5.32
CA LEU A 81 5.04 -7.55 4.12
C LEU A 81 6.46 -8.24 4.35
N LYS A 82 7.02 -8.11 5.64
CA LYS A 82 8.36 -8.70 6.15
C LYS A 82 8.25 -10.20 6.69
N GLU A 83 7.04 -10.56 7.38
CA GLU A 83 6.78 -11.96 8.06
C GLU A 83 6.14 -13.13 7.22
N ALA A 84 5.53 -12.81 5.96
CA ALA A 84 4.94 -13.88 4.95
C ALA A 84 6.04 -14.93 4.37
N GLY A 85 7.37 -14.44 4.36
CA GLY A 85 8.62 -15.24 4.19
C GLY A 85 9.37 -15.17 2.86
N SER A 86 8.57 -15.03 1.70
CA SER A 86 9.01 -15.11 0.21
C SER A 86 7.87 -14.61 -0.78
N ILE A 87 6.51 -14.88 -0.40
CA ILE A 87 5.27 -14.61 -1.27
C ILE A 87 4.27 -13.69 -0.48
N VAL A 88 4.17 -12.41 -1.02
CA VAL A 88 3.28 -11.28 -0.52
C VAL A 88 2.21 -10.78 -1.59
N ARG A 89 0.88 -10.94 -1.22
CA ARG A 89 -0.36 -10.60 -2.07
C ARG A 89 -1.23 -9.38 -1.55
N LEU A 90 -1.07 -8.20 -2.30
CA LEU A 90 -1.71 -6.83 -2.05
C LEU A 90 -3.06 -6.60 -2.88
N TYR A 91 -4.09 -5.97 -2.16
CA TYR A 91 -5.45 -5.57 -2.69
C TYR A 91 -5.64 -4.02 -2.62
N VAL A 92 -5.70 -3.42 -3.90
CA VAL A 92 -5.79 -1.90 -4.22
C VAL A 92 -7.26 -1.35 -4.74
N MET A 93 -7.45 0.05 -4.60
CA MET A 93 -8.73 0.89 -4.91
C MET A 93 -8.48 2.11 -5.91
N ARG A 94 -9.18 2.01 -7.13
CA ARG A 94 -9.18 3.01 -8.30
C ARG A 94 -10.64 3.60 -8.52
N ARG A 95 -10.68 4.97 -8.84
CA ARG A 95 -11.92 5.79 -9.16
C ARG A 95 -12.30 5.71 -10.75
N LYS A 96 -13.67 5.66 -11.00
CA LYS A 96 -14.42 5.51 -12.38
C LYS A 96 -14.08 6.64 -13.57
N PRO A 97 -13.47 6.22 -14.92
CA PRO A 97 -13.23 7.19 -16.11
C PRO A 97 -14.59 7.61 -17.02
N PRO A 98 -14.68 8.98 -17.76
CA PRO A 98 -15.88 9.38 -18.68
C PRO A 98 -16.00 8.59 -20.11
N ALA A 99 -17.33 8.20 -20.48
CA ALA A 99 -17.73 7.46 -21.76
C ALA A 99 -18.53 8.38 -22.77
N VAL B 1 -0.40 19.07 6.19
CA VAL B 1 0.39 17.91 6.80
C VAL B 1 1.02 18.21 8.19
N VAL B 2 0.60 17.34 9.19
CA VAL B 2 0.98 17.40 10.70
C VAL B 2 2.19 16.47 11.15
N SER B 3 2.20 15.11 10.66
CA SER B 3 3.21 14.02 11.04
C SER B 3 3.49 13.04 9.87
N GLU B 4 4.87 12.89 9.50
CA GLU B 4 5.38 11.88 8.48
C GLU B 4 6.70 11.15 8.94
N ARG B 5 6.45 9.82 9.31
CA ARG B 5 7.48 8.72 9.45
C ARG B 5 7.13 7.63 8.35
N ILE B 6 7.55 8.03 7.04
CA ILE B 6 7.20 7.34 5.72
C ILE B 6 8.13 6.08 5.33
N SER B 7 9.43 6.02 5.94
CA SER B 7 10.52 4.91 5.74
C SER B 7 10.05 3.42 6.19
N SER B 8 9.24 2.81 5.21
CA SER B 8 8.44 1.51 5.26
C SER B 8 8.67 0.63 3.90
N VAL B 9 7.79 -0.49 3.68
CA VAL B 9 7.83 -1.43 2.47
C VAL B 9 6.46 -1.18 1.62
N GLY A 1 -23.18 -1.90 -19.66
CA GLY A 1 -23.57 -0.63 -18.97
C GLY A 1 -23.27 -0.66 -17.48
N ALA A 2 -22.06 -0.01 -17.09
CA ALA A 2 -21.51 0.11 -15.66
C ALA A 2 -21.60 1.59 -15.08
N MET A 3 -22.28 1.68 -13.83
CA MET A 3 -22.50 2.99 -13.00
C MET A 3 -21.68 3.06 -11.58
N GLU A 4 -20.79 2.01 -11.36
CA GLU A 4 -19.92 1.73 -10.13
C GLU A 4 -18.34 1.67 -10.43
N MET A 5 -17.48 1.87 -9.31
CA MET A 5 -15.93 1.84 -9.30
C MET A 5 -15.28 0.34 -9.44
N GLU A 6 -13.91 0.29 -9.81
CA GLU A 6 -13.12 -0.99 -10.19
C GLU A 6 -11.90 -1.29 -9.27
N TYR A 7 -11.91 -2.56 -8.68
CA TYR A 7 -10.86 -3.14 -7.70
C TYR A 7 -9.90 -4.17 -8.39
N GLU A 8 -8.54 -4.11 -7.96
CA GLU A 8 -7.39 -4.95 -8.56
C GLU A 8 -6.57 -5.73 -7.43
N GLU A 9 -6.36 -7.11 -7.69
CA GLU A 9 -5.51 -8.07 -6.85
C GLU A 9 -4.09 -8.40 -7.52
N ILE A 10 -2.96 -7.87 -6.87
CA ILE A 10 -1.49 -8.02 -7.37
C ILE A 10 -0.62 -9.00 -6.36
N THR A 11 0.37 -9.82 -6.98
CA THR A 11 1.42 -10.72 -6.29
C THR A 11 2.93 -10.30 -6.61
N LEU A 12 3.72 -10.10 -5.46
CA LEU A 12 5.23 -9.81 -5.39
C LEU A 12 6.03 -10.82 -4.44
N GLU A 13 7.46 -10.83 -4.59
CA GLU A 13 8.47 -11.62 -3.73
C GLU A 13 9.09 -10.68 -2.57
N ARG A 14 9.25 -11.30 -1.29
CA ARG A 14 9.63 -10.64 0.05
C ARG A 14 11.21 -10.36 0.25
N GLY A 15 11.58 -8.97 0.29
CA GLY A 15 12.91 -8.39 0.85
C GLY A 15 14.22 -8.59 0.05
N ASN A 16 14.73 -9.91 0.04
CA ASN A 16 16.02 -10.46 -0.67
C ASN A 16 16.06 -10.32 -2.30
N SER A 17 14.80 -10.15 -2.94
CA SER A 17 14.57 -9.89 -4.44
C SER A 17 14.55 -8.33 -4.83
N GLY A 18 14.24 -7.34 -3.78
CA GLY A 18 14.40 -5.86 -3.98
C GLY A 18 13.13 -5.06 -4.18
N LEU A 19 12.18 -5.04 -3.10
CA LEU A 19 10.83 -4.25 -3.07
C LEU A 19 11.00 -2.65 -3.12
N GLY A 20 10.47 -2.06 -4.28
CA GLY A 20 10.66 -0.66 -4.72
C GLY A 20 9.42 0.25 -4.65
N PHE A 21 8.92 0.44 -3.34
CA PHE A 21 7.84 1.42 -2.86
C PHE A 21 8.04 1.64 -1.25
N SER A 22 7.33 2.73 -0.63
CA SER A 22 7.16 2.90 0.88
C SER A 22 5.67 3.25 1.25
N ILE A 23 5.19 2.72 2.48
CA ILE A 23 3.72 2.85 3.00
C ILE A 23 3.44 3.60 4.35
N ALA A 24 2.46 4.64 4.20
CA ALA A 24 2.01 5.60 5.28
C ALA A 24 0.55 5.23 5.80
N GLY A 25 0.49 4.89 7.15
CA GLY A 25 -0.76 4.42 7.87
C GLY A 25 -0.64 4.42 9.40
N GLY A 26 -1.88 4.36 10.10
CA GLY A 26 -1.92 4.51 11.61
C GLY A 26 -3.29 4.53 12.31
N THR A 27 -3.33 3.82 13.52
CA THR A 27 -4.43 3.92 14.62
C THR A 27 -4.00 4.83 15.87
N ASP A 28 -2.64 4.68 16.31
CA ASP A 28 -1.98 5.46 17.45
C ASP A 28 -0.98 6.61 16.94
N ASN A 29 -0.24 6.33 15.73
CA ASN A 29 0.78 7.23 15.04
C ASN A 29 0.15 8.02 13.75
N PRO A 30 0.08 9.56 13.71
CA PRO A 30 -0.44 10.37 12.48
C PRO A 30 0.53 10.47 11.18
N HIS A 31 -0.15 10.63 9.93
CA HIS A 31 0.48 10.97 8.62
C HIS A 31 0.39 12.57 8.32
N ILE A 32 -0.89 13.11 8.18
CA ILE A 32 -1.26 14.47 7.62
C ILE A 32 -1.98 15.47 8.72
N GLY A 33 -2.08 14.95 10.01
CA GLY A 33 -2.78 15.56 11.20
C GLY A 33 -4.04 14.79 11.63
N ASP A 34 -3.80 13.46 12.12
CA ASP A 34 -4.81 12.36 12.60
C ASP A 34 -5.71 11.72 11.46
N ASP A 35 -4.99 10.79 10.66
CA ASP A 35 -5.54 9.97 9.49
C ASP A 35 -5.73 8.36 9.92
N PRO A 36 -7.11 7.67 9.86
CA PRO A 36 -7.36 6.16 10.19
C PRO A 36 -6.92 5.02 9.08
N SER A 37 -6.88 5.44 7.71
CA SER A 37 -6.59 4.54 6.47
C SER A 37 -5.05 4.48 6.03
N ILE A 38 -4.63 3.26 5.38
CA ILE A 38 -3.19 2.95 4.86
C ILE A 38 -3.13 3.30 3.26
N PHE A 39 -2.32 4.43 2.96
CA PHE A 39 -2.15 5.21 1.65
C PHE A 39 -0.62 5.22 1.16
N ILE A 40 -0.43 5.29 -0.28
CA ILE A 40 0.93 5.42 -1.00
C ILE A 40 1.33 6.96 -1.16
N THR A 41 2.69 7.19 -0.98
CA THR A 41 3.43 8.55 -1.01
C THR A 41 4.89 8.45 -1.60
N LYS A 42 5.59 7.16 -1.50
CA LYS A 42 6.94 6.89 -2.06
C LYS A 42 6.94 5.69 -3.09
N ILE A 43 7.53 6.02 -4.32
CA ILE A 43 7.83 5.12 -5.47
C ILE A 43 9.38 5.30 -5.87
N ILE A 44 10.13 4.11 -5.86
CA ILE A 44 11.59 3.94 -6.36
C ILE A 44 11.64 3.84 -8.04
N PRO A 45 12.62 4.69 -8.84
CA PRO A 45 12.75 4.66 -10.41
C PRO A 45 13.30 3.27 -11.09
N GLY A 46 14.07 2.42 -10.24
CA GLY A 46 14.64 1.09 -10.65
C GLY A 46 14.37 -0.10 -9.68
N GLY A 47 13.04 -0.20 -9.14
CA GLY A 47 12.53 -1.36 -8.28
C GLY A 47 11.68 -2.43 -9.05
N ALA A 48 11.18 -3.48 -8.23
CA ALA A 48 10.35 -4.70 -8.67
C ALA A 48 8.78 -4.44 -8.89
N ALA A 49 8.11 -3.53 -7.98
CA ALA A 49 6.61 -3.12 -8.02
C ALA A 49 6.22 -1.97 -9.09
N ALA A 50 7.30 -1.10 -9.52
CA ALA A 50 7.23 0.02 -10.55
C ALA A 50 7.43 -0.49 -12.07
N GLN A 51 8.47 -1.47 -12.30
CA GLN A 51 8.85 -2.13 -13.63
C GLN A 51 8.07 -3.52 -13.94
N ASP A 52 8.19 -4.60 -12.97
CA ASP A 52 7.66 -6.03 -13.13
C ASP A 52 6.17 -6.35 -12.59
N GLY A 53 5.71 -5.62 -11.43
CA GLY A 53 4.38 -5.87 -10.69
C GLY A 53 3.10 -5.16 -11.25
N ARG A 54 3.22 -3.76 -11.55
CA ARG A 54 2.16 -2.74 -12.10
C ARG A 54 1.27 -1.97 -11.02
N LEU A 55 2.04 -1.35 -10.01
CA LEU A 55 1.58 -0.41 -8.95
C LEU A 55 2.13 1.08 -9.19
N ARG A 56 1.13 2.04 -9.13
CA ARG A 56 1.29 3.56 -9.10
C ARG A 56 0.87 4.13 -7.67
N VAL A 57 1.47 5.36 -7.29
CA VAL A 57 1.24 6.20 -5.98
C VAL A 57 -0.31 6.60 -5.64
N ASN A 58 -1.11 6.69 -6.77
CA ASN A 58 -2.55 6.99 -6.86
C ASN A 58 -3.52 5.65 -6.85
N ASP A 59 -2.87 4.34 -6.54
CA ASP A 59 -3.63 2.98 -6.49
C ASP A 59 -4.32 2.64 -5.11
N SER A 60 -3.64 3.09 -3.87
CA SER A 60 -4.11 2.95 -2.36
C SER A 60 -4.68 1.53 -1.92
N ILE A 61 -3.97 0.87 -0.90
CA ILE A 61 -4.28 -0.57 -0.39
C ILE A 61 -5.44 -0.53 0.73
N LEU A 62 -6.54 -1.41 0.48
CA LEU A 62 -7.65 -1.72 1.47
C LEU A 62 -7.36 -3.00 2.31
N PHE A 63 -6.83 -4.13 1.59
CA PHE A 63 -6.53 -5.50 2.22
C PHE A 63 -5.15 -6.09 1.81
N VAL A 64 -4.35 -6.60 2.86
CA VAL A 64 -3.03 -7.34 2.67
C VAL A 64 -3.07 -8.77 3.18
N ASN A 65 -2.49 -9.75 2.33
CA ASN A 65 -2.36 -11.28 2.57
C ASN A 65 -3.79 -12.04 2.41
N GLU A 66 -4.64 -11.92 3.54
CA GLU A 66 -6.12 -12.29 3.77
C GLU A 66 -6.75 -11.28 4.90
N VAL A 67 -5.87 -10.21 5.35
CA VAL A 67 -6.06 -9.28 6.53
C VAL A 67 -6.60 -7.85 6.19
N ASP A 68 -7.25 -7.24 7.28
CA ASP A 68 -7.90 -5.92 7.31
C ASP A 68 -6.93 -4.71 7.62
N VAL A 69 -6.46 -4.06 6.46
CA VAL A 69 -5.68 -2.71 6.45
C VAL A 69 -6.61 -1.40 6.27
N ARG A 70 -7.87 -1.57 6.86
CA ARG A 70 -8.95 -0.50 7.08
C ARG A 70 -8.70 0.38 8.41
N GLU A 71 -8.12 -0.32 9.58
CA GLU A 71 -7.78 0.26 10.90
C GLU A 71 -6.73 -0.65 11.67
N VAL A 72 -5.39 -0.28 11.44
CA VAL A 72 -4.13 -0.90 12.10
C VAL A 72 -3.05 0.26 12.39
N THR A 73 -1.98 -0.08 13.26
CA THR A 73 -0.69 0.75 13.48
C THR A 73 0.36 0.57 12.26
N HIS A 74 1.33 1.61 12.09
CA HIS A 74 2.50 1.68 11.03
C HIS A 74 3.39 0.29 10.97
N SER A 75 3.93 -0.15 12.24
CA SER A 75 4.73 -1.46 12.50
C SER A 75 3.89 -2.80 12.18
N ALA A 76 2.46 -2.74 12.49
CA ALA A 76 1.39 -3.81 12.18
C ALA A 76 1.03 -3.98 10.61
N ALA A 77 1.33 -2.84 9.75
CA ALA A 77 1.16 -2.78 8.22
C ALA A 77 2.48 -3.23 7.43
N VAL A 78 3.74 -2.97 8.09
CA VAL A 78 5.18 -3.42 7.61
C VAL A 78 5.44 -5.01 7.96
N GLU A 79 4.99 -5.50 9.23
CA GLU A 79 5.08 -6.98 9.82
C GLU A 79 4.25 -8.08 9.01
N ALA A 80 3.15 -7.61 8.24
CA ALA A 80 2.37 -8.41 7.20
C ALA A 80 3.23 -8.64 5.84
N LEU A 81 4.20 -7.61 5.54
CA LEU A 81 5.16 -7.53 4.36
C LEU A 81 6.62 -8.11 4.60
N LYS A 82 7.09 -8.10 5.94
CA LYS A 82 8.42 -8.69 6.47
C LYS A 82 8.30 -10.23 6.94
N GLU A 83 7.07 -10.62 7.58
CA GLU A 83 6.78 -12.07 8.19
C GLU A 83 6.14 -13.19 7.29
N ALA A 84 5.48 -12.79 6.09
CA ALA A 84 4.75 -13.78 5.07
C ALA A 84 5.64 -15.03 4.49
N GLY A 85 7.04 -14.82 4.55
CA GLY A 85 8.10 -15.90 4.41
C GLY A 85 9.00 -15.91 3.19
N SER A 86 8.45 -15.49 1.95
CA SER A 86 9.12 -15.50 0.51
C SER A 86 8.16 -14.82 -0.56
N ILE A 87 6.74 -14.94 -0.34
CA ILE A 87 5.65 -14.36 -1.24
C ILE A 87 4.67 -13.47 -0.36
N VAL A 88 4.46 -12.21 -0.90
CA VAL A 88 3.60 -11.08 -0.35
C VAL A 88 2.49 -10.60 -1.40
N ARG A 89 1.18 -10.66 -0.93
CA ARG A 89 -0.09 -10.26 -1.72
C ARG A 89 -0.84 -8.97 -1.17
N LEU A 90 -1.03 -7.97 -2.12
CA LEU A 90 -1.75 -6.64 -1.96
C LEU A 90 -3.10 -6.53 -2.81
N TYR A 91 -4.18 -5.91 -2.15
CA TYR A 91 -5.54 -5.60 -2.72
C TYR A 91 -5.82 -4.05 -2.67
N VAL A 92 -5.83 -3.46 -3.94
CA VAL A 92 -5.96 -1.93 -4.27
C VAL A 92 -7.43 -1.46 -4.86
N MET A 93 -7.68 -0.06 -4.76
CA MET A 93 -8.99 0.70 -5.18
C MET A 93 -8.72 1.86 -6.25
N ARG A 94 -9.33 1.65 -7.51
CA ARG A 94 -9.24 2.55 -8.75
C ARG A 94 -10.66 3.13 -9.16
N ARG A 95 -10.62 4.38 -9.82
CA ARG A 95 -11.78 5.21 -10.34
C ARG A 95 -12.23 4.76 -11.84
N LYS A 96 -13.62 4.72 -12.05
CA LYS A 96 -14.42 4.32 -13.34
C LYS A 96 -14.06 5.17 -14.75
N PRO A 97 -13.79 4.43 -16.08
CA PRO A 97 -13.43 5.14 -17.43
C PRO A 97 -14.51 6.23 -18.11
N PRO A 98 -16.07 6.05 -18.14
CA PRO A 98 -17.06 7.05 -18.82
C PRO A 98 -17.12 8.56 -18.21
N ALA A 99 -17.15 9.60 -19.19
CA ALA A 99 -17.21 11.11 -18.94
C ALA A 99 -18.60 11.74 -19.32
N VAL B 1 4.53 17.60 4.32
CA VAL B 1 4.03 16.75 5.45
C VAL B 1 4.74 17.17 6.85
N VAL B 2 3.82 17.43 7.87
CA VAL B 2 4.15 18.00 9.27
C VAL B 2 4.19 16.90 10.51
N SER B 3 3.65 15.57 10.27
CA SER B 3 3.43 14.49 11.38
C SER B 3 4.25 13.15 11.14
N GLU B 4 4.73 12.94 9.81
CA GLU B 4 5.37 11.70 9.24
C GLU B 4 6.92 11.93 8.80
N ARG B 5 7.69 10.73 8.78
CA ARG B 5 9.13 10.57 8.27
C ARG B 5 9.22 9.87 6.81
N ILE B 6 8.31 8.74 6.59
CA ILE B 6 8.11 7.85 5.29
C ILE B 6 9.45 7.10 4.71
N SER B 7 9.86 6.01 5.52
CA SER B 7 11.09 5.07 5.30
C SER B 7 10.71 3.48 5.29
N SER B 8 9.35 3.16 4.97
CA SER B 8 8.66 1.75 4.99
C SER B 8 9.00 0.79 3.68
N VAL B 9 8.20 -0.39 3.49
CA VAL B 9 8.40 -1.48 2.41
C VAL B 9 7.14 -1.46 1.40
N GLY A 1 -30.72 4.60 -8.38
CA GLY A 1 -29.27 4.74 -8.01
C GLY A 1 -28.35 3.94 -8.92
N ALA A 2 -27.76 4.66 -9.99
CA ALA A 2 -26.79 4.11 -11.05
C ALA A 2 -25.27 4.56 -10.84
N MET A 3 -24.28 3.66 -11.39
CA MET A 3 -22.73 3.76 -11.39
C MET A 3 -21.99 3.31 -10.11
N GLU A 4 -21.10 2.27 -10.33
CA GLU A 4 -20.16 1.56 -9.33
C GLU A 4 -18.62 1.64 -9.69
N MET A 5 -17.75 1.71 -8.56
CA MET A 5 -16.19 1.78 -8.56
C MET A 5 -15.44 0.39 -8.97
N GLU A 6 -14.09 0.51 -9.38
CA GLU A 6 -13.22 -0.63 -9.98
C GLU A 6 -11.96 -1.01 -9.11
N TYR A 7 -11.90 -2.34 -8.69
CA TYR A 7 -10.81 -2.98 -7.79
C TYR A 7 -9.86 -3.98 -8.59
N GLU A 8 -8.49 -3.99 -8.15
CA GLU A 8 -7.36 -4.84 -8.78
C GLU A 8 -6.54 -5.64 -7.66
N GLU A 9 -6.27 -7.01 -7.97
CA GLU A 9 -5.45 -7.99 -7.12
C GLU A 9 -4.01 -8.31 -7.78
N ILE A 10 -2.88 -7.84 -7.05
CA ILE A 10 -1.40 -8.01 -7.51
C ILE A 10 -0.60 -9.03 -6.51
N THR A 11 0.32 -9.91 -7.16
CA THR A 11 1.35 -10.83 -6.48
C THR A 11 2.84 -10.40 -6.75
N LEU A 12 3.57 -10.16 -5.58
CA LEU A 12 5.05 -9.79 -5.47
C LEU A 12 5.86 -10.84 -4.60
N GLU A 13 7.22 -10.99 -4.97
CA GLU A 13 8.26 -11.83 -4.22
C GLU A 13 9.15 -10.86 -3.31
N ARG A 14 9.26 -11.25 -1.94
CA ARG A 14 9.96 -10.49 -0.79
C ARG A 14 11.55 -10.34 -0.95
N GLY A 15 11.95 -9.04 -1.37
CA GLY A 15 13.40 -8.54 -1.49
C GLY A 15 14.34 -9.16 -2.58
N ASN A 16 14.29 -8.54 -3.84
CA ASN A 16 15.30 -8.77 -5.02
C ASN A 16 16.51 -7.70 -4.94
N SER A 17 16.11 -6.38 -4.57
CA SER A 17 16.98 -5.20 -4.15
C SER A 17 16.60 -4.68 -2.63
N GLY A 18 15.37 -5.20 -2.07
CA GLY A 18 14.73 -4.83 -0.76
C GLY A 18 13.39 -4.06 -0.94
N LEU A 19 12.54 -4.49 -2.05
CA LEU A 19 11.23 -3.87 -2.62
C LEU A 19 11.28 -2.33 -3.05
N GLY A 20 10.66 -2.02 -4.29
CA GLY A 20 10.66 -0.69 -4.97
C GLY A 20 9.43 0.22 -4.73
N PHE A 21 8.99 0.36 -3.35
CA PHE A 21 7.91 1.31 -2.81
C PHE A 21 8.09 1.53 -1.20
N SER A 22 7.28 2.56 -0.56
CA SER A 22 7.07 2.74 0.95
C SER A 22 5.56 3.14 1.24
N ILE A 23 4.95 2.59 2.44
CA ILE A 23 3.46 2.81 2.84
C ILE A 23 3.21 3.73 4.10
N ALA A 24 2.20 4.75 3.93
CA ALA A 24 1.76 5.72 5.02
C ALA A 24 0.32 5.32 5.56
N GLY A 25 0.30 4.99 6.90
CA GLY A 25 -0.89 4.48 7.67
C GLY A 25 -0.68 4.46 9.18
N GLY A 26 -1.85 4.51 9.94
CA GLY A 26 -1.81 4.68 11.44
C GLY A 26 -3.13 4.82 12.19
N THR A 27 -3.17 4.13 13.42
CA THR A 27 -4.22 4.32 14.55
C THR A 27 -3.70 5.24 15.75
N ASP A 28 -2.32 5.11 16.08
CA ASP A 28 -1.58 5.93 17.16
C ASP A 28 -0.66 7.08 16.55
N ASN A 29 0.04 6.77 15.31
CA ASN A 29 0.97 7.68 14.54
C ASN A 29 0.18 8.36 13.22
N PRO A 30 -0.06 9.88 13.13
CA PRO A 30 -0.73 10.57 11.90
C PRO A 30 0.19 10.76 10.57
N HIS A 31 -0.53 11.11 9.37
CA HIS A 31 0.06 11.61 8.08
C HIS A 31 -0.56 13.07 7.72
N ILE A 32 -2.00 13.18 7.74
CA ILE A 32 -2.84 14.37 7.37
C ILE A 32 -4.03 14.61 8.40
N GLY A 33 -3.76 15.59 9.36
CA GLY A 33 -4.73 16.15 10.46
C GLY A 33 -5.37 15.14 11.51
N ASP A 34 -4.64 13.91 11.75
CA ASP A 34 -5.02 12.67 12.61
C ASP A 34 -6.23 11.79 11.97
N ASP A 35 -5.87 11.13 10.78
CA ASP A 35 -6.73 10.21 9.92
C ASP A 35 -6.39 8.60 10.08
N PRO A 36 -7.53 7.56 10.26
CA PRO A 36 -7.30 6.02 10.50
C PRO A 36 -6.82 5.07 9.24
N SER A 37 -7.14 5.52 7.91
CA SER A 37 -6.91 4.73 6.57
C SER A 37 -5.40 4.74 6.02
N ILE A 38 -4.95 3.52 5.38
CA ILE A 38 -3.55 3.25 4.78
C ILE A 38 -3.57 3.52 3.18
N PHE A 39 -2.62 4.45 2.72
CA PHE A 39 -2.40 4.98 1.28
C PHE A 39 -0.86 5.18 0.89
N ILE A 40 -0.56 5.17 -0.53
CA ILE A 40 0.82 5.32 -1.20
C ILE A 40 1.22 6.87 -1.35
N THR A 41 2.59 7.09 -1.17
CA THR A 41 3.35 8.44 -1.21
C THR A 41 4.81 8.32 -1.77
N LYS A 42 5.54 7.06 -1.58
CA LYS A 42 6.94 6.84 -2.07
C LYS A 42 7.02 5.60 -3.07
N ILE A 43 7.59 5.92 -4.32
CA ILE A 43 7.93 4.95 -5.44
C ILE A 43 9.50 5.13 -5.79
N ILE A 44 10.25 3.93 -5.81
CA ILE A 44 11.73 3.79 -6.28
C ILE A 44 11.84 3.72 -7.95
N PRO A 45 12.89 4.56 -8.71
CA PRO A 45 13.08 4.52 -10.26
C PRO A 45 13.64 3.12 -10.92
N GLY A 46 14.37 2.26 -10.05
CA GLY A 46 14.93 0.92 -10.45
C GLY A 46 14.62 -0.27 -9.49
N GLY A 47 13.28 -0.37 -8.99
CA GLY A 47 12.73 -1.49 -8.12
C GLY A 47 11.87 -2.57 -8.87
N ALA A 48 11.33 -3.57 -8.02
CA ALA A 48 10.48 -4.78 -8.43
C ALA A 48 8.92 -4.50 -8.68
N ALA A 49 8.27 -3.51 -7.85
CA ALA A 49 6.79 -3.04 -7.96
C ALA A 49 6.46 -1.95 -9.10
N ALA A 50 7.57 -1.14 -9.54
CA ALA A 50 7.56 -0.07 -10.63
C ALA A 50 7.81 -0.65 -12.12
N GLN A 51 8.83 -1.67 -12.25
CA GLN A 51 9.22 -2.42 -13.54
C GLN A 51 8.42 -3.78 -13.80
N ASP A 52 8.47 -4.82 -12.77
CA ASP A 52 7.87 -6.24 -12.87
C ASP A 52 6.36 -6.46 -12.37
N GLY A 53 5.89 -5.66 -11.27
CA GLY A 53 4.53 -5.82 -10.55
C GLY A 53 3.30 -5.08 -11.15
N ARG A 54 3.47 -3.70 -11.47
CA ARG A 54 2.45 -2.64 -12.07
C ARG A 54 1.54 -1.85 -11.01
N LEU A 55 2.29 -1.27 -9.95
CA LEU A 55 1.80 -0.34 -8.89
C LEU A 55 2.41 1.13 -9.06
N ARG A 56 1.44 2.12 -9.06
CA ARG A 56 1.63 3.64 -9.01
C ARG A 56 1.09 4.23 -7.61
N VAL A 57 1.57 5.51 -7.22
CA VAL A 57 1.12 6.39 -5.92
C VAL A 57 -0.46 6.64 -5.76
N ASN A 58 -1.13 6.68 -6.99
CA ASN A 58 -2.54 6.91 -7.26
C ASN A 58 -3.43 5.49 -7.29
N ASP A 59 -2.74 4.24 -6.86
CA ASP A 59 -3.45 2.85 -6.79
C ASP A 59 -4.15 2.53 -5.40
N SER A 60 -3.48 3.01 -4.17
CA SER A 60 -3.96 2.91 -2.66
C SER A 60 -4.54 1.50 -2.18
N ILE A 61 -3.84 0.85 -1.14
CA ILE A 61 -4.18 -0.57 -0.59
C ILE A 61 -5.34 -0.49 0.54
N LEU A 62 -6.41 -1.42 0.34
CA LEU A 62 -7.49 -1.73 1.37
C LEU A 62 -7.16 -3.02 2.20
N PHE A 63 -6.68 -4.16 1.46
CA PHE A 63 -6.39 -5.54 2.07
C PHE A 63 -5.02 -6.11 1.70
N VAL A 64 -4.14 -6.41 2.78
CA VAL A 64 -2.69 -6.91 2.55
C VAL A 64 -2.42 -8.30 3.18
N ASN A 65 -1.81 -9.30 2.35
CA ASN A 65 -1.60 -10.88 2.65
C ASN A 65 -3.04 -11.72 2.55
N GLU A 66 -4.18 -10.92 2.17
CA GLU A 66 -5.73 -11.18 2.33
C GLU A 66 -6.28 -10.73 3.80
N VAL A 67 -5.39 -9.85 4.57
CA VAL A 67 -5.64 -9.30 5.98
C VAL A 67 -6.34 -7.90 5.97
N ASP A 68 -7.05 -7.63 7.16
CA ASP A 68 -7.81 -6.40 7.45
C ASP A 68 -6.85 -5.29 8.12
N VAL A 69 -6.44 -4.35 7.20
CA VAL A 69 -5.57 -3.10 7.50
C VAL A 69 -6.34 -1.73 7.80
N ARG A 70 -7.71 -1.67 7.41
CA ARG A 70 -8.69 -0.43 7.54
C ARG A 70 -8.68 0.45 8.93
N GLU A 71 -8.26 -0.28 10.11
CA GLU A 71 -8.05 0.23 11.52
C GLU A 71 -6.84 -0.58 12.18
N VAL A 72 -5.56 -0.14 11.77
CA VAL A 72 -4.19 -0.68 12.25
C VAL A 72 -3.12 0.52 12.41
N THR A 73 -1.98 0.22 13.19
CA THR A 73 -0.66 1.06 13.28
C THR A 73 0.30 0.82 12.00
N HIS A 74 1.37 1.75 11.76
CA HIS A 74 2.47 1.66 10.61
C HIS A 74 3.27 0.23 10.59
N SER A 75 3.81 -0.16 11.88
CA SER A 75 4.54 -1.48 12.23
C SER A 75 3.68 -2.81 11.92
N ALA A 76 2.27 -2.71 12.19
CA ALA A 76 1.16 -3.72 11.93
C ALA A 76 0.79 -3.92 10.35
N ALA A 77 1.12 -2.82 9.46
CA ALA A 77 1.00 -2.79 7.93
C ALA A 77 2.32 -3.30 7.17
N VAL A 78 3.57 -3.08 7.84
CA VAL A 78 5.02 -3.59 7.41
C VAL A 78 5.19 -5.20 7.78
N GLU A 79 4.67 -5.65 9.04
CA GLU A 79 4.66 -7.12 9.64
C GLU A 79 3.83 -8.21 8.82
N ALA A 80 2.83 -7.70 7.96
CA ALA A 80 2.05 -8.47 6.89
C ALA A 80 2.98 -8.80 5.60
N LEU A 81 4.04 -7.84 5.35
CA LEU A 81 5.09 -7.89 4.24
C LEU A 81 6.44 -8.60 4.60
N LYS A 82 6.93 -8.38 5.93
CA LYS A 82 8.22 -8.94 6.57
C LYS A 82 8.06 -10.46 7.08
N GLU A 83 6.77 -10.84 7.60
CA GLU A 83 6.42 -12.28 8.20
C GLU A 83 5.93 -13.42 7.24
N ALA A 84 5.33 -13.05 5.99
CA ALA A 84 4.81 -14.08 4.90
C ALA A 84 5.94 -15.08 4.30
N GLY A 85 7.27 -14.59 4.40
CA GLY A 85 8.54 -15.36 4.22
C GLY A 85 9.32 -15.25 2.92
N SER A 86 8.56 -15.11 1.74
CA SER A 86 9.07 -15.14 0.26
C SER A 86 7.96 -14.63 -0.75
N ILE A 87 6.58 -14.91 -0.43
CA ILE A 87 5.38 -14.57 -1.33
C ILE A 87 4.33 -13.71 -0.52
N VAL A 88 4.17 -12.44 -1.05
CA VAL A 88 3.32 -11.30 -0.53
C VAL A 88 2.22 -10.83 -1.61
N ARG A 89 0.94 -10.84 -1.12
CA ARG A 89 -0.37 -10.55 -1.93
C ARG A 89 -1.21 -9.28 -1.47
N LEU A 90 -1.05 -8.13 -2.28
CA LEU A 90 -1.74 -6.77 -2.10
C LEU A 90 -3.06 -6.59 -2.98
N TYR A 91 -4.14 -5.98 -2.30
CA TYR A 91 -5.48 -5.62 -2.87
C TYR A 91 -5.72 -4.07 -2.83
N VAL A 92 -5.75 -3.49 -4.11
CA VAL A 92 -5.84 -1.97 -4.44
C VAL A 92 -7.31 -1.46 -5.00
N MET A 93 -7.52 -0.05 -4.85
CA MET A 93 -8.81 0.75 -5.18
C MET A 93 -8.59 1.97 -6.19
N ARG A 94 -9.29 1.86 -7.41
CA ARG A 94 -9.32 2.84 -8.57
C ARG A 94 -10.82 3.42 -8.72
N ARG A 95 -10.90 4.75 -9.16
CA ARG A 95 -12.15 5.61 -9.33
C ARG A 95 -12.95 5.32 -10.73
N LYS A 96 -14.35 5.37 -10.59
CA LYS A 96 -15.45 5.22 -11.68
C LYS A 96 -15.50 6.42 -12.85
N PRO A 97 -15.57 6.08 -14.35
CA PRO A 97 -15.68 7.16 -15.47
C PRO A 97 -17.16 7.94 -15.60
N PRO A 98 -17.27 9.48 -15.63
CA PRO A 98 -18.62 10.25 -15.80
C PRO A 98 -19.34 10.20 -17.26
N ALA A 99 -18.47 10.17 -18.43
CA ALA A 99 -18.91 10.12 -19.88
C ALA A 99 -18.58 8.74 -20.58
N VAL B 1 2.49 15.36 5.70
CA VAL B 1 3.25 16.63 5.29
C VAL B 1 4.15 17.23 6.44
N VAL B 2 3.44 17.63 7.58
CA VAL B 2 3.99 18.19 8.91
C VAL B 2 3.87 17.11 10.14
N SER B 3 3.33 15.82 9.78
CA SER B 3 2.92 14.68 10.75
C SER B 3 3.55 13.26 10.38
N GLU B 4 4.24 13.17 9.13
CA GLU B 4 4.75 11.94 8.37
C GLU B 4 5.61 10.80 9.23
N ARG B 5 7.09 10.85 9.20
CA ARG B 5 8.12 9.78 9.72
C ARG B 5 7.78 8.29 9.11
N ILE B 6 8.07 8.14 7.72
CA ILE B 6 7.68 6.95 6.84
C ILE B 6 8.71 5.67 6.98
N SER B 7 9.92 5.68 6.19
CA SER B 7 11.10 4.57 6.12
C SER B 7 10.62 2.99 5.91
N SER B 8 9.32 2.82 5.33
CA SER B 8 8.53 1.50 5.15
C SER B 8 8.94 0.62 3.81
N VAL B 9 8.14 -0.52 3.51
CA VAL B 9 8.40 -1.57 2.39
C VAL B 9 7.20 -1.50 1.30
N GLY A 1 -30.01 0.60 -10.77
CA GLY A 1 -30.28 1.12 -9.39
C GLY A 1 -29.15 2.00 -8.86
N ALA A 2 -28.18 1.31 -8.06
CA ALA A 2 -26.94 1.93 -7.40
C ALA A 2 -25.58 1.51 -8.11
N MET A 3 -24.66 2.59 -8.36
CA MET A 3 -23.28 2.48 -9.02
C MET A 3 -22.07 2.53 -8.01
N GLU A 4 -21.14 1.50 -8.17
CA GLU A 4 -19.88 1.21 -7.31
C GLU A 4 -18.54 1.25 -8.18
N MET A 5 -17.33 1.41 -7.45
CA MET A 5 -15.89 1.53 -8.00
C MET A 5 -15.21 0.12 -8.49
N GLU A 6 -13.97 0.22 -9.21
CA GLU A 6 -13.21 -0.93 -9.88
C GLU A 6 -11.87 -1.30 -9.12
N TYR A 7 -11.88 -2.58 -8.55
CA TYR A 7 -10.79 -3.19 -7.64
C TYR A 7 -9.83 -4.18 -8.40
N GLU A 8 -8.45 -4.11 -7.99
CA GLU A 8 -7.32 -4.93 -8.63
C GLU A 8 -6.50 -5.73 -7.50
N GLU A 9 -6.25 -7.09 -7.81
CA GLU A 9 -5.43 -8.07 -6.97
C GLU A 9 -4.01 -8.39 -7.64
N ILE A 10 -2.88 -7.92 -6.92
CA ILE A 10 -1.41 -8.10 -7.38
C ILE A 10 -0.66 -9.12 -6.36
N THR A 11 0.22 -10.04 -6.99
CA THR A 11 1.15 -11.02 -6.29
C THR A 11 2.65 -10.72 -6.76
N LEU A 12 3.51 -10.40 -5.70
CA LEU A 12 4.99 -10.08 -5.78
C LEU A 12 5.85 -11.12 -4.98
N GLU A 13 7.09 -11.46 -5.58
CA GLU A 13 8.21 -12.22 -4.89
C GLU A 13 9.27 -11.21 -4.28
N ARG A 14 9.68 -11.52 -2.99
CA ARG A 14 10.58 -10.69 -2.05
C ARG A 14 12.07 -10.46 -2.52
N GLY A 15 12.31 -9.12 -2.96
CA GLY A 15 13.62 -8.60 -3.57
C GLY A 15 14.80 -8.29 -2.59
N ASN A 16 16.01 -7.92 -3.24
CA ASN A 16 17.38 -7.58 -2.57
C ASN A 16 17.51 -6.04 -2.09
N SER A 17 16.72 -5.08 -2.79
CA SER A 17 16.66 -3.57 -2.53
C SER A 17 15.48 -3.08 -1.51
N GLY A 18 14.34 -3.96 -1.33
CA GLY A 18 13.17 -3.67 -0.43
C GLY A 18 11.87 -3.42 -1.21
N LEU A 19 11.69 -4.26 -2.36
CA LEU A 19 10.49 -4.38 -3.37
C LEU A 19 10.26 -3.20 -4.41
N GLY A 20 10.78 -1.94 -4.07
CA GLY A 20 10.75 -0.70 -4.96
C GLY A 20 9.60 0.31 -4.71
N PHE A 21 9.05 0.38 -3.37
CA PHE A 21 7.98 1.34 -2.85
C PHE A 21 8.12 1.52 -1.25
N SER A 22 7.36 2.57 -0.61
CA SER A 22 7.19 2.74 0.88
C SER A 22 5.68 3.08 1.23
N ILE A 23 5.16 2.51 2.44
CA ILE A 23 3.67 2.65 2.95
C ILE A 23 3.39 3.30 4.34
N ALA A 24 2.46 4.40 4.28
CA ALA A 24 2.04 5.25 5.48
C ALA A 24 0.61 4.86 6.00
N GLY A 25 0.51 4.66 7.38
CA GLY A 25 -0.76 4.29 8.12
C GLY A 25 -0.74 4.67 9.62
N GLY A 26 -1.98 4.61 10.28
CA GLY A 26 -2.08 4.88 11.76
C GLY A 26 -3.45 4.87 12.41
N THR A 27 -3.57 4.01 13.52
CA THR A 27 -4.70 4.09 14.60
C THR A 27 -4.25 4.88 15.91
N ASP A 28 -2.86 4.81 16.25
CA ASP A 28 -2.20 5.55 17.42
C ASP A 28 -1.24 6.75 16.95
N ASN A 29 -0.48 6.52 15.76
CA ASN A 29 0.53 7.48 15.10
C ASN A 29 -0.07 8.29 13.80
N PRO A 30 0.30 9.77 13.52
CA PRO A 30 -0.18 10.57 12.24
C PRO A 30 0.27 10.03 10.74
N HIS A 31 -0.50 10.54 9.66
CA HIS A 31 -0.26 10.39 8.17
C HIS A 31 -0.11 11.86 7.47
N ILE A 32 -1.20 12.79 7.66
CA ILE A 32 -1.41 14.12 6.98
C ILE A 32 -1.58 15.37 8.06
N GLY A 33 -1.04 15.13 9.33
CA GLY A 33 -1.28 15.95 10.56
C GLY A 33 -1.71 15.11 11.77
N ASP A 34 -2.92 14.36 11.59
CA ASP A 34 -3.64 13.34 12.53
C ASP A 34 -4.87 12.68 11.69
N ASP A 35 -4.48 11.63 10.80
CA ASP A 35 -5.45 10.80 9.91
C ASP A 35 -5.58 9.20 10.41
N PRO A 36 -6.95 8.47 10.39
CA PRO A 36 -7.15 6.96 10.72
C PRO A 36 -6.77 5.84 9.55
N SER A 37 -6.72 6.28 8.19
CA SER A 37 -6.55 5.38 6.93
C SER A 37 -5.05 5.22 6.38
N ILE A 38 -4.76 3.94 5.75
CA ILE A 38 -3.45 3.49 5.03
C ILE A 38 -3.56 3.88 3.42
N PHE A 39 -2.46 4.62 2.90
CA PHE A 39 -2.24 5.04 1.41
C PHE A 39 -0.68 4.90 1.00
N ILE A 40 -0.41 4.97 -0.43
CA ILE A 40 0.96 5.10 -1.09
C ILE A 40 1.32 6.67 -1.21
N THR A 41 2.64 6.94 -0.93
CA THR A 41 3.32 8.33 -0.84
C THR A 41 4.79 8.35 -1.41
N LYS A 42 5.55 7.09 -1.40
CA LYS A 42 6.96 6.97 -1.95
C LYS A 42 7.06 5.75 -2.97
N ILE A 43 7.64 6.10 -4.22
CA ILE A 43 7.98 5.17 -5.36
C ILE A 43 9.55 5.35 -5.73
N ILE A 44 10.27 4.14 -5.82
CA ILE A 44 11.74 4.01 -6.27
C ILE A 44 11.80 3.86 -7.95
N PRO A 45 12.75 4.76 -8.77
CA PRO A 45 12.88 4.71 -10.33
C PRO A 45 13.45 3.33 -11.01
N GLY A 46 14.21 2.47 -10.17
CA GLY A 46 14.79 1.14 -10.59
C GLY A 46 14.48 -0.07 -9.65
N GLY A 47 13.15 -0.16 -9.08
CA GLY A 47 12.62 -1.32 -8.26
C GLY A 47 11.81 -2.42 -9.05
N ALA A 48 11.30 -3.45 -8.23
CA ALA A 48 10.52 -4.71 -8.65
C ALA A 48 8.94 -4.49 -8.93
N ALA A 49 8.23 -3.57 -8.08
CA ALA A 49 6.73 -3.15 -8.16
C ALA A 49 6.38 -2.00 -9.25
N ALA A 50 7.46 -1.10 -9.57
CA ALA A 50 7.43 0.06 -10.59
C ALA A 50 7.69 -0.41 -12.11
N GLN A 51 8.71 -1.41 -12.32
CA GLN A 51 9.11 -2.07 -13.65
C GLN A 51 8.30 -3.43 -13.99
N ASP A 52 8.37 -4.53 -13.03
CA ASP A 52 7.75 -5.93 -13.18
C ASP A 52 6.26 -6.13 -12.60
N GLY A 53 5.86 -5.33 -11.46
CA GLY A 53 4.56 -5.47 -10.65
C GLY A 53 3.27 -4.79 -11.20
N ARG A 54 3.42 -3.50 -11.85
CA ARG A 54 2.32 -2.56 -12.53
C ARG A 54 1.59 -1.52 -11.53
N LEU A 55 2.26 -1.29 -10.28
CA LEU A 55 1.80 -0.39 -9.18
C LEU A 55 2.39 1.11 -9.32
N ARG A 56 1.39 2.06 -9.25
CA ARG A 56 1.54 3.58 -9.17
C ARG A 56 1.07 4.11 -7.74
N VAL A 57 1.64 5.33 -7.32
CA VAL A 57 1.39 6.12 -5.99
C VAL A 57 -0.18 6.50 -5.66
N ASN A 58 -0.97 6.61 -6.81
CA ASN A 58 -2.41 6.92 -6.91
C ASN A 58 -3.35 5.54 -6.94
N ASP A 59 -2.69 4.24 -6.65
CA ASP A 59 -3.45 2.87 -6.62
C ASP A 59 -4.15 2.49 -5.23
N SER A 60 -3.46 2.93 -4.01
CA SER A 60 -3.91 2.81 -2.49
C SER A 60 -4.48 1.40 -2.02
N ILE A 61 -3.77 0.76 -0.98
CA ILE A 61 -4.10 -0.65 -0.41
C ILE A 61 -5.28 -0.56 0.70
N LEU A 62 -6.35 -1.51 0.50
CA LEU A 62 -7.43 -1.83 1.51
C LEU A 62 -7.09 -3.10 2.36
N PHE A 63 -6.61 -4.26 1.63
CA PHE A 63 -6.29 -5.62 2.28
C PHE A 63 -4.91 -6.21 1.91
N VAL A 64 -4.14 -6.69 3.00
CA VAL A 64 -2.78 -7.39 2.83
C VAL A 64 -2.73 -8.84 3.36
N ASN A 65 -2.16 -9.79 2.47
CA ASN A 65 -2.00 -11.35 2.60
C ASN A 65 -3.46 -12.06 2.30
N GLU A 66 -4.41 -11.91 3.35
CA GLU A 66 -5.91 -12.23 3.45
C GLU A 66 -6.53 -11.27 4.66
N VAL A 67 -5.62 -10.30 5.27
CA VAL A 67 -5.84 -9.46 6.51
C VAL A 67 -6.44 -8.04 6.26
N ASP A 68 -7.13 -7.55 7.38
CA ASP A 68 -7.90 -6.29 7.49
C ASP A 68 -6.98 -5.06 7.91
N VAL A 69 -6.63 -4.26 6.82
CA VAL A 69 -5.78 -2.96 6.85
C VAL A 69 -6.72 -1.61 6.67
N ARG A 70 -8.06 -1.85 6.97
CA ARG A 70 -9.20 -0.81 7.10
C ARG A 70 -9.12 0.05 8.45
N GLU A 71 -8.48 -0.59 9.61
CA GLU A 71 -8.32 -0.04 11.02
C GLU A 71 -7.16 -0.80 11.78
N VAL A 72 -5.87 -0.28 11.51
CA VAL A 72 -4.53 -0.74 12.12
C VAL A 72 -3.51 0.51 12.28
N THR A 73 -2.34 0.25 13.05
CA THR A 73 -1.06 1.13 13.13
C THR A 73 -0.12 0.86 11.84
N HIS A 74 0.89 1.83 11.52
CA HIS A 74 1.96 1.70 10.34
C HIS A 74 2.82 0.34 10.36
N SER A 75 3.42 0.07 11.65
CA SER A 75 4.24 -1.20 12.07
C SER A 75 3.45 -2.59 11.86
N ALA A 76 2.03 -2.54 12.16
CA ALA A 76 0.99 -3.64 11.99
C ALA A 76 0.60 -3.98 10.46
N ALA A 77 0.84 -2.92 9.47
CA ALA A 77 0.69 -3.04 7.95
C ALA A 77 2.04 -3.51 7.20
N VAL A 78 3.30 -3.12 7.85
CA VAL A 78 4.77 -3.57 7.42
C VAL A 78 5.05 -5.14 7.87
N GLU A 79 4.55 -5.55 9.15
CA GLU A 79 4.63 -6.95 9.86
C GLU A 79 3.90 -8.12 9.09
N ALA A 80 2.81 -7.73 8.22
CA ALA A 80 2.06 -8.59 7.21
C ALA A 80 2.96 -8.92 5.90
N LEU A 81 3.97 -7.93 5.58
CA LEU A 81 4.97 -7.97 4.45
C LEU A 81 6.37 -8.60 4.80
N LYS A 82 6.78 -8.43 6.15
CA LYS A 82 8.01 -9.03 6.83
C LYS A 82 7.77 -10.54 7.36
N GLU A 83 6.38 -10.93 7.65
CA GLU A 83 5.93 -12.38 8.07
C GLU A 83 5.92 -13.53 6.97
N ALA A 84 5.33 -13.19 5.69
CA ALA A 84 5.09 -14.16 4.51
C ALA A 84 6.44 -14.83 3.88
N GLY A 85 7.63 -14.12 4.18
CA GLY A 85 9.06 -14.54 3.97
C GLY A 85 9.75 -14.45 2.61
N SER A 86 8.93 -14.71 1.48
CA SER A 86 9.40 -14.93 0.03
C SER A 86 8.26 -14.56 -1.02
N ILE A 87 6.90 -14.78 -0.63
CA ILE A 87 5.66 -14.57 -1.51
C ILE A 87 4.62 -13.68 -0.74
N VAL A 88 4.56 -12.36 -1.20
CA VAL A 88 3.65 -11.26 -0.65
C VAL A 88 2.52 -10.77 -1.67
N ARG A 89 1.20 -10.96 -1.20
CA ARG A 89 -0.11 -10.64 -1.98
C ARG A 89 -0.97 -9.43 -1.40
N LEU A 90 -0.94 -8.27 -2.18
CA LEU A 90 -1.65 -6.94 -1.95
C LEU A 90 -2.98 -6.75 -2.80
N TYR A 91 -4.03 -6.09 -2.12
CA TYR A 91 -5.40 -5.74 -2.68
C TYR A 91 -5.63 -4.17 -2.64
N VAL A 92 -5.68 -3.60 -3.93
CA VAL A 92 -5.79 -2.07 -4.26
C VAL A 92 -7.26 -1.57 -4.83
N MET A 93 -7.49 -0.17 -4.71
CA MET A 93 -8.79 0.61 -5.05
C MET A 93 -8.59 1.82 -6.10
N ARG A 94 -9.32 1.67 -7.31
CA ARG A 94 -9.37 2.64 -8.51
C ARG A 94 -10.87 3.08 -8.79
N ARG A 95 -11.04 4.39 -9.28
CA ARG A 95 -12.37 5.14 -9.59
C ARG A 95 -13.18 4.63 -10.89
N LYS A 96 -14.58 4.64 -10.72
CA LYS A 96 -15.69 4.19 -11.73
C LYS A 96 -15.82 5.06 -13.15
N PRO A 97 -16.13 4.36 -14.51
CA PRO A 97 -16.32 5.13 -15.86
C PRO A 97 -17.68 6.10 -16.00
N PRO A 98 -17.73 7.32 -16.95
CA PRO A 98 -18.99 8.24 -17.14
C PRO A 98 -20.29 7.55 -17.83
N ALA A 99 -21.55 7.96 -17.27
CA ALA A 99 -22.94 7.47 -17.71
C ALA A 99 -23.74 8.57 -18.54
N VAL B 1 2.21 20.31 8.71
CA VAL B 1 1.36 19.11 8.24
C VAL B 1 2.09 17.75 8.07
N VAL B 2 3.41 17.76 7.54
CA VAL B 2 4.23 16.47 7.28
C VAL B 2 4.89 15.71 8.50
N SER B 3 3.91 15.03 9.23
CA SER B 3 4.05 14.13 10.44
C SER B 3 3.45 12.73 10.12
N GLU B 4 4.42 11.71 9.92
CA GLU B 4 4.14 10.23 9.53
C GLU B 4 5.28 9.20 9.95
N ARG B 5 6.63 9.52 9.48
CA ARG B 5 7.91 8.62 9.43
C ARG B 5 7.82 7.57 8.21
N ILE B 6 8.09 8.14 6.93
CA ILE B 6 7.97 7.39 5.58
C ILE B 6 9.38 6.81 5.04
N SER B 7 9.80 5.72 5.79
CA SER B 7 11.06 4.82 5.59
C SER B 7 10.65 3.22 5.50
N SER B 8 9.31 2.96 5.08
CA SER B 8 8.58 1.59 5.03
C SER B 8 8.91 0.66 3.71
N VAL B 9 8.08 -0.50 3.51
CA VAL B 9 8.27 -1.60 2.42
C VAL B 9 7.00 -1.57 1.43
N GLY A 1 -26.19 13.57 -8.44
CA GLY A 1 -25.47 12.76 -9.48
C GLY A 1 -24.89 11.46 -8.93
N ALA A 2 -23.51 11.55 -8.48
CA ALA A 2 -22.58 10.42 -7.87
C ALA A 2 -22.28 9.16 -8.75
N MET A 3 -20.90 8.91 -8.99
CA MET A 3 -20.29 7.71 -9.76
C MET A 3 -19.49 6.73 -8.82
N GLU A 4 -19.61 5.35 -9.17
CA GLU A 4 -19.00 4.14 -8.43
C GLU A 4 -17.49 3.77 -8.88
N MET A 5 -16.81 2.89 -8.02
CA MET A 5 -15.37 2.38 -8.12
C MET A 5 -15.23 0.85 -8.62
N GLU A 6 -13.97 0.52 -9.17
CA GLU A 6 -13.49 -0.82 -9.75
C GLU A 6 -12.09 -1.24 -9.12
N TYR A 7 -12.10 -2.44 -8.39
CA TYR A 7 -10.96 -3.01 -7.51
C TYR A 7 -10.02 -4.06 -8.25
N GLU A 8 -8.63 -4.03 -7.87
CA GLU A 8 -7.53 -4.91 -8.50
C GLU A 8 -6.69 -5.70 -7.38
N GLU A 9 -6.51 -7.09 -7.63
CA GLU A 9 -5.66 -8.07 -6.80
C GLU A 9 -4.29 -8.47 -7.54
N ILE A 10 -3.11 -8.02 -6.91
CA ILE A 10 -1.66 -8.22 -7.45
C ILE A 10 -0.82 -9.22 -6.45
N THR A 11 0.08 -10.09 -7.13
CA THR A 11 1.15 -10.98 -6.48
C THR A 11 2.63 -10.52 -6.82
N LEU A 12 3.39 -10.25 -5.67
CA LEU A 12 4.87 -9.88 -5.60
C LEU A 12 5.72 -10.91 -4.79
N GLU A 13 7.07 -11.06 -5.20
CA GLU A 13 8.14 -11.81 -4.44
C GLU A 13 9.10 -10.83 -3.66
N ARG A 14 9.30 -11.14 -2.26
CA ARG A 14 10.00 -10.29 -1.19
C ARG A 14 11.54 -9.97 -1.53
N GLY A 15 11.76 -8.61 -1.86
CA GLY A 15 13.08 -8.01 -2.37
C GLY A 15 14.29 -7.90 -1.38
N ASN A 16 15.56 -8.03 -2.00
CA ASN A 16 16.96 -7.89 -1.32
C ASN A 16 17.43 -6.37 -1.08
N SER A 17 16.88 -5.39 -1.98
CA SER A 17 17.01 -3.87 -1.87
C SER A 17 15.79 -3.20 -1.03
N GLY A 18 14.57 -3.97 -0.91
CA GLY A 18 13.38 -3.61 -0.06
C GLY A 18 12.13 -3.25 -0.87
N LEU A 19 11.70 -4.25 -1.83
CA LEU A 19 10.51 -4.21 -2.82
C LEU A 19 10.48 -3.15 -4.00
N GLY A 20 10.83 -1.82 -3.68
CA GLY A 20 10.90 -0.66 -4.67
C GLY A 20 9.76 0.39 -4.55
N PHE A 21 9.15 0.55 -3.25
CA PHE A 21 8.07 1.54 -2.83
C PHE A 21 8.17 1.78 -1.23
N SER A 22 7.45 2.88 -0.66
CA SER A 22 7.25 3.10 0.86
C SER A 22 5.73 3.44 1.19
N ILE A 23 5.22 2.94 2.44
CA ILE A 23 3.73 3.07 2.93
C ILE A 23 3.40 3.82 4.25
N ALA A 24 2.43 4.87 4.09
CA ALA A 24 1.98 5.82 5.18
C ALA A 24 0.52 5.54 5.69
N GLY A 25 0.45 5.22 7.05
CA GLY A 25 -0.80 4.86 7.79
C GLY A 25 -0.58 4.58 9.29
N GLY A 26 -1.73 4.63 10.08
CA GLY A 26 -1.71 4.50 11.60
C GLY A 26 -3.05 4.71 12.33
N THR A 27 -3.16 4.01 13.55
CA THR A 27 -4.30 4.19 14.62
C THR A 27 -3.89 5.14 15.84
N ASP A 28 -2.55 4.99 16.32
CA ASP A 28 -1.89 5.83 17.41
C ASP A 28 -0.91 6.96 16.82
N ASN A 29 -0.14 6.61 15.64
CA ASN A 29 0.82 7.49 14.86
C ASN A 29 0.11 8.07 13.48
N PRO A 30 -0.25 9.55 13.32
CA PRO A 30 -0.97 10.14 12.05
C PRO A 30 -0.13 10.23 10.67
N HIS A 31 -0.94 10.23 9.49
CA HIS A 31 -0.50 10.51 8.08
C HIS A 31 -0.88 12.01 7.62
N ILE A 32 -2.26 12.37 7.69
CA ILE A 32 -2.91 13.60 7.11
C ILE A 32 -3.19 14.82 8.20
N GLY A 33 -3.29 14.41 9.52
CA GLY A 33 -3.66 15.27 10.70
C GLY A 33 -3.83 14.48 12.00
N ASP A 34 -4.93 13.54 12.05
CA ASP A 34 -5.36 12.61 13.25
C ASP A 34 -6.16 11.23 12.80
N ASP A 35 -6.23 10.91 11.42
CA ASP A 35 -7.12 9.84 10.75
C ASP A 35 -6.55 8.28 10.74
N PRO A 36 -7.54 7.07 10.92
CA PRO A 36 -7.10 5.56 10.93
C PRO A 36 -6.64 4.83 9.52
N SER A 37 -6.97 5.49 8.29
CA SER A 37 -6.74 4.93 6.83
C SER A 37 -5.22 4.99 6.27
N ILE A 38 -4.78 3.82 5.55
CA ILE A 38 -3.38 3.61 4.93
C ILE A 38 -3.43 3.91 3.32
N PHE A 39 -2.44 4.81 2.85
CA PHE A 39 -2.22 5.34 1.41
C PHE A 39 -0.67 5.23 0.96
N ILE A 40 -0.43 5.19 -0.48
CA ILE A 40 0.95 5.32 -1.17
C ILE A 40 1.33 6.89 -1.34
N THR A 41 2.68 7.16 -1.18
CA THR A 41 3.40 8.54 -1.24
C THR A 41 4.85 8.47 -1.86
N LYS A 42 5.59 7.22 -1.72
CA LYS A 42 6.95 6.96 -2.29
C LYS A 42 6.99 5.74 -3.28
N ILE A 43 7.57 6.07 -4.52
CA ILE A 43 7.93 5.12 -5.64
C ILE A 43 9.46 5.37 -6.03
N ILE A 44 10.27 4.22 -5.99
CA ILE A 44 11.73 4.08 -6.46
C ILE A 44 11.79 3.87 -8.13
N PRO A 45 12.69 4.76 -9.01
CA PRO A 45 12.81 4.63 -10.58
C PRO A 45 13.40 3.23 -11.18
N GLY A 46 14.20 2.45 -10.30
CA GLY A 46 14.82 1.13 -10.64
C GLY A 46 14.55 -0.05 -9.64
N GLY A 47 13.25 -0.11 -9.02
CA GLY A 47 12.75 -1.25 -8.13
C GLY A 47 11.95 -2.40 -8.87
N ALA A 48 11.49 -3.42 -8.00
CA ALA A 48 10.73 -4.71 -8.37
C ALA A 48 9.14 -4.54 -8.61
N ALA A 49 8.42 -3.63 -7.75
CA ALA A 49 6.91 -3.26 -7.84
C ALA A 49 6.51 -2.14 -8.95
N ALA A 50 7.59 -1.30 -9.41
CA ALA A 50 7.52 -0.19 -10.47
C ALA A 50 7.78 -0.73 -11.97
N GLN A 51 8.85 -1.69 -12.15
CA GLN A 51 9.25 -2.39 -13.47
C GLN A 51 8.49 -3.77 -13.73
N ASP A 52 8.57 -4.80 -12.71
CA ASP A 52 7.96 -6.22 -12.79
C ASP A 52 6.47 -6.39 -12.19
N GLY A 53 6.04 -5.45 -11.20
CA GLY A 53 4.72 -5.50 -10.41
C GLY A 53 3.46 -4.79 -11.03
N ARG A 54 3.67 -3.48 -11.62
CA ARG A 54 2.63 -2.49 -12.33
C ARG A 54 1.89 -1.42 -11.37
N LEU A 55 2.41 -1.32 -10.04
CA LEU A 55 1.91 -0.39 -8.94
C LEU A 55 2.56 1.10 -8.99
N ARG A 56 1.58 2.09 -9.03
CA ARG A 56 1.76 3.61 -8.96
C ARG A 56 1.16 4.20 -7.58
N VAL A 57 1.62 5.49 -7.18
CA VAL A 57 1.15 6.39 -5.91
C VAL A 57 -0.44 6.59 -5.74
N ASN A 58 -1.11 6.61 -6.96
CA ASN A 58 -2.54 6.82 -7.22
C ASN A 58 -3.41 5.41 -7.22
N ASP A 59 -2.71 4.18 -6.79
CA ASP A 59 -3.40 2.80 -6.69
C ASP A 59 -4.05 2.47 -5.28
N SER A 60 -3.33 2.92 -4.06
CA SER A 60 -3.74 2.80 -2.54
C SER A 60 -4.27 1.36 -2.07
N ILE A 61 -3.53 0.75 -1.02
CA ILE A 61 -3.84 -0.65 -0.42
C ILE A 61 -4.94 -0.52 0.75
N LEU A 62 -6.08 -1.35 0.57
CA LEU A 62 -7.17 -1.59 1.61
C LEU A 62 -6.88 -2.89 2.45
N PHE A 63 -6.47 -4.06 1.70
CA PHE A 63 -6.22 -5.44 2.33
C PHE A 63 -4.88 -6.06 1.90
N VAL A 64 -4.05 -6.57 2.94
CA VAL A 64 -2.69 -7.29 2.66
C VAL A 64 -2.73 -8.73 3.25
N ASN A 65 -2.28 -9.79 2.40
CA ASN A 65 -2.27 -11.38 2.66
C ASN A 65 -3.80 -12.05 2.60
N GLU A 66 -4.88 -11.13 2.31
CA GLU A 66 -6.43 -11.25 2.57
C GLU A 66 -6.86 -10.68 4.03
N VAL A 67 -5.80 -10.04 4.82
CA VAL A 67 -5.90 -9.44 6.22
C VAL A 67 -6.38 -7.93 6.21
N ASP A 68 -7.04 -7.57 7.39
CA ASP A 68 -7.70 -6.28 7.67
C ASP A 68 -6.75 -5.16 8.24
N VAL A 69 -6.24 -4.35 7.23
CA VAL A 69 -5.30 -3.14 7.38
C VAL A 69 -6.09 -1.73 7.51
N ARG A 70 -7.48 -1.79 7.31
CA ARG A 70 -8.53 -0.63 7.38
C ARG A 70 -8.65 0.08 8.89
N GLU A 71 -8.03 -0.64 10.01
CA GLU A 71 -7.97 -0.21 11.50
C GLU A 71 -6.75 -1.00 12.20
N VAL A 72 -5.50 -0.45 11.91
CA VAL A 72 -4.11 -0.93 12.42
C VAL A 72 -3.12 0.33 12.65
N THR A 73 -1.98 0.07 13.44
CA THR A 73 -0.72 0.98 13.57
C THR A 73 0.27 0.83 12.28
N HIS A 74 1.26 1.84 12.09
CA HIS A 74 2.41 1.94 11.02
C HIS A 74 3.26 0.54 10.88
N SER A 75 3.89 0.07 12.09
CA SER A 75 4.72 -1.21 12.26
C SER A 75 3.85 -2.57 12.01
N ALA A 76 2.44 -2.48 12.33
CA ALA A 76 1.35 -3.55 12.13
C ALA A 76 0.87 -3.72 10.59
N ALA A 77 1.11 -2.58 9.69
CA ALA A 77 0.89 -2.58 8.18
C ALA A 77 2.18 -3.01 7.37
N VAL A 78 3.47 -2.73 7.98
CA VAL A 78 4.90 -3.25 7.48
C VAL A 78 5.07 -4.86 7.81
N GLU A 79 4.53 -5.32 9.06
CA GLU A 79 4.45 -6.77 9.64
C GLU A 79 3.71 -7.81 8.74
N ALA A 80 2.74 -7.30 7.82
CA ALA A 80 1.94 -8.08 6.79
C ALA A 80 2.84 -8.49 5.50
N LEU A 81 3.92 -7.57 5.25
CA LEU A 81 4.96 -7.59 4.15
C LEU A 81 6.29 -8.36 4.57
N LYS A 82 6.69 -8.21 5.94
CA LYS A 82 7.88 -8.88 6.63
C LYS A 82 7.58 -10.36 7.18
N GLU A 83 6.20 -10.67 7.55
CA GLU A 83 5.70 -12.10 8.02
C GLU A 83 5.65 -13.26 6.96
N ALA A 84 5.12 -12.92 5.66
CA ALA A 84 4.87 -13.91 4.51
C ALA A 84 6.19 -14.64 3.90
N GLY A 85 7.41 -13.97 4.23
CA GLY A 85 8.83 -14.46 4.05
C GLY A 85 9.54 -14.43 2.71
N SER A 86 8.75 -14.68 1.58
CA SER A 86 9.23 -14.94 0.14
C SER A 86 8.15 -14.49 -0.90
N ILE A 87 6.76 -14.69 -0.57
CA ILE A 87 5.56 -14.33 -1.46
C ILE A 87 4.51 -13.48 -0.63
N VAL A 88 4.26 -12.24 -1.19
CA VAL A 88 3.28 -11.17 -0.66
C VAL A 88 2.10 -10.84 -1.68
N ARG A 89 0.80 -11.05 -1.17
CA ARG A 89 -0.52 -10.83 -1.94
C ARG A 89 -1.36 -9.58 -1.42
N LEU A 90 -1.20 -8.43 -2.21
CA LEU A 90 -1.79 -7.05 -1.97
C LEU A 90 -3.10 -6.75 -2.82
N TYR A 91 -4.09 -6.04 -2.11
CA TYR A 91 -5.44 -5.61 -2.64
C TYR A 91 -5.60 -4.06 -2.60
N VAL A 92 -5.65 -3.51 -3.90
CA VAL A 92 -5.73 -2.00 -4.27
C VAL A 92 -7.20 -1.48 -4.80
N MET A 93 -7.39 -0.08 -4.68
CA MET A 93 -8.67 0.74 -5.01
C MET A 93 -8.45 1.86 -6.15
N ARG A 94 -9.09 1.60 -7.38
CA ARG A 94 -9.05 2.44 -8.65
C ARG A 94 -10.54 2.97 -8.99
N ARG A 95 -10.60 4.23 -9.59
CA ARG A 95 -11.88 4.99 -10.05
C ARG A 95 -12.18 4.87 -11.60
N LYS A 96 -13.57 4.80 -11.94
CA LYS A 96 -14.22 4.64 -13.36
C LYS A 96 -13.97 5.89 -14.43
N PRO A 97 -13.49 5.61 -15.88
CA PRO A 97 -13.24 6.71 -16.96
C PRO A 97 -14.52 7.66 -17.51
N PRO A 98 -15.99 7.15 -17.70
CA PRO A 98 -17.20 8.01 -18.28
C PRO A 98 -17.40 9.57 -17.83
N ALA A 99 -17.05 9.93 -16.45
CA ALA A 99 -17.12 11.34 -15.74
C ALA A 99 -18.53 12.08 -15.71
N VAL B 1 1.55 17.35 2.68
CA VAL B 1 1.35 16.46 3.87
C VAL B 1 2.32 16.84 5.08
N VAL B 2 1.61 17.10 6.24
CA VAL B 2 2.09 17.81 7.51
C VAL B 2 2.54 16.84 8.79
N SER B 3 2.17 15.45 8.77
CA SER B 3 2.25 14.54 10.06
C SER B 3 3.45 13.51 10.20
N GLU B 4 3.98 12.93 9.02
CA GLU B 4 4.96 11.75 8.96
C GLU B 4 6.48 12.14 8.43
N ARG B 5 7.43 11.07 8.45
CA ARG B 5 8.88 11.09 7.92
C ARG B 5 9.08 10.30 6.52
N ILE B 6 8.37 9.04 6.35
CA ILE B 6 8.38 8.06 5.14
C ILE B 6 9.71 7.17 4.95
N SER B 7 9.77 6.04 5.78
CA SER B 7 10.94 5.00 5.90
C SER B 7 10.50 3.43 5.70
N SER B 8 9.14 3.20 5.31
CA SER B 8 8.41 1.82 5.21
C SER B 8 8.74 0.92 3.88
N VAL B 9 8.01 -0.33 3.74
CA VAL B 9 8.13 -1.33 2.57
C VAL B 9 6.76 -1.24 1.72
N GLY A 1 -25.10 10.59 -15.92
CA GLY A 1 -26.07 10.23 -14.85
C GLY A 1 -25.39 9.84 -13.54
N ALA A 2 -25.26 8.43 -13.34
CA ALA A 2 -24.61 7.74 -12.12
C ALA A 2 -23.21 7.08 -12.46
N MET A 3 -22.15 7.43 -11.59
CA MET A 3 -20.69 6.94 -11.66
C MET A 3 -20.28 5.98 -10.48
N GLU A 4 -19.73 4.75 -10.92
CA GLU A 4 -19.22 3.60 -10.04
C GLU A 4 -17.63 3.37 -10.04
N MET A 5 -17.12 2.70 -8.91
CA MET A 5 -15.67 2.31 -8.62
C MET A 5 -15.29 0.81 -9.04
N GLU A 6 -13.96 0.64 -9.46
CA GLU A 6 -13.30 -0.67 -9.98
C GLU A 6 -11.98 -1.07 -9.20
N TYR A 7 -12.01 -2.32 -8.58
CA TYR A 7 -10.91 -2.92 -7.65
C TYR A 7 -9.93 -3.90 -8.39
N GLU A 8 -8.56 -3.79 -7.99
CA GLU A 8 -7.40 -4.58 -8.63
C GLU A 8 -6.58 -5.38 -7.52
N GLU A 9 -6.38 -6.75 -7.82
CA GLU A 9 -5.60 -7.78 -6.98
C GLU A 9 -4.20 -8.17 -7.63
N ILE A 10 -3.07 -7.72 -6.91
CA ILE A 10 -1.59 -7.98 -7.31
C ILE A 10 -0.88 -8.92 -6.19
N THR A 11 -0.08 -9.95 -6.73
CA THR A 11 0.81 -10.93 -5.96
C THR A 11 2.35 -10.68 -6.42
N LEU A 12 3.21 -10.33 -5.37
CA LEU A 12 4.70 -10.05 -5.43
C LEU A 12 5.57 -11.13 -4.67
N GLU A 13 6.87 -11.35 -5.20
CA GLU A 13 8.00 -12.14 -4.52
C GLU A 13 9.12 -11.13 -4.00
N ARG A 14 9.45 -11.25 -2.63
CA ARG A 14 10.34 -10.34 -1.73
C ARG A 14 11.79 -9.96 -2.38
N GLY A 15 11.91 -8.58 -2.74
CA GLY A 15 13.13 -7.93 -3.44
C GLY A 15 14.50 -7.86 -2.64
N ASN A 16 15.62 -7.49 -3.42
CA ASN A 16 17.12 -7.35 -2.93
C ASN A 16 17.42 -6.07 -2.01
N SER A 17 16.67 -4.90 -2.30
CA SER A 17 16.66 -3.57 -1.53
C SER A 17 15.41 -3.41 -0.50
N GLY A 18 14.28 -4.29 -0.72
CA GLY A 18 12.98 -4.29 0.05
C GLY A 18 11.81 -3.84 -0.83
N LEU A 19 11.59 -4.68 -1.98
CA LEU A 19 10.64 -4.49 -3.17
C LEU A 19 11.03 -3.33 -4.18
N GLY A 20 10.52 -2.06 -3.91
CA GLY A 20 10.76 -0.83 -4.75
C GLY A 20 9.65 0.22 -4.65
N PHE A 21 9.09 0.43 -3.33
CA PHE A 21 8.03 1.42 -2.88
C PHE A 21 8.20 1.67 -1.28
N SER A 22 7.46 2.77 -0.67
CA SER A 22 7.32 3.00 0.83
C SER A 22 5.83 3.37 1.20
N ILE A 23 5.33 2.90 2.46
CA ILE A 23 3.85 3.06 2.96
C ILE A 23 3.57 3.80 4.29
N ALA A 24 2.61 4.87 4.16
CA ALA A 24 2.13 5.75 5.30
C ALA A 24 0.63 5.40 5.69
N GLY A 25 0.50 4.93 6.99
CA GLY A 25 -0.78 4.40 7.62
C GLY A 25 -0.68 4.27 9.15
N GLY A 26 -1.90 4.29 9.83
CA GLY A 26 -1.98 4.38 11.34
C GLY A 26 -3.36 4.51 11.99
N THR A 27 -3.43 3.95 13.28
CA THR A 27 -4.55 4.18 14.33
C THR A 27 -4.14 5.21 15.48
N ASP A 28 -2.81 5.07 15.99
CA ASP A 28 -2.15 5.97 17.05
C ASP A 28 -1.11 7.04 16.44
N ASN A 29 -0.40 6.62 15.24
CA ASN A 29 0.62 7.44 14.46
C ASN A 29 -0.03 8.14 13.11
N PRO A 30 -0.34 9.65 13.06
CA PRO A 30 -0.91 10.39 11.80
C PRO A 30 0.12 10.64 10.55
N HIS A 31 -0.48 11.10 9.33
CA HIS A 31 0.23 11.59 8.09
C HIS A 31 -0.28 13.07 7.65
N ILE A 32 -1.68 13.25 7.56
CA ILE A 32 -2.43 14.45 6.92
C ILE A 32 -3.31 15.35 7.96
N GLY A 33 -3.19 14.97 9.29
CA GLY A 33 -3.92 15.57 10.48
C GLY A 33 -5.03 14.68 11.10
N ASP A 34 -4.59 13.41 11.61
CA ASP A 34 -5.40 12.27 12.35
C ASP A 34 -6.47 11.50 11.41
N ASP A 35 -5.85 10.69 10.44
CA ASP A 35 -6.55 9.79 9.42
C ASP A 35 -6.36 8.18 9.70
N PRO A 36 -7.60 7.23 9.71
CA PRO A 36 -7.51 5.68 9.98
C PRO A 36 -6.93 4.70 8.80
N SER A 37 -7.05 5.15 7.44
CA SER A 37 -6.68 4.36 6.15
C SER A 37 -5.12 4.39 5.75
N ILE A 38 -4.59 3.19 5.13
CA ILE A 38 -3.14 2.96 4.67
C ILE A 38 -3.00 3.36 3.09
N PHE A 39 -2.19 4.49 2.87
CA PHE A 39 -1.99 5.32 1.59
C PHE A 39 -0.47 5.32 1.09
N ILE A 40 -0.29 5.36 -0.35
CA ILE A 40 1.06 5.47 -1.09
C ILE A 40 1.47 7.00 -1.26
N THR A 41 2.83 7.21 -1.05
CA THR A 41 3.56 8.55 -0.93
C THR A 41 5.00 8.45 -1.69
N LYS A 42 5.74 7.19 -1.62
CA LYS A 42 7.11 7.01 -2.23
C LYS A 42 7.15 5.76 -3.22
N ILE A 43 7.69 6.06 -4.49
CA ILE A 43 7.97 5.08 -5.61
C ILE A 43 9.51 5.22 -6.04
N ILE A 44 10.24 4.00 -6.08
CA ILE A 44 11.67 3.81 -6.60
C ILE A 44 11.69 3.63 -8.26
N PRO A 45 12.66 4.43 -9.14
CA PRO A 45 12.76 4.31 -10.71
C PRO A 45 13.27 2.87 -11.32
N GLY A 46 14.01 2.02 -10.45
CA GLY A 46 14.53 0.66 -10.80
C GLY A 46 14.23 -0.47 -9.77
N GLY A 47 12.93 -0.48 -9.15
CA GLY A 47 12.40 -1.56 -8.21
C GLY A 47 11.56 -2.72 -8.88
N ALA A 48 11.05 -3.66 -7.96
CA ALA A 48 10.23 -4.93 -8.25
C ALA A 48 8.66 -4.70 -8.50
N ALA A 49 7.98 -3.70 -7.70
CA ALA A 49 6.51 -3.24 -7.82
C ALA A 49 6.18 -2.18 -8.99
N ALA A 50 7.28 -1.33 -9.40
CA ALA A 50 7.26 -0.27 -10.50
C ALA A 50 7.48 -0.86 -11.99
N GLN A 51 8.51 -1.87 -12.15
CA GLN A 51 8.88 -2.62 -13.43
C GLN A 51 8.10 -4.00 -13.68
N ASP A 52 8.13 -5.02 -12.63
CA ASP A 52 7.57 -6.44 -12.72
C ASP A 52 6.04 -6.67 -12.25
N GLY A 53 5.55 -5.88 -11.15
CA GLY A 53 4.17 -6.05 -10.48
C GLY A 53 2.97 -5.25 -11.11
N ARG A 54 3.21 -3.87 -11.39
CA ARG A 54 2.25 -2.77 -11.99
C ARG A 54 1.33 -1.98 -10.95
N LEU A 55 2.08 -1.33 -9.94
CA LEU A 55 1.60 -0.36 -8.92
C LEU A 55 2.16 1.12 -9.20
N ARG A 56 1.16 2.09 -9.13
CA ARG A 56 1.33 3.61 -9.12
C ARG A 56 0.94 4.21 -7.68
N VAL A 57 1.54 5.43 -7.32
CA VAL A 57 1.37 6.25 -6.00
C VAL A 57 -0.18 6.71 -5.64
N ASN A 58 -1.00 6.82 -6.77
CA ASN A 58 -2.42 7.17 -6.86
C ASN A 58 -3.41 5.81 -6.83
N ASP A 59 -2.78 4.50 -6.52
CA ASP A 59 -3.58 3.16 -6.47
C ASP A 59 -4.25 2.80 -5.07
N SER A 60 -3.51 3.19 -3.85
CA SER A 60 -3.92 3.02 -2.32
C SER A 60 -4.46 1.57 -1.90
N ILE A 61 -3.79 0.94 -0.83
CA ILE A 61 -4.12 -0.50 -0.33
C ILE A 61 -5.27 -0.47 0.80
N LEU A 62 -6.40 -1.30 0.54
CA LEU A 62 -7.51 -1.62 1.55
C LEU A 62 -7.21 -2.91 2.39
N PHE A 63 -6.69 -4.03 1.64
CA PHE A 63 -6.39 -5.42 2.25
C PHE A 63 -4.99 -5.98 1.86
N VAL A 64 -4.22 -6.48 2.91
CA VAL A 64 -2.78 -7.10 2.74
C VAL A 64 -2.88 -8.62 3.11
N ASN A 65 -2.20 -9.54 2.26
CA ASN A 65 -2.15 -11.13 2.34
C ASN A 65 -3.54 -11.78 1.83
N GLU A 66 -4.56 -11.78 2.79
CA GLU A 66 -6.06 -12.09 2.78
C GLU A 66 -6.71 -11.32 4.07
N VAL A 67 -5.82 -10.40 4.78
CA VAL A 67 -6.04 -9.75 6.12
C VAL A 67 -6.48 -8.25 6.08
N ASP A 68 -7.16 -7.88 7.25
CA ASP A 68 -7.83 -6.58 7.55
C ASP A 68 -6.80 -5.52 8.14
N VAL A 69 -6.40 -4.56 7.21
CA VAL A 69 -5.49 -3.32 7.53
C VAL A 69 -6.27 -1.94 7.81
N ARG A 70 -7.65 -1.93 7.45
CA ARG A 70 -8.72 -0.77 7.60
C ARG A 70 -8.74 0.08 9.00
N GLU A 71 -8.28 -0.64 10.16
CA GLU A 71 -8.13 -0.18 11.58
C GLU A 71 -6.92 -0.98 12.26
N VAL A 72 -5.64 -0.51 11.87
CA VAL A 72 -4.27 -1.03 12.38
C VAL A 72 -3.25 0.20 12.57
N THR A 73 -2.15 -0.05 13.41
CA THR A 73 -0.87 0.83 13.55
C THR A 73 0.16 0.63 12.32
N HIS A 74 1.14 1.64 12.12
CA HIS A 74 2.34 1.69 11.08
C HIS A 74 3.19 0.27 11.04
N SER A 75 3.74 -0.17 12.31
CA SER A 75 4.55 -1.49 12.57
C SER A 75 3.70 -2.82 12.27
N ALA A 76 2.27 -2.75 12.58
CA ALA A 76 1.19 -3.80 12.31
C ALA A 76 0.82 -4.00 10.74
N ALA A 77 1.14 -2.89 9.85
CA ALA A 77 1.01 -2.88 8.33
C ALA A 77 2.33 -3.36 7.58
N VAL A 78 3.58 -3.00 8.19
CA VAL A 78 5.05 -3.40 7.70
C VAL A 78 5.38 -4.97 8.01
N GLU A 79 4.94 -5.50 9.26
CA GLU A 79 5.07 -6.99 9.82
C GLU A 79 4.28 -8.10 8.97
N ALA A 80 3.23 -7.61 8.15
CA ALA A 80 2.50 -8.40 7.07
C ALA A 80 3.39 -8.55 5.70
N LEU A 81 4.35 -7.48 5.43
CA LEU A 81 5.32 -7.39 4.24
C LEU A 81 6.79 -7.98 4.47
N LYS A 82 7.32 -7.87 5.78
CA LYS A 82 8.68 -8.40 6.29
C LYS A 82 8.64 -9.91 6.80
N GLU A 83 7.47 -10.33 7.52
CA GLU A 83 7.27 -11.75 8.18
C GLU A 83 6.61 -12.91 7.36
N ALA A 84 5.91 -12.58 6.15
CA ALA A 84 5.20 -13.65 5.19
C ALA A 84 6.17 -14.82 4.59
N GLY A 85 7.56 -14.49 4.56
CA GLY A 85 8.69 -15.44 4.35
C GLY A 85 9.47 -15.38 3.05
N SER A 86 8.74 -15.03 1.87
CA SER A 86 9.22 -15.02 0.38
C SER A 86 8.15 -14.45 -0.60
N ILE A 87 6.79 -14.75 -0.28
CA ILE A 87 5.56 -14.37 -1.11
C ILE A 87 4.64 -13.42 -0.24
N VAL A 88 4.43 -12.19 -0.83
CA VAL A 88 3.57 -11.04 -0.30
C VAL A 88 2.51 -10.52 -1.36
N ARG A 89 1.18 -10.58 -0.95
CA ARG A 89 -0.04 -10.16 -1.78
C ARG A 89 -0.69 -8.80 -1.19
N LEU A 90 -1.06 -7.87 -2.17
CA LEU A 90 -1.73 -6.52 -1.98
C LEU A 90 -3.08 -6.37 -2.83
N TYR A 91 -4.15 -5.78 -2.13
CA TYR A 91 -5.51 -5.44 -2.70
C TYR A 91 -5.77 -3.90 -2.63
N VAL A 92 -5.80 -3.30 -3.91
CA VAL A 92 -5.92 -1.76 -4.22
C VAL A 92 -7.39 -1.27 -4.79
N MET A 93 -7.65 0.13 -4.64
CA MET A 93 -8.96 0.87 -5.04
C MET A 93 -8.71 2.10 -6.04
N ARG A 94 -9.17 1.89 -7.37
CA ARG A 94 -9.05 2.91 -8.55
C ARG A 94 -10.43 3.15 -9.30
N ARG A 95 -10.99 4.44 -9.19
CA ARG A 95 -12.34 4.89 -9.82
C ARG A 95 -12.24 5.29 -11.40
N LYS A 96 -13.47 5.30 -12.08
CA LYS A 96 -13.77 5.60 -13.62
C LYS A 96 -13.16 7.03 -14.22
N PRO A 97 -12.70 7.19 -15.70
CA PRO A 97 -11.95 8.45 -16.28
C PRO A 97 -12.53 9.98 -15.96
N PRO A 98 -11.57 11.12 -15.50
CA PRO A 98 -12.02 12.58 -15.20
C PRO A 98 -12.48 13.50 -16.46
N ALA A 99 -13.44 14.53 -16.16
CA ALA A 99 -14.03 15.53 -17.14
C ALA A 99 -13.38 16.98 -17.01
N VAL B 1 3.60 14.04 6.57
CA VAL B 1 4.11 15.38 6.01
C VAL B 1 4.67 16.37 7.12
N VAL B 2 3.70 16.82 8.04
CA VAL B 2 3.92 17.66 9.29
C VAL B 2 3.74 16.75 10.66
N SER B 3 3.47 15.33 10.46
CA SER B 3 3.12 14.29 11.53
C SER B 3 3.98 12.96 11.40
N GLU B 4 4.49 12.69 10.07
CA GLU B 4 5.22 11.48 9.57
C GLU B 4 6.72 11.84 9.04
N ARG B 5 7.63 10.76 9.07
CA ARG B 5 9.07 10.71 8.53
C ARG B 5 9.25 9.83 7.19
N ILE B 6 8.45 8.63 7.09
CA ILE B 6 8.36 7.56 5.95
C ILE B 6 9.77 6.79 5.55
N SER B 7 10.03 5.62 6.30
CA SER B 7 11.22 4.63 6.11
C SER B 7 10.67 3.06 5.97
N SER B 8 9.38 2.93 5.35
CA SER B 8 8.55 1.63 5.22
C SER B 8 8.79 0.78 3.85
N VAL B 9 7.96 -0.40 3.66
CA VAL B 9 8.01 -1.39 2.49
C VAL B 9 6.66 -1.19 1.62
N GLY A 1 -30.64 2.35 -14.65
CA GLY A 1 -29.18 2.41 -15.00
C GLY A 1 -28.33 3.04 -13.90
N ALA A 2 -27.78 2.13 -12.96
CA ALA A 2 -26.90 2.48 -11.75
C ALA A 2 -25.40 1.99 -11.95
N MET A 3 -24.39 2.97 -11.67
CA MET A 3 -22.87 2.76 -11.76
C MET A 3 -22.11 2.78 -10.39
N GLU A 4 -21.10 1.79 -10.31
CA GLU A 4 -20.14 1.51 -9.12
C GLU A 4 -18.60 1.66 -9.55
N MET A 5 -17.65 1.74 -8.49
CA MET A 5 -16.10 1.83 -8.62
C MET A 5 -15.37 0.40 -8.92
N GLU A 6 -14.02 0.45 -9.37
CA GLU A 6 -13.21 -0.75 -9.91
C GLU A 6 -11.91 -1.08 -9.08
N TYR A 7 -11.89 -2.38 -8.53
CA TYR A 7 -10.79 -2.98 -7.63
C TYR A 7 -9.84 -3.98 -8.40
N GLU A 8 -8.46 -3.94 -8.01
CA GLU A 8 -7.35 -4.78 -8.64
C GLU A 8 -6.53 -5.59 -7.53
N GLU A 9 -6.38 -6.97 -7.80
CA GLU A 9 -5.57 -7.99 -6.98
C GLU A 9 -4.19 -8.37 -7.68
N ILE A 10 -3.04 -7.91 -7.02
CA ILE A 10 -1.58 -8.10 -7.52
C ILE A 10 -0.77 -9.05 -6.45
N THR A 11 0.08 -10.00 -7.04
CA THR A 11 1.02 -10.97 -6.29
C THR A 11 2.54 -10.67 -6.73
N LEU A 12 3.39 -10.40 -5.64
CA LEU A 12 4.88 -10.09 -5.70
C LEU A 12 5.74 -11.12 -4.90
N GLU A 13 6.99 -11.42 -5.48
CA GLU A 13 8.12 -12.18 -4.81
C GLU A 13 9.26 -11.17 -4.33
N ARG A 14 9.66 -11.29 -2.97
CA ARG A 14 10.63 -10.39 -2.16
C ARG A 14 12.10 -10.23 -2.84
N GLY A 15 12.32 -8.94 -3.37
CA GLY A 15 13.56 -8.49 -4.18
C GLY A 15 14.92 -8.28 -3.42
N ASN A 16 15.90 -7.61 -4.17
CA ASN A 16 17.36 -7.29 -3.73
C ASN A 16 17.53 -5.94 -2.86
N SER A 17 16.59 -4.89 -3.13
CA SER A 17 16.55 -3.51 -2.46
C SER A 17 15.43 -3.33 -1.30
N GLY A 18 14.30 -4.23 -1.28
CA GLY A 18 13.14 -4.13 -0.33
C GLY A 18 11.84 -3.75 -1.05
N LEU A 19 11.63 -4.44 -2.30
CA LEU A 19 10.43 -4.42 -3.30
C LEU A 19 10.31 -3.19 -4.28
N GLY A 20 10.78 -1.94 -3.81
CA GLY A 20 10.86 -0.67 -4.63
C GLY A 20 9.72 0.36 -4.45
N PHE A 21 9.17 0.50 -3.13
CA PHE A 21 8.10 1.51 -2.65
C PHE A 21 8.24 1.73 -1.05
N SER A 22 7.45 2.77 -0.44
CA SER A 22 7.25 2.97 1.07
C SER A 22 5.75 3.32 1.39
N ILE A 23 5.22 2.80 2.62
CA ILE A 23 3.73 2.95 3.08
C ILE A 23 3.40 3.73 4.39
N ALA A 24 2.40 4.74 4.20
CA ALA A 24 1.90 5.71 5.25
C ALA A 24 0.46 5.26 5.76
N GLY A 25 0.41 4.95 7.11
CA GLY A 25 -0.79 4.41 7.86
C GLY A 25 -0.72 4.61 9.38
N GLY A 26 -1.95 4.52 10.05
CA GLY A 26 -2.04 4.83 11.53
C GLY A 26 -3.39 4.82 12.22
N THR A 27 -3.37 4.15 13.46
CA THR A 27 -4.45 4.28 14.57
C THR A 27 -3.96 5.18 15.79
N ASP A 28 -2.57 5.07 16.15
CA ASP A 28 -1.87 5.88 17.25
C ASP A 28 -0.89 7.00 16.69
N ASN A 29 -0.17 6.69 15.48
CA ASN A 29 0.84 7.56 14.75
C ASN A 29 0.23 8.33 13.44
N PRO A 30 0.22 9.88 13.33
CA PRO A 30 -0.30 10.66 12.09
C PRO A 30 0.62 10.64 10.74
N HIS A 31 -0.09 10.99 9.55
CA HIS A 31 0.48 11.24 8.19
C HIS A 31 0.35 12.80 7.76
N ILE A 32 -0.97 13.32 7.72
CA ILE A 32 -1.45 14.61 7.11
C ILE A 32 -2.27 15.56 8.20
N GLY A 33 -2.13 15.19 9.54
CA GLY A 33 -2.81 15.80 10.74
C GLY A 33 -4.00 14.97 11.27
N ASP A 34 -3.66 13.64 11.70
CA ASP A 34 -4.56 12.51 12.28
C ASP A 34 -5.57 11.84 11.23
N ASP A 35 -4.93 10.95 10.35
CA ASP A 35 -5.57 10.11 9.24
C ASP A 35 -5.82 8.52 9.72
N PRO A 36 -7.23 7.88 9.65
CA PRO A 36 -7.53 6.39 10.04
C PRO A 36 -7.08 5.20 9.00
N SER A 37 -7.13 5.51 7.59
CA SER A 37 -6.83 4.53 6.41
C SER A 37 -5.31 4.55 5.91
N ILE A 38 -4.80 3.32 5.30
CA ILE A 38 -3.36 3.09 4.78
C ILE A 38 -3.29 3.42 3.19
N PHE A 39 -2.40 4.47 2.88
CA PHE A 39 -2.20 5.21 1.56
C PHE A 39 -0.65 5.25 1.13
N ILE A 40 -0.41 5.28 -0.28
CA ILE A 40 0.98 5.42 -0.98
C ILE A 40 1.34 6.98 -1.16
N THR A 41 2.70 7.24 -1.00
CA THR A 41 3.43 8.61 -1.12
C THR A 41 4.90 8.51 -1.68
N LYS A 42 5.64 7.25 -1.47
CA LYS A 42 7.05 7.05 -1.98
C LYS A 42 7.14 5.80 -2.96
N ILE A 43 7.67 6.12 -4.23
CA ILE A 43 8.01 5.15 -5.35
C ILE A 43 9.56 5.35 -5.73
N ILE A 44 10.31 4.15 -5.77
CA ILE A 44 11.77 4.02 -6.25
C ILE A 44 11.80 3.80 -7.91
N PRO A 45 12.71 4.67 -8.79
CA PRO A 45 12.81 4.56 -10.36
C PRO A 45 13.34 3.14 -11.00
N GLY A 46 14.11 2.30 -10.14
CA GLY A 46 14.67 0.96 -10.53
C GLY A 46 14.35 -0.24 -9.58
N GLY A 47 13.04 -0.29 -8.98
CA GLY A 47 12.50 -1.46 -8.16
C GLY A 47 11.67 -2.54 -8.95
N ALA A 48 11.17 -3.59 -8.16
CA ALA A 48 10.36 -4.83 -8.59
C ALA A 48 8.78 -4.58 -8.80
N ALA A 49 8.11 -3.68 -7.90
CA ALA A 49 6.62 -3.25 -7.92
C ALA A 49 6.26 -2.06 -8.97
N ALA A 50 7.35 -1.20 -9.37
CA ALA A 50 7.30 -0.05 -10.37
C ALA A 50 7.52 -0.51 -11.90
N GLN A 51 8.55 -1.49 -12.14
CA GLN A 51 8.93 -2.12 -13.50
C GLN A 51 8.14 -3.47 -13.87
N ASP A 52 8.21 -4.57 -12.91
CA ASP A 52 7.64 -5.98 -13.12
C ASP A 52 6.12 -6.25 -12.63
N GLY A 53 5.65 -5.52 -11.47
CA GLY A 53 4.28 -5.73 -10.80
C GLY A 53 3.06 -4.94 -11.34
N ARG A 54 3.25 -3.52 -11.53
CA ARG A 54 2.25 -2.41 -12.03
C ARG A 54 1.35 -1.70 -10.90
N LEU A 55 2.13 -1.13 -9.86
CA LEU A 55 1.67 -0.25 -8.74
C LEU A 55 2.20 1.25 -8.90
N ARG A 56 1.21 2.21 -8.71
CA ARG A 56 1.37 3.72 -8.63
C ARG A 56 1.07 4.31 -7.16
N VAL A 57 1.52 5.63 -6.91
CA VAL A 57 1.14 6.57 -5.65
C VAL A 57 -0.44 6.83 -5.45
N ASN A 58 -1.12 6.81 -6.68
CA ASN A 58 -2.55 6.99 -6.95
C ASN A 58 -3.35 5.53 -6.93
N ASP A 59 -2.58 4.26 -6.69
CA ASP A 59 -3.27 2.86 -6.56
C ASP A 59 -3.99 2.56 -5.15
N SER A 60 -3.32 3.03 -3.92
CA SER A 60 -3.80 2.92 -2.41
C SER A 60 -4.38 1.48 -1.96
N ILE A 61 -3.67 0.81 -0.95
CA ILE A 61 -3.99 -0.63 -0.43
C ILE A 61 -5.12 -0.59 0.72
N LEU A 62 -6.23 -1.47 0.49
CA LEU A 62 -7.32 -1.79 1.51
C LEU A 62 -7.02 -3.09 2.33
N PHE A 63 -6.50 -4.20 1.56
CA PHE A 63 -6.23 -5.60 2.15
C PHE A 63 -4.84 -6.14 1.76
N VAL A 64 -3.97 -6.43 2.83
CA VAL A 64 -2.49 -6.92 2.61
C VAL A 64 -2.22 -8.30 3.24
N ASN A 65 -1.61 -9.29 2.41
CA ASN A 65 -1.39 -10.88 2.72
C ASN A 65 -2.83 -11.72 2.58
N GLU A 66 -3.97 -10.93 2.15
CA GLU A 66 -5.52 -11.20 2.23
C GLU A 66 -6.09 -10.79 3.74
N VAL A 67 -5.24 -9.87 4.53
CA VAL A 67 -5.53 -9.37 5.95
C VAL A 67 -6.24 -7.98 5.97
N ASP A 68 -7.01 -7.78 7.14
CA ASP A 68 -7.80 -6.56 7.47
C ASP A 68 -6.94 -5.38 8.12
N VAL A 69 -6.46 -4.45 7.17
CA VAL A 69 -5.63 -3.17 7.51
C VAL A 69 -6.47 -1.81 7.67
N ARG A 70 -7.87 -1.90 7.40
CA ARG A 70 -8.97 -0.75 7.47
C ARG A 70 -8.95 0.18 8.81
N GLU A 71 -8.45 -0.44 10.01
CA GLU A 71 -8.22 0.13 11.40
C GLU A 71 -7.01 -0.66 12.09
N VAL A 72 -5.71 -0.20 11.72
CA VAL A 72 -4.35 -0.69 12.32
C VAL A 72 -3.34 0.54 12.44
N THR A 73 -2.20 0.28 13.17
CA THR A 73 -0.90 1.14 13.29
C THR A 73 0.06 0.88 12.01
N HIS A 74 1.12 1.80 11.74
CA HIS A 74 2.18 1.66 10.55
C HIS A 74 2.94 0.21 10.53
N SER A 75 3.48 -0.15 11.81
CA SER A 75 4.20 -1.45 12.19
C SER A 75 3.29 -2.79 11.98
N ALA A 76 1.83 -2.64 12.18
CA ALA A 76 0.79 -3.72 12.04
C ALA A 76 0.41 -4.01 10.49
N ALA A 77 0.73 -2.96 9.52
CA ALA A 77 0.66 -3.04 8.00
C ALA A 77 2.01 -3.62 7.35
N VAL A 78 3.25 -3.28 8.02
CA VAL A 78 4.72 -3.78 7.66
C VAL A 78 4.94 -5.38 8.05
N GLU A 79 4.34 -5.82 9.26
CA GLU A 79 4.25 -7.28 9.87
C GLU A 79 3.41 -8.36 9.00
N ALA A 80 2.62 -7.80 8.00
CA ALA A 80 1.96 -8.54 6.85
C ALA A 80 2.96 -8.74 5.58
N LEU A 81 3.99 -7.72 5.40
CA LEU A 81 5.06 -7.68 4.27
C LEU A 81 6.47 -8.35 4.60
N LYS A 82 6.91 -8.28 5.95
CA LYS A 82 8.27 -8.75 6.51
C LYS A 82 8.28 -10.25 6.99
N GLU A 83 7.07 -10.69 7.61
CA GLU A 83 6.77 -12.04 8.20
C GLU A 83 6.39 -13.23 7.15
N ALA A 84 5.82 -12.90 5.85
CA ALA A 84 5.51 -13.95 4.73
C ALA A 84 6.83 -14.62 4.08
N GLY A 85 8.01 -13.82 4.23
CA GLY A 85 9.44 -14.21 3.97
C GLY A 85 10.05 -14.15 2.56
N SER A 86 9.17 -14.46 1.50
CA SER A 86 9.55 -14.70 0.03
C SER A 86 8.35 -14.37 -0.95
N ILE A 87 7.01 -14.66 -0.49
CA ILE A 87 5.73 -14.50 -1.34
C ILE A 87 4.67 -13.65 -0.55
N VAL A 88 4.46 -12.37 -1.10
CA VAL A 88 3.50 -11.31 -0.56
C VAL A 88 2.36 -10.87 -1.61
N ARG A 89 1.05 -10.96 -1.13
CA ARG A 89 -0.26 -10.68 -1.95
C ARG A 89 -1.09 -9.41 -1.45
N LEU A 90 -1.01 -8.27 -2.29
CA LEU A 90 -1.67 -6.91 -2.08
C LEU A 90 -3.01 -6.68 -2.92
N TYR A 91 -4.04 -6.00 -2.22
CA TYR A 91 -5.40 -5.63 -2.77
C TYR A 91 -5.62 -4.07 -2.71
N VAL A 92 -5.65 -3.48 -3.97
CA VAL A 92 -5.75 -1.94 -4.28
C VAL A 92 -7.21 -1.42 -4.85
N MET A 93 -7.41 -0.02 -4.72
CA MET A 93 -8.70 0.81 -5.08
C MET A 93 -8.47 1.95 -6.20
N ARG A 94 -9.28 1.84 -7.35
CA ARG A 94 -9.34 2.79 -8.55
C ARG A 94 -10.82 3.30 -8.79
N ARG A 95 -10.93 4.63 -9.24
CA ARG A 95 -12.23 5.40 -9.57
C ARG A 95 -12.78 5.17 -11.04
N LYS A 96 -14.19 5.10 -11.13
CA LYS A 96 -15.09 4.86 -12.39
C LYS A 96 -14.90 5.92 -13.68
N PRO A 97 -14.67 5.40 -15.13
CA PRO A 97 -14.50 6.33 -16.36
C PRO A 97 -15.84 7.18 -16.88
N PRO A 98 -15.72 8.56 -17.58
CA PRO A 98 -16.94 9.38 -18.12
C PRO A 98 -17.74 8.76 -19.41
N ALA A 99 -19.16 8.86 -19.35
CA ALA A 99 -20.15 8.38 -20.41
C ALA A 99 -20.84 9.57 -21.20
N VAL B 1 -0.19 21.41 7.78
CA VAL B 1 -0.45 20.06 8.44
C VAL B 1 0.05 18.84 7.61
N VAL B 2 1.38 18.52 7.88
CA VAL B 2 2.10 17.28 7.46
C VAL B 2 3.02 16.76 8.67
N SER B 3 2.33 15.87 9.49
CA SER B 3 2.85 15.13 10.75
C SER B 3 3.46 13.64 10.42
N GLU B 4 4.27 13.62 9.23
CA GLU B 4 4.85 12.44 8.48
C GLU B 4 6.32 11.99 9.00
N ARG B 5 6.46 10.59 9.08
CA ARG B 5 7.75 9.80 9.27
C ARG B 5 8.10 8.91 7.97
N ILE B 6 6.95 8.31 7.30
CA ILE B 6 6.87 7.48 5.97
C ILE B 6 7.69 6.13 5.83
N SER B 7 9.10 6.20 5.99
CA SER B 7 10.20 5.07 5.77
C SER B 7 9.83 3.56 6.24
N SER B 8 9.06 2.88 5.26
CA SER B 8 8.40 1.50 5.36
C SER B 8 8.72 0.60 4.02
N VAL B 9 7.87 -0.53 3.74
CA VAL B 9 8.04 -1.56 2.61
C VAL B 9 6.81 -1.38 1.59
N GLY A 1 -28.77 0.67 -16.82
CA GLY A 1 -28.97 2.00 -16.18
C GLY A 1 -27.66 2.69 -15.82
N ALA A 2 -27.27 2.57 -14.45
CA ALA A 2 -26.01 3.16 -13.80
C ALA A 2 -24.94 2.07 -13.39
N MET A 3 -23.58 2.47 -13.56
CA MET A 3 -22.36 1.68 -13.12
C MET A 3 -21.68 2.25 -11.74
N GLU A 4 -20.76 1.39 -11.13
CA GLU A 4 -20.02 1.54 -9.78
C GLU A 4 -18.41 1.54 -9.99
N MET A 5 -17.58 1.73 -8.82
CA MET A 5 -16.03 1.76 -8.77
C MET A 5 -15.30 0.31 -9.00
N GLU A 6 -13.96 0.37 -9.43
CA GLU A 6 -13.12 -0.82 -9.95
C GLU A 6 -11.86 -1.17 -9.06
N TYR A 7 -11.88 -2.47 -8.53
CA TYR A 7 -10.81 -3.08 -7.59
C TYR A 7 -9.84 -4.06 -8.32
N GLU A 8 -8.48 -4.00 -7.90
CA GLU A 8 -7.33 -4.80 -8.51
C GLU A 8 -6.51 -5.61 -7.39
N GLU A 9 -6.37 -6.99 -7.64
CA GLU A 9 -5.56 -7.99 -6.81
C GLU A 9 -4.19 -8.38 -7.50
N ILE A 10 -3.05 -7.87 -6.85
CA ILE A 10 -1.59 -8.07 -7.33
C ILE A 10 -0.79 -9.02 -6.26
N THR A 11 0.06 -9.99 -6.86
CA THR A 11 0.99 -10.97 -6.12
C THR A 11 2.51 -10.69 -6.57
N LEU A 12 3.36 -10.43 -5.49
CA LEU A 12 4.85 -10.11 -5.51
C LEU A 12 5.74 -11.21 -4.83
N GLU A 13 7.03 -11.34 -5.41
CA GLU A 13 8.21 -12.14 -4.85
C GLU A 13 9.26 -11.07 -4.28
N ARG A 14 9.64 -11.26 -2.91
CA ARG A 14 10.56 -10.37 -2.01
C ARG A 14 11.98 -10.00 -2.70
N GLY A 15 12.15 -8.62 -2.97
CA GLY A 15 13.35 -7.94 -3.69
C GLY A 15 14.79 -8.08 -3.04
N ASN A 16 15.87 -7.65 -3.87
CA ASN A 16 17.41 -7.69 -3.54
C ASN A 16 17.88 -6.65 -2.39
N SER A 17 17.17 -5.41 -2.34
CA SER A 17 17.31 -4.30 -1.29
C SER A 17 16.11 -4.27 -0.19
N GLY A 18 14.90 -5.01 -0.54
CA GLY A 18 13.63 -5.06 0.27
C GLY A 18 12.48 -4.35 -0.44
N LEU A 19 12.13 -4.90 -1.74
CA LEU A 19 11.12 -4.41 -2.81
C LEU A 19 11.47 -3.05 -3.53
N GLY A 20 11.43 -1.86 -2.73
CA GLY A 20 11.73 -0.51 -3.20
C GLY A 20 10.94 0.53 -2.43
N PHE A 21 9.53 0.55 -2.70
CA PHE A 21 8.43 1.62 -2.38
C PHE A 21 8.30 1.91 -0.79
N SER A 22 7.55 3.06 -0.36
CA SER A 22 7.28 3.34 1.12
C SER A 22 5.77 3.62 1.41
N ILE A 23 5.24 2.97 2.58
CA ILE A 23 3.74 3.04 3.04
C ILE A 23 3.39 3.70 4.40
N ALA A 24 2.43 4.76 4.27
CA ALA A 24 1.92 5.63 5.39
C ALA A 24 0.51 5.17 5.91
N GLY A 25 0.49 4.78 7.24
CA GLY A 25 -0.70 4.25 7.99
C GLY A 25 -0.73 4.63 9.46
N GLY A 26 -1.99 4.47 10.10
CA GLY A 26 -2.18 4.88 11.52
C GLY A 26 -3.54 4.75 12.16
N THR A 27 -3.54 3.98 13.33
CA THR A 27 -4.63 4.02 14.44
C THR A 27 -4.17 4.90 15.69
N ASP A 28 -2.75 4.93 15.96
CA ASP A 28 -2.07 5.76 17.05
C ASP A 28 -1.14 6.92 16.47
N ASN A 29 -0.41 6.62 15.26
CA ASN A 29 0.62 7.53 14.57
C ASN A 29 0.04 8.33 13.25
N PRO A 30 -0.05 9.87 13.23
CA PRO A 30 -0.48 10.72 11.97
C PRO A 30 0.62 10.85 10.75
N HIS A 31 0.13 11.35 9.50
CA HIS A 31 0.95 11.74 8.27
C HIS A 31 0.63 13.27 7.80
N ILE A 32 -0.72 13.66 7.76
CA ILE A 32 -1.29 14.94 7.17
C ILE A 32 -1.96 15.93 8.32
N GLY A 33 -2.44 15.28 9.44
CA GLY A 33 -3.15 15.87 10.63
C GLY A 33 -4.34 15.02 11.09
N ASP A 34 -3.98 13.75 11.67
CA ASP A 34 -4.87 12.59 12.22
C ASP A 34 -5.77 11.85 11.13
N ASP A 35 -5.03 10.95 10.33
CA ASP A 35 -5.55 10.09 9.18
C ASP A 35 -5.82 8.50 9.66
N PRO A 36 -7.24 7.85 9.52
CA PRO A 36 -7.56 6.37 9.92
C PRO A 36 -7.09 5.16 8.90
N SER A 37 -7.09 5.44 7.49
CA SER A 37 -6.78 4.45 6.33
C SER A 37 -5.23 4.50 5.86
N ILE A 38 -4.71 3.29 5.27
CA ILE A 38 -3.26 3.09 4.77
C ILE A 38 -3.16 3.45 3.18
N PHE A 39 -2.31 4.56 2.92
CA PHE A 39 -2.11 5.35 1.62
C PHE A 39 -0.57 5.34 1.16
N ILE A 40 -0.36 5.38 -0.28
CA ILE A 40 1.01 5.51 -0.98
C ILE A 40 1.39 7.05 -1.17
N THR A 41 2.75 7.30 -0.99
CA THR A 41 3.47 8.68 -1.07
C THR A 41 4.92 8.58 -1.70
N LYS A 42 5.65 7.32 -1.55
CA LYS A 42 7.01 7.08 -2.10
C LYS A 42 7.07 5.84 -3.09
N ILE A 43 7.57 6.18 -4.36
CA ILE A 43 7.91 5.25 -5.48
C ILE A 43 9.41 5.59 -5.99
N ILE A 44 10.22 4.47 -6.07
CA ILE A 44 11.64 4.33 -6.66
C ILE A 44 11.57 4.09 -8.32
N PRO A 45 12.44 4.91 -9.29
CA PRO A 45 12.48 4.69 -10.84
C PRO A 45 13.09 3.25 -11.38
N GLY A 46 13.90 2.52 -10.45
CA GLY A 46 14.53 1.19 -10.74
C GLY A 46 14.31 0.07 -9.65
N GLY A 47 13.03 0.03 -8.99
CA GLY A 47 12.59 -1.08 -8.02
C GLY A 47 11.82 -2.30 -8.66
N ALA A 48 11.38 -3.28 -7.74
CA ALA A 48 10.66 -4.61 -8.03
C ALA A 48 9.07 -4.49 -8.25
N ALA A 49 8.34 -3.55 -7.42
CA ALA A 49 6.83 -3.22 -7.50
C ALA A 49 6.40 -2.17 -8.65
N ALA A 50 7.44 -1.29 -9.13
CA ALA A 50 7.33 -0.22 -10.23
C ALA A 50 7.57 -0.80 -11.71
N GLN A 51 8.68 -1.73 -11.88
CA GLN A 51 9.11 -2.43 -13.18
C GLN A 51 8.43 -3.86 -13.42
N ASP A 52 8.55 -4.88 -12.38
CA ASP A 52 8.09 -6.34 -12.45
C ASP A 52 6.59 -6.66 -11.96
N GLY A 53 6.03 -5.85 -10.91
CA GLY A 53 4.65 -6.07 -10.25
C GLY A 53 3.42 -5.38 -10.92
N ARG A 54 3.54 -3.97 -11.14
CA ARG A 54 2.52 -2.94 -11.77
C ARG A 54 1.55 -2.19 -10.74
N LEU A 55 2.26 -1.50 -9.71
CA LEU A 55 1.72 -0.56 -8.70
C LEU A 55 2.23 0.94 -8.98
N ARG A 56 1.20 1.88 -8.94
CA ARG A 56 1.34 3.41 -8.98
C ARG A 56 0.92 4.04 -7.57
N VAL A 57 1.52 5.27 -7.26
CA VAL A 57 1.33 6.16 -5.98
C VAL A 57 -0.21 6.61 -5.64
N ASN A 58 -1.02 6.70 -6.76
CA ASN A 58 -2.45 7.02 -6.85
C ASN A 58 -3.44 5.70 -6.81
N ASP A 59 -2.82 4.38 -6.49
CA ASP A 59 -3.61 3.05 -6.43
C ASP A 59 -4.30 2.70 -5.04
N SER A 60 -3.63 3.18 -3.81
CA SER A 60 -4.12 3.06 -2.30
C SER A 60 -4.67 1.63 -1.83
N ILE A 61 -3.98 1.01 -0.78
CA ILE A 61 -4.27 -0.42 -0.25
C ILE A 61 -5.46 -0.38 0.85
N LEU A 62 -6.51 -1.34 0.61
CA LEU A 62 -7.61 -1.69 1.60
C LEU A 62 -7.27 -2.96 2.44
N PHE A 63 -6.76 -4.10 1.70
CA PHE A 63 -6.44 -5.47 2.30
C PHE A 63 -5.06 -6.01 1.88
N VAL A 64 -4.27 -6.58 2.89
CA VAL A 64 -2.96 -7.32 2.65
C VAL A 64 -3.01 -8.75 3.15
N ASN A 65 -2.40 -9.76 2.35
CA ASN A 65 -2.26 -11.32 2.67
C ASN A 65 -3.65 -12.18 2.63
N GLU A 66 -4.85 -11.41 2.34
CA GLU A 66 -6.38 -11.73 2.59
C GLU A 66 -6.89 -11.23 4.07
N VAL A 67 -5.94 -10.42 4.82
CA VAL A 67 -6.12 -9.80 6.20
C VAL A 67 -6.56 -8.27 6.16
N ASP A 68 -7.29 -7.89 7.30
CA ASP A 68 -7.97 -6.59 7.53
C ASP A 68 -7.06 -5.41 8.06
N VAL A 69 -6.65 -4.57 7.02
CA VAL A 69 -5.74 -3.35 7.09
C VAL A 69 -6.54 -1.93 6.93
N ARG A 70 -7.95 -2.05 6.96
CA ARG A 70 -8.99 -0.86 6.98
C ARG A 70 -8.94 0.05 8.32
N GLU A 71 -8.37 -0.61 9.50
CA GLU A 71 -8.15 -0.06 10.89
C GLU A 71 -6.97 -0.85 11.61
N VAL A 72 -5.68 -0.35 11.31
CA VAL A 72 -4.33 -0.82 11.95
C VAL A 72 -3.36 0.45 12.13
N THR A 73 -2.21 0.18 12.86
CA THR A 73 -0.94 1.09 13.00
C THR A 73 0.02 0.87 11.73
N HIS A 74 1.04 1.84 11.45
CA HIS A 74 2.09 1.73 10.25
C HIS A 74 2.88 0.30 10.19
N SER A 75 3.46 -0.05 11.47
CA SER A 75 4.21 -1.33 11.85
C SER A 75 3.36 -2.68 11.64
N ALA A 76 1.91 -2.60 11.83
CA ALA A 76 0.92 -3.71 11.71
C ALA A 76 0.55 -4.08 10.16
N ALA A 77 0.81 -3.03 9.16
CA ALA A 77 0.72 -3.20 7.64
C ALA A 77 2.13 -3.62 6.97
N VAL A 78 3.34 -3.17 7.64
CA VAL A 78 4.84 -3.55 7.26
C VAL A 78 5.18 -5.11 7.67
N GLU A 79 4.68 -5.59 8.92
CA GLU A 79 4.82 -7.04 9.57
C GLU A 79 4.07 -8.21 8.81
N ALA A 80 3.05 -7.79 7.90
CA ALA A 80 2.38 -8.64 6.84
C ALA A 80 3.33 -8.82 5.54
N LEU A 81 4.26 -7.71 5.27
CA LEU A 81 5.25 -7.62 4.11
C LEU A 81 6.74 -8.15 4.35
N LYS A 82 7.22 -8.01 5.66
CA LYS A 82 8.57 -8.50 6.22
C LYS A 82 8.54 -10.01 6.75
N GLU A 83 7.32 -10.47 7.39
CA GLU A 83 7.12 -11.91 8.03
C GLU A 83 6.66 -13.12 7.12
N ALA A 84 5.93 -12.83 5.91
CA ALA A 84 5.40 -13.92 4.88
C ALA A 84 6.54 -14.91 4.25
N GLY A 85 7.85 -14.37 4.27
CA GLY A 85 9.13 -15.11 4.03
C GLY A 85 9.85 -14.97 2.69
N SER A 86 9.02 -14.83 1.56
CA SER A 86 9.44 -14.86 0.05
C SER A 86 8.26 -14.41 -0.91
N ILE A 87 6.92 -14.77 -0.52
CA ILE A 87 5.66 -14.54 -1.36
C ILE A 87 4.65 -13.65 -0.54
N VAL A 88 4.54 -12.36 -1.06
CA VAL A 88 3.73 -11.23 -0.49
C VAL A 88 2.59 -10.70 -1.47
N ARG A 89 1.32 -10.81 -0.96
CA ARG A 89 0.00 -10.41 -1.67
C ARG A 89 -0.71 -9.10 -1.11
N LEU A 90 -1.07 -8.16 -2.09
CA LEU A 90 -1.76 -6.80 -1.89
C LEU A 90 -3.09 -6.62 -2.75
N TYR A 91 -4.13 -5.92 -2.08
CA TYR A 91 -5.48 -5.55 -2.64
C TYR A 91 -5.70 -4.00 -2.56
N VAL A 92 -5.74 -3.41 -3.84
CA VAL A 92 -5.86 -1.88 -4.17
C VAL A 92 -7.35 -1.40 -4.74
N MET A 93 -7.61 -0.01 -4.61
CA MET A 93 -8.94 0.75 -4.98
C MET A 93 -8.71 1.99 -5.97
N ARG A 94 -9.32 1.86 -7.24
CA ARG A 94 -9.32 2.90 -8.38
C ARG A 94 -10.78 3.25 -8.89
N ARG A 95 -11.11 4.62 -8.87
CA ARG A 95 -12.49 5.24 -9.23
C ARG A 95 -12.94 5.23 -10.78
N LYS A 96 -14.35 5.18 -10.95
CA LYS A 96 -15.19 5.14 -12.28
C LYS A 96 -15.01 6.45 -13.30
N PRO A 97 -14.92 6.29 -14.84
CA PRO A 97 -14.77 7.48 -15.85
C PRO A 97 -15.92 8.70 -15.86
N PRO A 98 -17.46 8.45 -15.75
CA PRO A 98 -18.53 9.60 -15.76
C PRO A 98 -18.56 10.59 -14.46
N ALA A 99 -18.77 11.97 -14.76
CA ALA A 99 -18.85 13.12 -13.76
C ALA A 99 -20.33 13.68 -13.59
N VAL B 1 4.20 14.96 6.44
CA VAL B 1 4.42 16.44 6.10
C VAL B 1 4.92 17.31 7.31
N VAL B 2 4.02 17.42 8.36
CA VAL B 2 4.22 18.10 9.73
C VAL B 2 4.28 17.03 10.95
N SER B 3 4.00 15.65 10.59
CA SER B 3 3.76 14.45 11.55
C SER B 3 4.39 13.04 11.06
N GLU B 4 5.33 13.11 9.98
CA GLU B 4 5.94 11.94 9.19
C GLU B 4 7.19 11.21 9.92
N ARG B 5 7.07 9.80 9.87
CA ARG B 5 8.14 8.75 10.11
C ARG B 5 7.95 7.64 8.98
N ILE B 6 8.50 7.98 7.68
CA ILE B 6 8.44 7.06 6.46
C ILE B 6 9.80 6.23 6.17
N SER B 7 10.01 5.23 7.10
CA SER B 7 11.12 4.14 7.11
C SER B 7 10.48 2.65 6.72
N SER B 8 9.35 2.69 5.86
CA SER B 8 8.43 1.55 5.45
C SER B 8 8.75 0.89 4.00
N VAL B 9 8.02 -0.31 3.70
CA VAL B 9 8.05 -1.13 2.39
C VAL B 9 6.59 -0.91 1.73
N GLY A 1 -30.41 6.94 -11.09
CA GLY A 1 -29.24 6.52 -11.90
C GLY A 1 -27.90 6.93 -11.28
N ALA A 2 -27.31 5.97 -10.42
CA ALA A 2 -25.98 6.11 -9.66
C ALA A 2 -24.83 5.18 -10.24
N MET A 3 -23.56 5.81 -10.40
CA MET A 3 -22.26 5.13 -10.90
C MET A 3 -21.23 4.79 -9.77
N GLU A 4 -20.64 3.51 -9.89
CA GLU A 4 -19.69 2.84 -8.89
C GLU A 4 -18.19 2.59 -9.42
N MET A 5 -17.19 2.51 -8.39
CA MET A 5 -15.66 2.33 -8.58
C MET A 5 -15.17 0.82 -8.99
N GLU A 6 -13.83 0.71 -9.45
CA GLU A 6 -13.13 -0.54 -10.00
C GLU A 6 -11.86 -0.97 -9.14
N TYR A 7 -11.89 -2.28 -8.64
CA TYR A 7 -10.83 -2.92 -7.71
C TYR A 7 -9.85 -3.92 -8.47
N GLU A 8 -8.50 -3.89 -8.01
CA GLU A 8 -7.33 -4.75 -8.55
C GLU A 8 -6.64 -5.64 -7.45
N GLU A 9 -6.39 -6.98 -7.83
CA GLU A 9 -5.61 -8.01 -7.03
C GLU A 9 -4.21 -8.37 -7.70
N ILE A 10 -3.08 -7.89 -7.01
CA ILE A 10 -1.60 -8.08 -7.46
C ILE A 10 -0.84 -9.07 -6.43
N THR A 11 0.01 -10.03 -7.05
CA THR A 11 0.93 -11.00 -6.32
C THR A 11 2.45 -10.66 -6.73
N LEU A 12 3.25 -10.29 -5.62
CA LEU A 12 4.72 -9.93 -5.62
C LEU A 12 5.62 -11.04 -4.96
N GLU A 13 6.91 -11.18 -5.56
CA GLU A 13 8.08 -12.00 -4.98
C GLU A 13 9.09 -10.98 -4.32
N ARG A 14 9.41 -11.22 -2.96
CA ARG A 14 10.20 -10.30 -1.97
C ARG A 14 11.68 -9.95 -2.45
N GLY A 15 11.87 -8.57 -2.74
CA GLY A 15 13.17 -7.91 -3.27
C GLY A 15 14.41 -7.85 -2.29
N ASN A 16 15.67 -7.74 -2.94
CA ASN A 16 17.09 -7.67 -2.27
C ASN A 16 17.41 -6.35 -1.37
N SER A 17 16.77 -5.16 -1.82
CA SER A 17 16.78 -3.79 -1.12
C SER A 17 15.47 -3.52 -0.20
N GLY A 18 14.30 -4.35 -0.47
CA GLY A 18 12.97 -4.26 0.24
C GLY A 18 11.87 -3.76 -0.69
N LEU A 19 11.64 -4.61 -1.85
CA LEU A 19 10.74 -4.39 -3.07
C LEU A 19 11.16 -3.21 -4.03
N GLY A 20 10.63 -1.93 -3.76
CA GLY A 20 10.89 -0.70 -4.57
C GLY A 20 9.75 0.34 -4.51
N PHE A 21 9.12 0.52 -3.23
CA PHE A 21 8.03 1.49 -2.82
C PHE A 21 8.16 1.77 -1.21
N SER A 22 7.40 2.85 -0.64
CA SER A 22 7.20 3.04 0.89
C SER A 22 5.71 3.37 1.22
N ILE A 23 5.21 2.86 2.46
CA ILE A 23 3.73 2.99 2.96
C ILE A 23 3.43 3.76 4.27
N ALA A 24 2.48 4.84 4.08
CA ALA A 24 1.99 5.77 5.18
C ALA A 24 0.53 5.35 5.64
N GLY A 25 0.46 4.95 6.97
CA GLY A 25 -0.77 4.35 7.64
C GLY A 25 -0.63 4.26 9.16
N GLY A 26 -1.85 4.26 9.87
CA GLY A 26 -1.88 4.38 11.39
C GLY A 26 -3.26 4.49 12.08
N THR A 27 -3.29 3.94 13.37
CA THR A 27 -4.42 4.17 14.43
C THR A 27 -4.01 5.18 15.60
N ASP A 28 -2.70 4.99 16.15
CA ASP A 28 -2.04 5.84 17.24
C ASP A 28 -1.01 6.93 16.67
N ASN A 29 -0.29 6.56 15.46
CA ASN A 29 0.71 7.40 14.70
C ASN A 29 0.06 8.12 13.38
N PRO A 30 -0.08 9.66 13.29
CA PRO A 30 -0.65 10.41 12.04
C PRO A 30 0.30 10.48 10.73
N HIS A 31 -0.37 10.83 9.51
CA HIS A 31 0.27 11.19 8.20
C HIS A 31 0.12 12.75 7.88
N ILE A 32 -1.22 13.27 7.84
CA ILE A 32 -1.64 14.62 7.31
C ILE A 32 -2.38 15.60 8.44
N GLY A 33 -2.37 15.12 9.75
CA GLY A 33 -3.04 15.74 10.94
C GLY A 33 -3.43 14.71 11.98
N ASP A 34 -4.41 13.80 11.52
CA ASP A 34 -5.06 12.56 12.18
C ASP A 34 -5.79 11.73 11.03
N ASP A 35 -4.92 10.83 10.34
CA ASP A 35 -5.34 9.90 9.18
C ASP A 35 -5.58 8.32 9.68
N PRO A 36 -6.97 7.66 9.60
CA PRO A 36 -7.25 6.17 9.99
C PRO A 36 -6.82 4.99 8.93
N SER A 37 -6.86 5.31 7.53
CA SER A 37 -6.57 4.35 6.34
C SER A 37 -5.05 4.35 5.83
N ILE A 38 -4.57 3.14 5.17
CA ILE A 38 -3.15 2.90 4.65
C ILE A 38 -3.07 3.29 3.06
N PHE A 39 -2.29 4.43 2.80
CA PHE A 39 -2.11 5.23 1.50
C PHE A 39 -0.58 5.24 1.01
N ILE A 40 -0.39 5.27 -0.42
CA ILE A 40 0.96 5.38 -1.16
C ILE A 40 1.35 6.92 -1.33
N THR A 41 2.69 7.15 -1.09
CA THR A 41 3.40 8.50 -0.99
C THR A 41 4.86 8.40 -1.69
N LYS A 42 5.59 7.13 -1.59
CA LYS A 42 6.94 6.89 -2.18
C LYS A 42 6.96 5.68 -3.20
N ILE A 43 7.53 6.03 -4.45
CA ILE A 43 7.87 5.11 -5.60
C ILE A 43 9.41 5.37 -6.01
N ILE A 44 10.19 4.21 -5.99
CA ILE A 44 11.66 4.07 -6.46
C ILE A 44 11.72 3.86 -8.13
N PRO A 45 12.67 4.70 -8.99
CA PRO A 45 12.80 4.56 -10.55
C PRO A 45 13.38 3.14 -11.13
N GLY A 46 14.12 2.33 -10.21
CA GLY A 46 14.71 0.98 -10.53
C GLY A 46 14.39 -0.15 -9.51
N GLY A 47 13.07 -0.21 -8.95
CA GLY A 47 12.53 -1.30 -8.03
C GLY A 47 11.73 -2.47 -8.72
N ALA A 48 11.22 -3.43 -7.82
CA ALA A 48 10.44 -4.73 -8.13
C ALA A 48 8.87 -4.53 -8.42
N ALA A 49 8.15 -3.54 -7.65
CA ALA A 49 6.65 -3.14 -7.81
C ALA A 49 6.33 -2.08 -8.98
N ALA A 50 7.42 -1.23 -9.39
CA ALA A 50 7.41 -0.17 -10.50
C ALA A 50 7.70 -0.77 -11.97
N GLN A 51 8.73 -1.77 -12.07
CA GLN A 51 9.17 -2.53 -13.34
C GLN A 51 8.41 -3.93 -13.59
N ASP A 52 8.46 -4.94 -12.53
CA ASP A 52 7.93 -6.38 -12.62
C ASP A 52 6.41 -6.65 -12.16
N GLY A 53 5.88 -5.84 -11.10
CA GLY A 53 4.51 -6.04 -10.42
C GLY A 53 3.27 -5.35 -11.08
N ARG A 54 3.38 -3.95 -11.37
CA ARG A 54 2.35 -2.93 -11.98
C ARG A 54 1.42 -2.15 -10.93
N LEU A 55 2.15 -1.50 -9.91
CA LEU A 55 1.65 -0.54 -8.87
C LEU A 55 2.20 0.95 -9.12
N ARG A 56 1.20 1.91 -9.10
CA ARG A 56 1.37 3.44 -9.11
C ARG A 56 0.91 4.06 -7.70
N VAL A 57 1.51 5.30 -7.35
CA VAL A 57 1.29 6.15 -6.05
C VAL A 57 -0.26 6.58 -5.71
N ASN A 58 -1.07 6.70 -6.84
CA ASN A 58 -2.51 7.02 -6.92
C ASN A 58 -3.47 5.65 -6.91
N ASP A 59 -2.82 4.35 -6.58
CA ASP A 59 -3.59 3.00 -6.53
C ASP A 59 -4.23 2.60 -5.12
N SER A 60 -3.51 3.03 -3.91
CA SER A 60 -3.92 2.86 -2.38
C SER A 60 -4.49 1.44 -1.94
N ILE A 61 -3.74 0.73 -0.96
CA ILE A 61 -4.05 -0.71 -0.46
C ILE A 61 -5.18 -0.66 0.71
N LEU A 62 -6.33 -1.48 0.48
CA LEU A 62 -7.43 -1.76 1.51
C LEU A 62 -7.13 -3.04 2.34
N PHE A 63 -6.65 -4.18 1.60
CA PHE A 63 -6.34 -5.56 2.22
C PHE A 63 -4.93 -6.11 1.82
N VAL A 64 -4.10 -6.46 2.89
CA VAL A 64 -2.63 -7.02 2.74
C VAL A 64 -2.67 -8.52 3.23
N ASN A 65 -2.10 -9.50 2.37
CA ASN A 65 -2.07 -11.12 2.56
C ASN A 65 -3.49 -11.87 2.35
N GLU A 66 -4.61 -11.00 2.05
CA GLU A 66 -6.17 -11.24 2.17
C GLU A 66 -6.73 -10.87 3.66
N VAL A 67 -5.76 -10.19 4.55
CA VAL A 67 -6.00 -9.71 5.96
C VAL A 67 -6.39 -8.19 6.06
N ASP A 68 -7.13 -7.88 7.22
CA ASP A 68 -7.76 -6.58 7.56
C ASP A 68 -6.79 -5.51 8.20
N VAL A 69 -6.32 -4.57 7.27
CA VAL A 69 -5.42 -3.35 7.58
C VAL A 69 -6.20 -1.96 7.84
N ARG A 70 -7.57 -1.93 7.46
CA ARG A 70 -8.60 -0.74 7.58
C ARG A 70 -8.71 0.06 9.02
N GLU A 71 -8.23 -0.66 10.17
CA GLU A 71 -8.15 -0.21 11.63
C GLU A 71 -6.91 -1.02 12.31
N VAL A 72 -5.64 -0.55 11.93
CA VAL A 72 -4.27 -1.05 12.43
C VAL A 72 -3.25 0.18 12.62
N THR A 73 -2.14 -0.08 13.46
CA THR A 73 -0.85 0.80 13.61
C THR A 73 0.17 0.62 12.36
N HIS A 74 1.17 1.63 12.19
CA HIS A 74 2.36 1.69 11.16
C HIS A 74 3.21 0.27 11.09
N SER A 75 3.79 -0.16 12.35
CA SER A 75 4.58 -1.48 12.59
C SER A 75 3.73 -2.81 12.30
N ALA A 76 2.31 -2.73 12.59
CA ALA A 76 1.21 -3.80 12.33
C ALA A 76 0.84 -3.99 10.77
N ALA A 77 1.16 -2.88 9.88
CA ALA A 77 1.00 -2.86 8.36
C ALA A 77 2.32 -3.34 7.60
N VAL A 78 3.59 -2.97 8.20
CA VAL A 78 5.05 -3.39 7.70
C VAL A 78 5.37 -4.96 8.01
N GLU A 79 4.95 -5.46 9.29
CA GLU A 79 5.07 -6.90 9.88
C GLU A 79 4.36 -8.00 9.04
N ALA A 80 3.19 -7.60 8.28
CA ALA A 80 2.42 -8.43 7.25
C ALA A 80 3.27 -8.66 5.88
N LEU A 81 4.24 -7.64 5.54
CA LEU A 81 5.19 -7.62 4.31
C LEU A 81 6.60 -8.28 4.59
N LYS A 82 7.07 -8.15 5.94
CA LYS A 82 8.35 -8.74 6.54
C LYS A 82 8.17 -10.27 7.04
N GLU A 83 6.84 -10.67 7.49
CA GLU A 83 6.44 -12.13 7.96
C GLU A 83 6.38 -13.29 6.87
N ALA A 84 5.72 -12.95 5.63
CA ALA A 84 5.47 -13.91 4.47
C ALA A 84 6.82 -14.46 3.73
N GLY A 85 7.95 -13.64 3.95
CA GLY A 85 9.41 -13.89 3.63
C GLY A 85 9.97 -13.90 2.20
N SER A 86 9.10 -14.39 1.24
CA SER A 86 9.39 -14.76 -0.20
C SER A 86 8.22 -14.41 -1.17
N ILE A 87 6.87 -14.57 -0.68
CA ILE A 87 5.58 -14.39 -1.50
C ILE A 87 4.55 -13.50 -0.68
N VAL A 88 4.38 -12.22 -1.20
CA VAL A 88 3.47 -11.13 -0.64
C VAL A 88 2.31 -10.68 -1.64
N ARG A 89 1.02 -10.96 -1.19
CA ARG A 89 -0.31 -10.72 -1.99
C ARG A 89 -1.19 -9.49 -1.47
N LEU A 90 -1.16 -8.34 -2.28
CA LEU A 90 -1.83 -6.99 -2.02
C LEU A 90 -3.15 -6.75 -2.89
N TYR A 91 -4.18 -6.06 -2.21
CA TYR A 91 -5.53 -5.66 -2.75
C TYR A 91 -5.75 -4.11 -2.68
N VAL A 92 -5.78 -3.49 -3.94
CA VAL A 92 -5.87 -1.95 -4.23
C VAL A 92 -7.33 -1.43 -4.79
N MET A 93 -7.56 -0.03 -4.62
CA MET A 93 -8.85 0.77 -4.96
C MET A 93 -8.60 2.03 -5.90
N ARG A 94 -9.14 1.93 -7.21
CA ARG A 94 -9.07 2.99 -8.30
C ARG A 94 -10.49 3.49 -8.77
N ARG A 95 -10.65 4.88 -8.76
CA ARG A 95 -11.94 5.67 -9.12
C ARG A 95 -12.34 5.71 -10.66
N LYS A 96 -13.74 5.60 -10.88
CA LYS A 96 -14.53 5.55 -12.23
C LYS A 96 -14.26 6.81 -13.29
N PRO A 97 -13.86 6.55 -14.77
CA PRO A 97 -13.47 7.68 -15.77
C PRO A 97 -14.65 8.77 -16.23
N PRO A 98 -14.33 10.29 -16.37
CA PRO A 98 -15.35 11.36 -16.88
C PRO A 98 -15.71 11.33 -18.48
N ALA A 99 -14.66 10.92 -19.39
CA ALA A 99 -14.76 10.83 -20.91
C ALA A 99 -14.79 9.33 -21.43
N VAL B 1 5.74 18.15 5.06
CA VAL B 1 4.55 17.63 5.85
C VAL B 1 4.94 17.57 7.39
N VAL B 2 4.00 18.19 8.20
CA VAL B 2 4.03 18.47 9.74
C VAL B 2 4.01 17.18 10.74
N SER B 3 3.39 15.99 10.25
CA SER B 3 3.06 14.72 11.11
C SER B 3 3.58 13.32 10.51
N GLU B 4 4.38 13.39 9.32
CA GLU B 4 4.84 12.23 8.44
C GLU B 4 6.16 11.45 8.98
N ARG B 5 6.02 10.04 8.92
CA ARG B 5 7.10 8.98 9.04
C ARG B 5 6.91 7.98 7.81
N ILE B 6 7.69 8.31 6.67
CA ILE B 6 7.66 7.54 5.34
C ILE B 6 9.01 6.65 5.06
N SER B 7 9.45 5.96 6.20
CA SER B 7 10.57 4.90 6.27
C SER B 7 9.94 3.44 6.54
N SER B 8 9.29 2.90 5.38
CA SER B 8 8.44 1.60 5.29
C SER B 8 8.77 0.72 3.97
N VAL B 9 7.94 -0.45 3.75
CA VAL B 9 8.05 -1.45 2.58
C VAL B 9 6.75 -1.25 1.65
N GLY A 1 -29.54 0.22 -16.74
CA GLY A 1 -28.10 0.55 -16.86
C GLY A 1 -27.54 1.31 -15.65
N ALA A 2 -26.93 0.50 -14.65
CA ALA A 2 -26.30 0.99 -13.34
C ALA A 2 -24.71 0.86 -13.35
N MET A 3 -24.02 2.03 -12.89
CA MET A 3 -22.49 2.20 -12.80
C MET A 3 -21.91 2.12 -11.34
N GLU A 4 -20.93 1.13 -11.18
CA GLU A 4 -20.15 0.76 -9.91
C GLU A 4 -18.55 0.92 -10.05
N MET A 5 -17.84 1.09 -8.82
CA MET A 5 -16.31 1.28 -8.64
C MET A 5 -15.42 -0.04 -8.93
N GLU A 6 -14.09 0.20 -9.33
CA GLU A 6 -13.12 -0.85 -9.91
C GLU A 6 -11.86 -1.16 -9.00
N TYR A 7 -11.76 -2.49 -8.59
CA TYR A 7 -10.67 -3.08 -7.68
C TYR A 7 -9.65 -4.02 -8.44
N GLU A 8 -8.32 -3.98 -7.94
CA GLU A 8 -7.13 -4.81 -8.47
C GLU A 8 -6.43 -5.65 -7.36
N GLU A 9 -6.21 -7.02 -7.69
CA GLU A 9 -5.42 -8.02 -6.87
C GLU A 9 -4.01 -8.36 -7.55
N ILE A 10 -2.87 -7.84 -6.88
CA ILE A 10 -1.41 -8.02 -7.37
C ILE A 10 -0.61 -9.03 -6.37
N THR A 11 0.25 -9.94 -7.04
CA THR A 11 1.26 -10.89 -6.39
C THR A 11 2.74 -10.47 -6.68
N LEU A 12 3.48 -10.19 -5.52
CA LEU A 12 4.94 -9.82 -5.43
C LEU A 12 5.78 -10.87 -4.62
N GLU A 13 7.11 -11.06 -5.10
CA GLU A 13 8.21 -11.90 -4.41
C GLU A 13 9.14 -10.90 -3.60
N ARG A 14 9.30 -11.21 -2.21
CA ARG A 14 10.02 -10.38 -1.10
C ARG A 14 11.56 -10.05 -1.46
N GLY A 15 11.77 -8.69 -1.81
CA GLY A 15 13.08 -8.10 -2.35
C GLY A 15 14.29 -7.91 -1.36
N ASN A 16 15.56 -8.01 -1.98
CA ASN A 16 16.96 -7.81 -1.30
C ASN A 16 17.40 -6.28 -1.14
N SER A 17 16.85 -5.35 -2.09
CA SER A 17 16.97 -3.81 -2.09
C SER A 17 15.78 -3.10 -1.23
N GLY A 18 14.58 -3.87 -1.02
CA GLY A 18 13.40 -3.47 -0.16
C GLY A 18 12.13 -3.16 -0.93
N LEU A 19 11.71 -4.18 -1.88
CA LEU A 19 10.47 -4.20 -2.84
C LEU A 19 10.38 -3.14 -4.02
N GLY A 20 10.77 -1.83 -3.74
CA GLY A 20 10.79 -0.68 -4.74
C GLY A 20 9.66 0.38 -4.59
N PHE A 21 9.07 0.51 -3.28
CA PHE A 21 7.99 1.48 -2.82
C PHE A 21 8.12 1.74 -1.21
N SER A 22 7.36 2.81 -0.61
CA SER A 22 7.15 2.96 0.90
C SER A 22 5.64 3.29 1.23
N ILE A 23 5.12 2.71 2.43
CA ILE A 23 3.63 2.81 2.92
C ILE A 23 3.32 3.47 4.29
N ALA A 24 2.31 4.49 4.22
CA ALA A 24 1.81 5.32 5.38
C ALA A 24 0.43 4.78 5.93
N GLY A 25 0.48 4.36 7.25
CA GLY A 25 -0.66 3.78 8.06
C GLY A 25 -0.72 4.35 9.49
N GLY A 26 -1.97 4.24 10.14
CA GLY A 26 -2.15 4.82 11.52
C GLY A 26 -3.49 4.76 12.22
N THR A 27 -3.47 4.08 13.44
CA THR A 27 -4.56 4.19 14.55
C THR A 27 -4.10 5.08 15.79
N ASP A 28 -2.72 4.96 16.19
CA ASP A 28 -2.06 5.74 17.33
C ASP A 28 -1.08 6.91 16.84
N ASN A 29 -0.33 6.65 15.64
CA ASN A 29 0.69 7.56 14.96
C ASN A 29 0.09 8.36 13.66
N PRO A 30 0.03 9.91 13.61
CA PRO A 30 -0.44 10.73 12.36
C PRO A 30 0.49 10.66 11.04
N HIS A 31 -0.23 10.84 9.82
CA HIS A 31 0.32 10.92 8.42
C HIS A 31 0.33 12.42 7.82
N ILE A 32 -0.87 13.16 7.92
CA ILE A 32 -1.22 14.49 7.15
C ILE A 32 -1.78 15.65 8.08
N GLY A 33 -2.83 15.26 8.88
CA GLY A 33 -3.58 16.06 9.89
C GLY A 33 -4.39 15.18 10.86
N ASP A 34 -3.80 13.89 11.19
CA ASP A 34 -4.33 12.72 12.08
C ASP A 34 -5.39 11.83 11.28
N ASP A 35 -4.76 11.03 10.29
CA ASP A 35 -5.47 10.11 9.28
C ASP A 35 -5.68 8.54 9.81
N PRO A 36 -7.09 7.88 9.80
CA PRO A 36 -7.37 6.39 10.18
C PRO A 36 -7.00 5.23 9.06
N SER A 37 -7.08 5.62 7.67
CA SER A 37 -6.86 4.69 6.44
C SER A 37 -5.34 4.66 5.91
N ILE A 38 -4.93 3.45 5.21
CA ILE A 38 -3.52 3.17 4.66
C ILE A 38 -3.42 3.63 3.09
N PHE A 39 -2.45 4.65 2.83
CA PHE A 39 -2.14 5.34 1.48
C PHE A 39 -0.63 5.14 1.01
N ILE A 40 -0.38 5.23 -0.41
CA ILE A 40 0.99 5.33 -1.09
C ILE A 40 1.39 6.89 -1.24
N THR A 41 2.73 7.13 -1.02
CA THR A 41 3.47 8.50 -1.07
C THR A 41 4.91 8.41 -1.69
N LYS A 42 5.63 7.14 -1.55
CA LYS A 42 6.98 6.88 -2.12
C LYS A 42 7.00 5.68 -3.14
N ILE A 43 7.57 6.04 -4.39
CA ILE A 43 7.89 5.14 -5.54
C ILE A 43 9.43 5.38 -5.94
N ILE A 44 10.21 4.22 -5.94
CA ILE A 44 11.68 4.08 -6.41
C ILE A 44 11.76 3.92 -8.08
N PRO A 45 12.69 4.82 -8.91
CA PRO A 45 12.84 4.72 -10.47
C PRO A 45 13.44 3.33 -11.10
N GLY A 46 14.22 2.53 -10.21
CA GLY A 46 14.84 1.20 -10.59
C GLY A 46 14.54 0.01 -9.60
N GLY A 47 13.23 -0.06 -9.00
CA GLY A 47 12.72 -1.19 -8.12
C GLY A 47 11.92 -2.34 -8.85
N ALA A 48 11.43 -3.35 -8.00
CA ALA A 48 10.67 -4.64 -8.37
C ALA A 48 9.08 -4.45 -8.63
N ALA A 49 8.36 -3.48 -7.83
CA ALA A 49 6.85 -3.09 -7.95
C ALA A 49 6.49 -2.01 -9.10
N ALA A 50 7.57 -1.14 -9.51
CA ALA A 50 7.52 -0.06 -10.60
C ALA A 50 7.77 -0.65 -12.08
N GLN A 51 8.82 -1.64 -12.22
CA GLN A 51 9.23 -2.39 -13.50
C GLN A 51 8.47 -3.79 -13.74
N ASP A 52 8.56 -4.81 -12.70
CA ASP A 52 8.03 -6.26 -12.79
C ASP A 52 6.53 -6.54 -12.30
N GLY A 53 6.02 -5.75 -11.21
CA GLY A 53 4.66 -5.98 -10.49
C GLY A 53 3.41 -5.28 -11.11
N ARG A 54 3.53 -3.89 -11.41
CA ARG A 54 2.48 -2.87 -12.01
C ARG A 54 1.53 -2.12 -10.97
N LEU A 55 2.27 -1.43 -9.97
CA LEU A 55 1.75 -0.48 -8.95
C LEU A 55 2.24 1.02 -9.22
N ARG A 56 1.22 1.96 -9.16
CA ARG A 56 1.34 3.49 -9.16
C ARG A 56 0.92 4.08 -7.74
N VAL A 57 1.51 5.31 -7.38
CA VAL A 57 1.31 6.16 -6.08
C VAL A 57 -0.24 6.59 -5.73
N ASN A 58 -1.06 6.70 -6.86
CA ASN A 58 -2.49 7.02 -6.94
C ASN A 58 -3.45 5.65 -6.91
N ASP A 59 -2.80 4.34 -6.60
CA ASP A 59 -3.58 3.00 -6.53
C ASP A 59 -4.29 2.66 -5.13
N SER A 60 -3.62 3.16 -3.91
CA SER A 60 -4.10 3.05 -2.39
C SER A 60 -4.66 1.61 -1.92
N ILE A 61 -4.01 1.03 -0.82
CA ILE A 61 -4.31 -0.39 -0.25
C ILE A 61 -5.56 -0.33 0.81
N LEU A 62 -6.57 -1.33 0.58
CA LEU A 62 -7.66 -1.69 1.55
C LEU A 62 -7.31 -2.96 2.40
N PHE A 63 -6.76 -4.09 1.67
CA PHE A 63 -6.42 -5.45 2.27
C PHE A 63 -5.03 -5.97 1.83
N VAL A 64 -4.23 -6.56 2.83
CA VAL A 64 -2.90 -7.29 2.58
C VAL A 64 -2.95 -8.73 3.06
N ASN A 65 -2.35 -9.74 2.25
CA ASN A 65 -2.26 -11.31 2.50
C ASN A 65 -3.67 -12.12 2.37
N GLU A 66 -4.85 -11.31 2.17
CA GLU A 66 -6.38 -11.60 2.40
C GLU A 66 -6.88 -11.15 3.89
N VAL A 67 -5.90 -10.41 4.68
CA VAL A 67 -6.07 -9.82 6.06
C VAL A 67 -6.49 -8.29 6.06
N ASP A 68 -7.24 -7.94 7.20
CA ASP A 68 -7.91 -6.65 7.46
C ASP A 68 -7.01 -5.52 8.09
N VAL A 69 -6.60 -4.57 7.14
CA VAL A 69 -5.77 -3.31 7.46
C VAL A 69 -6.61 -1.94 7.64
N ARG A 70 -8.02 -2.04 7.40
CA ARG A 70 -9.13 -0.89 7.51
C ARG A 70 -9.08 0.04 8.85
N GLU A 71 -8.52 -0.58 10.06
CA GLU A 71 -8.29 0.00 11.42
C GLU A 71 -7.08 -0.75 12.11
N VAL A 72 -5.79 -0.28 11.72
CA VAL A 72 -4.42 -0.79 12.23
C VAL A 72 -3.38 0.44 12.40
N THR A 73 -2.24 0.17 13.19
CA THR A 73 -0.93 1.04 13.29
C THR A 73 0.03 0.81 12.02
N HIS A 74 1.08 1.78 11.77
CA HIS A 74 2.16 1.70 10.61
C HIS A 74 3.01 0.30 10.58
N SER A 75 3.60 -0.05 11.85
CA SER A 75 4.41 -1.34 12.18
C SER A 75 3.56 -2.70 11.97
N ALA A 76 2.15 -2.62 12.27
CA ALA A 76 1.06 -3.70 12.05
C ALA A 76 0.71 -4.00 10.49
N ALA A 77 1.01 -2.92 9.54
CA ALA A 77 0.90 -2.99 8.02
C ALA A 77 2.26 -3.45 7.30
N VAL A 78 3.50 -3.07 7.94
CA VAL A 78 4.98 -3.46 7.51
C VAL A 78 5.32 -5.03 7.88
N GLU A 79 4.87 -5.52 9.14
CA GLU A 79 5.02 -6.99 9.74
C GLU A 79 4.21 -8.13 8.97
N ALA A 80 3.13 -7.67 8.15
CA ALA A 80 2.38 -8.48 7.10
C ALA A 80 3.29 -8.68 5.76
N LEU A 81 4.25 -7.63 5.48
CA LEU A 81 5.21 -7.55 4.28
C LEU A 81 6.66 -8.15 4.51
N LYS A 82 7.17 -8.04 5.85
CA LYS A 82 8.51 -8.59 6.38
C LYS A 82 8.44 -10.12 6.82
N GLU A 83 7.23 -10.55 7.50
CA GLU A 83 6.99 -11.99 8.11
C GLU A 83 6.36 -13.13 7.22
N ALA A 84 5.68 -12.75 6.02
CA ALA A 84 4.99 -13.77 5.00
C ALA A 84 5.97 -14.91 4.36
N GLY A 85 7.35 -14.56 4.38
CA GLY A 85 8.50 -15.50 4.17
C GLY A 85 9.30 -15.44 2.87
N SER A 86 8.57 -15.13 1.69
CA SER A 86 9.09 -15.11 0.21
C SER A 86 7.99 -14.55 -0.78
N ILE A 87 6.61 -14.78 -0.44
CA ILE A 87 5.39 -14.34 -1.26
C ILE A 87 4.45 -13.44 -0.38
N VAL A 88 4.21 -12.22 -0.95
CA VAL A 88 3.32 -11.09 -0.43
C VAL A 88 2.20 -10.66 -1.50
N ARG A 89 0.87 -10.77 -1.05
CA ARG A 89 -0.40 -10.50 -1.89
C ARG A 89 -1.27 -9.23 -1.44
N LEU A 90 -1.07 -8.07 -2.20
CA LEU A 90 -1.73 -6.71 -2.02
C LEU A 90 -3.06 -6.51 -2.85
N TYR A 91 -4.11 -5.89 -2.14
CA TYR A 91 -5.46 -5.54 -2.66
C TYR A 91 -5.69 -3.99 -2.58
N VAL A 92 -5.71 -3.40 -3.86
CA VAL A 92 -5.84 -1.88 -4.18
C VAL A 92 -7.32 -1.41 -4.78
N MET A 93 -7.60 -0.02 -4.63
CA MET A 93 -8.94 0.72 -4.99
C MET A 93 -8.76 2.00 -5.94
N ARG A 94 -9.45 1.94 -7.18
CA ARG A 94 -9.55 3.05 -8.24
C ARG A 94 -11.05 3.42 -8.59
N ARG A 95 -11.38 4.79 -8.47
CA ARG A 95 -12.77 5.45 -8.65
C ARG A 95 -13.28 5.62 -10.15
N LYS A 96 -14.66 5.33 -10.32
CA LYS A 96 -15.51 5.36 -11.61
C LYS A 96 -15.77 6.86 -12.30
N PRO A 97 -15.47 7.12 -13.79
CA PRO A 97 -15.78 8.48 -14.51
C PRO A 97 -17.39 8.82 -14.81
N PRO A 98 -17.96 10.26 -14.73
CA PRO A 98 -19.44 10.63 -15.05
C PRO A 98 -19.92 10.49 -16.60
N ALA A 99 -21.21 9.89 -16.78
CA ALA A 99 -21.90 9.63 -18.12
C ALA A 99 -23.17 10.56 -18.35
N VAL B 1 1.24 18.72 5.91
CA VAL B 1 1.86 17.59 6.75
C VAL B 1 2.42 18.05 8.13
N VAL B 2 1.88 17.35 9.22
CA VAL B 2 2.18 17.62 10.71
C VAL B 2 3.18 16.62 11.45
N SER B 3 3.09 15.21 11.10
CA SER B 3 3.88 14.10 11.83
C SER B 3 4.64 13.13 10.89
N GLU B 4 3.85 12.50 9.83
CA GLU B 4 4.25 11.45 8.78
C GLU B 4 4.77 10.04 9.39
N ARG B 5 6.13 9.98 9.90
CA ARG B 5 6.95 8.73 10.42
C ARG B 5 6.83 7.43 9.47
N ILE B 6 7.41 7.62 8.18
CA ILE B 6 7.33 6.62 7.06
C ILE B 6 8.59 5.56 7.04
N SER B 7 9.69 5.80 6.10
CA SER B 7 10.99 4.86 5.83
C SER B 7 10.67 3.24 5.59
N SER B 8 9.34 2.98 5.13
CA SER B 8 8.60 1.64 5.01
C SER B 8 8.95 0.74 3.69
N VAL B 9 8.13 -0.41 3.47
CA VAL B 9 8.33 -1.48 2.39
C VAL B 9 7.13 -1.40 1.32
N GLY A 1 -26.67 11.18 -13.10
CA GLY A 1 -27.11 10.99 -11.69
C GLY A 1 -25.97 10.59 -10.77
N ALA A 2 -25.90 9.20 -10.45
CA ALA A 2 -24.86 8.51 -9.55
C ALA A 2 -23.87 7.56 -10.34
N MET A 3 -22.49 7.71 -9.99
CA MET A 3 -21.33 6.89 -10.53
C MET A 3 -20.64 5.95 -9.46
N GLU A 4 -20.19 4.71 -9.98
CA GLU A 4 -19.54 3.56 -9.20
C GLU A 4 -17.95 3.43 -9.43
N MET A 5 -17.28 2.60 -8.50
CA MET A 5 -15.79 2.27 -8.40
C MET A 5 -15.41 0.75 -8.83
N GLU A 6 -14.06 0.56 -9.21
CA GLU A 6 -13.39 -0.74 -9.72
C GLU A 6 -12.10 -1.11 -8.91
N TYR A 7 -12.09 -2.40 -8.34
CA TYR A 7 -11.00 -3.01 -7.44
C TYR A 7 -10.09 -4.05 -8.18
N GLU A 8 -8.70 -4.05 -7.80
CA GLU A 8 -7.61 -4.94 -8.44
C GLU A 8 -6.74 -5.71 -7.31
N GLU A 9 -6.54 -7.10 -7.57
CA GLU A 9 -5.67 -8.07 -6.73
C GLU A 9 -4.29 -8.45 -7.46
N ILE A 10 -3.12 -7.97 -6.83
CA ILE A 10 -1.67 -8.14 -7.38
C ILE A 10 -0.78 -9.09 -6.35
N THR A 11 0.20 -9.90 -7.00
CA THR A 11 1.30 -10.77 -6.33
C THR A 11 2.77 -10.29 -6.63
N LEU A 12 3.57 -10.08 -5.47
CA LEU A 12 5.05 -9.68 -5.44
C LEU A 12 5.92 -10.61 -4.52
N GLU A 13 7.29 -10.76 -4.92
CA GLU A 13 8.40 -11.57 -4.18
C GLU A 13 9.28 -10.56 -3.28
N ARG A 14 9.32 -10.88 -1.91
CA ARG A 14 9.96 -10.07 -0.78
C ARG A 14 11.46 -10.46 -0.46
N GLY A 15 12.30 -9.32 -0.31
CA GLY A 15 13.72 -9.35 0.31
C GLY A 15 14.91 -9.63 -0.64
N ASN A 16 14.86 -10.85 -1.36
CA ASN A 16 15.90 -11.40 -2.39
C ASN A 16 16.06 -10.54 -3.75
N SER A 17 14.91 -9.75 -4.13
CA SER A 17 14.87 -8.76 -5.29
C SER A 17 14.99 -7.21 -4.85
N GLY A 18 14.59 -6.81 -3.47
CA GLY A 18 14.81 -5.42 -2.89
C GLY A 18 13.69 -4.43 -3.21
N LEU A 19 12.38 -4.75 -2.68
CA LEU A 19 11.02 -4.04 -2.97
C LEU A 19 11.03 -2.44 -3.01
N GLY A 20 10.57 -1.89 -4.24
CA GLY A 20 10.71 -0.49 -4.69
C GLY A 20 9.46 0.39 -4.63
N PHE A 21 8.92 0.55 -3.33
CA PHE A 21 7.85 1.54 -2.86
C PHE A 21 7.98 1.70 -1.25
N SER A 22 7.31 2.81 -0.63
CA SER A 22 7.14 3.02 0.85
C SER A 22 5.63 3.36 1.18
N ILE A 23 5.09 2.75 2.36
CA ILE A 23 3.60 2.84 2.81
C ILE A 23 3.24 3.58 4.12
N ALA A 24 2.30 4.65 3.93
CA ALA A 24 1.84 5.60 5.02
C ALA A 24 0.39 5.25 5.51
N GLY A 25 0.33 4.89 6.84
CA GLY A 25 -0.89 4.40 7.57
C GLY A 25 -0.65 4.18 9.06
N GLY A 26 -1.79 4.30 9.85
CA GLY A 26 -1.73 4.35 11.36
C GLY A 26 -3.04 4.59 12.12
N THR A 27 -3.09 3.95 13.37
CA THR A 27 -4.15 4.21 14.49
C THR A 27 -3.63 5.23 15.61
N ASP A 28 -2.23 5.18 15.90
CA ASP A 28 -1.48 6.11 16.85
C ASP A 28 -0.63 7.23 16.07
N ASN A 29 0.05 6.79 14.85
CA ASN A 29 0.88 7.66 13.93
C ASN A 29 -0.01 8.10 12.56
N PRO A 30 -0.69 9.48 12.44
CA PRO A 30 -1.51 9.97 11.18
C PRO A 30 -0.68 10.27 9.80
N HIS A 31 -1.48 10.36 8.63
CA HIS A 31 -1.03 10.81 7.24
C HIS A 31 -1.84 12.13 6.73
N ILE A 32 -3.24 12.17 6.98
CA ILE A 32 -4.23 13.16 6.41
C ILE A 32 -4.88 14.19 7.54
N GLY A 33 -4.20 14.24 8.77
CA GLY A 33 -4.61 15.05 9.96
C GLY A 33 -4.55 14.28 11.27
N ASP A 34 -5.57 13.27 11.45
CA ASP A 34 -5.82 12.36 12.70
C ASP A 34 -6.63 10.95 12.40
N ASP A 35 -6.75 10.54 11.03
CA ASP A 35 -7.62 9.39 10.48
C ASP A 35 -6.91 7.89 10.44
N PRO A 36 -7.76 6.60 10.70
CA PRO A 36 -7.18 5.15 10.74
C PRO A 36 -6.71 4.41 9.34
N SER A 37 -7.11 5.00 8.09
CA SER A 37 -6.90 4.40 6.66
C SER A 37 -5.37 4.51 6.10
N ILE A 38 -4.91 3.37 5.34
CA ILE A 38 -3.50 3.19 4.73
C ILE A 38 -3.53 3.60 3.14
N PHE A 39 -2.54 4.52 2.72
CA PHE A 39 -2.33 5.15 1.30
C PHE A 39 -0.77 5.13 0.87
N ILE A 40 -0.49 5.23 -0.57
CA ILE A 40 0.90 5.39 -1.21
C ILE A 40 1.25 6.95 -1.36
N THR A 41 2.60 7.23 -1.16
CA THR A 41 3.28 8.62 -1.24
C THR A 41 4.78 8.58 -1.82
N LYS A 42 5.55 7.35 -1.62
CA LYS A 42 6.96 7.18 -2.11
C LYS A 42 7.09 5.92 -3.07
N ILE A 43 7.65 6.23 -4.32
CA ILE A 43 8.01 5.26 -5.42
C ILE A 43 9.57 5.40 -5.74
N ILE A 44 10.30 4.17 -5.75
CA ILE A 44 11.77 4.00 -6.18
C ILE A 44 11.86 3.85 -7.85
N PRO A 45 12.84 4.70 -8.66
CA PRO A 45 13.00 4.62 -10.21
C PRO A 45 13.55 3.21 -10.86
N GLY A 46 14.27 2.35 -9.98
CA GLY A 46 14.79 1.00 -10.35
C GLY A 46 14.47 -0.14 -9.33
N GLY A 47 13.13 -0.21 -8.84
CA GLY A 47 12.55 -1.30 -7.96
C GLY A 47 11.72 -2.39 -8.71
N ALA A 48 11.13 -3.39 -7.88
CA ALA A 48 10.32 -4.62 -8.33
C ALA A 48 8.78 -4.36 -8.70
N ALA A 49 8.01 -3.45 -7.89
CA ALA A 49 6.52 -3.05 -8.10
C ALA A 49 6.25 -1.90 -9.21
N ALA A 50 7.34 -1.00 -9.49
CA ALA A 50 7.37 0.15 -10.51
C ALA A 50 7.75 -0.33 -12.01
N GLN A 51 8.87 -1.22 -12.15
CA GLN A 51 9.44 -1.82 -13.44
C GLN A 51 8.80 -3.23 -13.87
N ASP A 52 8.81 -4.30 -12.88
CA ASP A 52 8.41 -5.76 -13.10
C ASP A 52 6.90 -6.16 -12.85
N GLY A 53 6.15 -5.52 -11.78
CA GLY A 53 4.77 -6.00 -11.33
C GLY A 53 3.52 -5.42 -12.02
N ARG A 54 3.13 -4.07 -11.69
CA ARG A 54 1.85 -3.21 -12.22
C ARG A 54 1.66 -1.80 -11.49
N LEU A 55 2.19 -1.64 -10.15
CA LEU A 55 1.80 -0.56 -9.16
C LEU A 55 2.44 0.90 -9.37
N ARG A 56 1.45 1.90 -9.37
CA ARG A 56 1.61 3.42 -9.33
C ARG A 56 1.10 4.02 -7.92
N VAL A 57 1.65 5.26 -7.53
CA VAL A 57 1.38 6.12 -6.26
C VAL A 57 -0.20 6.50 -5.97
N ASN A 58 -0.98 6.56 -7.13
CA ASN A 58 -2.42 6.86 -7.26
C ASN A 58 -3.37 5.50 -7.20
N ASP A 59 -2.73 4.21 -6.82
CA ASP A 59 -3.50 2.86 -6.71
C ASP A 59 -4.16 2.55 -5.29
N SER A 60 -3.44 2.99 -4.10
CA SER A 60 -3.85 2.89 -2.56
C SER A 60 -4.44 1.49 -2.07
N ILE A 61 -3.71 0.84 -1.06
CA ILE A 61 -4.04 -0.59 -0.50
C ILE A 61 -5.14 -0.49 0.69
N LEU A 62 -6.27 -1.34 0.52
CA LEU A 62 -7.34 -1.60 1.59
C LEU A 62 -7.05 -2.88 2.43
N PHE A 63 -6.58 -4.04 1.71
CA PHE A 63 -6.27 -5.40 2.34
C PHE A 63 -4.88 -5.97 1.95
N VAL A 64 -4.04 -6.36 3.02
CA VAL A 64 -2.57 -6.94 2.84
C VAL A 64 -2.61 -8.41 3.36
N ASN A 65 -2.06 -9.43 2.52
CA ASN A 65 -2.08 -11.05 2.73
C ASN A 65 -3.52 -11.75 2.46
N GLU A 66 -4.61 -10.85 2.18
CA GLU A 66 -6.17 -11.05 2.29
C GLU A 66 -6.73 -10.66 3.77
N VAL A 67 -5.76 -10.04 4.67
CA VAL A 67 -6.01 -9.56 6.09
C VAL A 67 -6.37 -8.03 6.20
N ASP A 68 -7.11 -7.70 7.36
CA ASP A 68 -7.71 -6.40 7.69
C ASP A 68 -6.73 -5.34 8.33
N VAL A 69 -6.25 -4.43 7.39
CA VAL A 69 -5.33 -3.22 7.69
C VAL A 69 -6.09 -1.84 7.99
N ARG A 70 -7.47 -1.80 7.63
CA ARG A 70 -8.50 -0.59 7.79
C ARG A 70 -8.51 0.22 9.21
N GLU A 71 -8.07 -0.52 10.37
CA GLU A 71 -7.90 -0.07 11.79
C GLU A 71 -6.66 -0.83 12.44
N VAL A 72 -5.40 -0.38 11.99
CA VAL A 72 -4.00 -0.89 12.45
C VAL A 72 -2.96 0.33 12.52
N THR A 73 -1.81 0.11 13.33
CA THR A 73 -0.51 1.00 13.37
C THR A 73 0.45 0.71 12.10
N HIS A 74 1.49 1.68 11.79
CA HIS A 74 2.60 1.53 10.65
C HIS A 74 3.40 0.14 10.67
N SER A 75 3.99 -0.19 11.95
CA SER A 75 4.77 -1.50 12.32
C SER A 75 3.91 -2.84 12.14
N ALA A 76 2.50 -2.72 12.45
CA ALA A 76 1.38 -3.77 12.27
C ALA A 76 0.96 -4.03 10.72
N ALA A 77 1.26 -2.96 9.77
CA ALA A 77 1.05 -2.99 8.25
C ALA A 77 2.34 -3.53 7.46
N VAL A 78 3.63 -3.22 8.05
CA VAL A 78 5.07 -3.68 7.57
C VAL A 78 5.33 -5.26 7.94
N GLU A 79 4.87 -5.70 9.23
CA GLU A 79 4.89 -7.19 9.81
C GLU A 79 3.95 -8.24 9.02
N ALA A 80 2.96 -7.65 8.18
CA ALA A 80 2.12 -8.35 7.12
C ALA A 80 2.98 -8.61 5.76
N LEU A 81 4.07 -7.69 5.48
CA LEU A 81 5.06 -7.77 4.30
C LEU A 81 6.37 -8.59 4.60
N LYS A 82 7.04 -8.32 5.84
CA LYS A 82 8.35 -8.94 6.36
C LYS A 82 8.20 -10.45 6.91
N GLU A 83 6.94 -10.78 7.52
CA GLU A 83 6.59 -12.20 8.17
C GLU A 83 5.95 -13.32 7.27
N ALA A 84 5.34 -12.94 6.02
CA ALA A 84 4.72 -13.97 4.97
C ALA A 84 5.77 -15.08 4.39
N GLY A 85 7.12 -14.66 4.44
CA GLY A 85 8.32 -15.53 4.26
C GLY A 85 9.21 -15.35 3.03
N SER A 86 8.55 -14.98 1.81
CA SER A 86 9.16 -14.82 0.39
C SER A 86 8.06 -14.32 -0.65
N ILE A 87 6.69 -14.72 -0.43
CA ILE A 87 5.51 -14.43 -1.35
C ILE A 87 4.40 -13.66 -0.54
N VAL A 88 4.18 -12.38 -1.04
CA VAL A 88 3.24 -11.32 -0.50
C VAL A 88 2.11 -10.87 -1.54
N ARG A 89 0.80 -11.05 -1.08
CA ARG A 89 -0.51 -10.74 -1.86
C ARG A 89 -1.33 -9.48 -1.33
N LEU A 90 -1.20 -8.33 -2.13
CA LEU A 90 -1.84 -6.96 -1.89
C LEU A 90 -3.15 -6.69 -2.75
N TYR A 91 -4.17 -5.98 -2.07
CA TYR A 91 -5.51 -5.60 -2.62
C TYR A 91 -5.72 -4.03 -2.60
N VAL A 92 -5.77 -3.47 -3.89
CA VAL A 92 -5.88 -1.94 -4.22
C VAL A 92 -7.36 -1.42 -4.74
N MET A 93 -7.57 -0.01 -4.62
CA MET A 93 -8.87 0.79 -4.91
C MET A 93 -8.66 2.02 -5.91
N ARG A 94 -9.38 1.93 -7.15
CA ARG A 94 -9.36 2.95 -8.29
C ARG A 94 -10.89 3.28 -8.75
N ARG A 95 -11.06 4.52 -9.40
CA ARG A 95 -12.37 5.10 -9.98
C ARG A 95 -12.50 4.93 -11.56
N LYS A 96 -13.83 4.73 -12.05
CA LYS A 96 -14.30 4.52 -13.53
C LYS A 96 -14.05 5.81 -14.55
N PRO A 97 -13.21 5.65 -15.84
CA PRO A 97 -13.02 6.80 -16.87
C PRO A 97 -14.33 7.16 -17.86
N PRO A 98 -14.69 8.61 -18.25
CA PRO A 98 -15.84 8.99 -19.23
C PRO A 98 -15.66 8.60 -20.82
N ALA A 99 -14.31 8.63 -21.34
CA ALA A 99 -13.89 8.31 -22.76
C ALA A 99 -13.08 6.94 -22.88
N VAL B 1 -0.95 18.13 9.89
CA VAL B 1 -1.66 17.79 8.60
C VAL B 1 -1.01 16.56 7.84
N VAL B 2 0.37 16.67 7.54
CA VAL B 2 1.25 15.49 7.07
C VAL B 2 2.18 14.94 8.22
N SER B 3 1.40 14.42 9.29
CA SER B 3 1.85 13.82 10.66
C SER B 3 2.86 12.54 10.74
N GLU B 4 3.45 12.12 9.51
CA GLU B 4 4.43 10.97 9.34
C GLU B 4 5.96 11.36 9.02
N ARG B 5 6.90 10.36 9.37
CA ARG B 5 8.41 10.30 9.05
C ARG B 5 8.75 9.61 7.61
N ILE B 6 7.82 8.58 7.16
CA ILE B 6 7.82 7.69 5.86
C ILE B 6 9.15 6.81 5.61
N SER B 7 9.19 5.68 6.43
CA SER B 7 10.39 4.66 6.56
C SER B 7 10.00 3.09 6.26
N SER B 8 8.80 2.87 5.53
CA SER B 8 8.09 1.52 5.30
C SER B 8 8.46 0.74 3.91
N VAL B 9 7.78 -0.52 3.64
CA VAL B 9 7.98 -1.45 2.41
C VAL B 9 6.64 -1.34 1.48
N GLY A 1 -26.39 11.01 -13.51
CA GLY A 1 -27.17 10.48 -12.34
C GLY A 1 -26.28 9.92 -11.24
N ALA A 2 -26.22 8.51 -11.17
CA ALA A 2 -25.40 7.68 -10.17
C ALA A 2 -24.22 6.88 -10.86
N MET A 3 -22.94 7.14 -10.29
CA MET A 3 -21.60 6.49 -10.71
C MET A 3 -20.97 5.59 -9.57
N GLU A 4 -20.39 4.38 -10.04
CA GLU A 4 -19.70 3.29 -9.18
C GLU A 4 -18.10 3.24 -9.39
N MET A 5 -17.39 2.48 -8.44
CA MET A 5 -15.88 2.24 -8.34
C MET A 5 -15.41 0.75 -8.80
N GLU A 6 -14.04 0.62 -9.15
CA GLU A 6 -13.32 -0.64 -9.68
C GLU A 6 -12.03 -1.02 -8.84
N TYR A 7 -12.03 -2.31 -8.29
CA TYR A 7 -10.94 -2.91 -7.38
C TYR A 7 -9.98 -3.92 -8.15
N GLU A 8 -8.61 -3.87 -7.75
CA GLU A 8 -7.49 -4.70 -8.39
C GLU A 8 -6.66 -5.51 -7.28
N GLU A 9 -6.47 -6.88 -7.56
CA GLU A 9 -5.66 -7.89 -6.74
C GLU A 9 -4.27 -8.25 -7.43
N ILE A 10 -3.11 -7.81 -6.74
CA ILE A 10 -1.66 -8.02 -7.23
C ILE A 10 -0.91 -9.06 -6.25
N THR A 11 -0.13 -10.02 -6.91
CA THR A 11 0.79 -11.04 -6.25
C THR A 11 2.26 -10.82 -6.83
N LEU A 12 3.20 -10.42 -5.85
CA LEU A 12 4.65 -10.08 -6.07
C LEU A 12 5.61 -11.03 -5.27
N GLU A 13 6.83 -11.32 -5.93
CA GLU A 13 8.04 -12.09 -5.36
C GLU A 13 9.04 -11.02 -4.74
N ARG A 14 9.33 -11.20 -3.38
CA ARG A 14 10.13 -10.26 -2.43
C ARG A 14 11.59 -9.84 -2.87
N GLY A 15 11.71 -8.45 -3.14
CA GLY A 15 12.99 -7.73 -3.65
C GLY A 15 14.21 -7.65 -2.66
N ASN A 16 15.47 -7.41 -3.28
CA ASN A 16 16.89 -7.29 -2.58
C ASN A 16 17.11 -5.97 -1.65
N SER A 17 16.40 -4.81 -2.05
CA SER A 17 16.30 -3.46 -1.32
C SER A 17 14.99 -3.33 -0.39
N GLY A 18 13.88 -4.23 -0.68
CA GLY A 18 12.54 -4.26 0.02
C GLY A 18 11.42 -3.81 -0.92
N LEU A 19 11.29 -4.65 -2.10
CA LEU A 19 10.41 -4.47 -3.35
C LEU A 19 10.89 -3.31 -4.31
N GLY A 20 10.42 -2.02 -4.03
CA GLY A 20 10.71 -0.78 -4.82
C GLY A 20 9.63 0.29 -4.68
N PHE A 21 9.05 0.44 -3.36
CA PHE A 21 8.00 1.44 -2.89
C PHE A 21 8.13 1.64 -1.28
N SER A 22 7.38 2.69 -0.65
CA SER A 22 7.21 2.88 0.85
C SER A 22 5.71 3.26 1.21
N ILE A 23 5.20 2.73 2.45
CA ILE A 23 3.73 2.88 2.95
C ILE A 23 3.44 3.62 4.29
N ALA A 24 2.50 4.71 4.14
CA ALA A 24 2.08 5.67 5.24
C ALA A 24 0.60 5.36 5.70
N GLY A 25 0.50 4.99 7.04
CA GLY A 25 -0.76 4.55 7.74
C GLY A 25 -0.60 4.48 9.27
N GLY A 26 -1.79 4.54 10.00
CA GLY A 26 -1.80 4.66 11.50
C GLY A 26 -3.14 4.83 12.22
N THR A 27 -3.19 4.25 13.49
CA THR A 27 -4.27 4.49 14.58
C THR A 27 -3.80 5.47 15.73
N ASP A 28 -2.43 5.35 16.15
CA ASP A 28 -1.72 6.24 17.18
C ASP A 28 -0.75 7.32 16.50
N ASN A 29 -0.05 6.90 15.31
CA ASN A 29 0.91 7.71 14.47
C ASN A 29 0.22 8.30 13.09
N PRO A 30 -0.25 9.76 13.00
CA PRO A 30 -0.99 10.38 11.74
C PRO A 30 -0.12 10.66 10.40
N HIS A 31 -0.89 10.79 9.19
CA HIS A 31 -0.36 11.29 7.88
C HIS A 31 -0.99 12.72 7.44
N ILE A 32 -2.39 12.95 7.61
CA ILE A 32 -3.13 14.17 7.12
C ILE A 32 -4.01 14.94 8.29
N GLY A 33 -3.58 14.73 9.62
CA GLY A 33 -4.20 15.35 10.85
C GLY A 33 -4.23 14.40 12.05
N ASP A 34 -5.16 13.32 11.95
CA ASP A 34 -5.49 12.19 12.99
C ASP A 34 -6.24 10.87 12.32
N ASP A 35 -6.13 10.72 10.89
CA ASP A 35 -6.88 9.73 9.99
C ASP A 35 -6.47 8.12 10.10
N PRO A 36 -7.57 7.03 10.26
CA PRO A 36 -7.28 5.49 10.41
C PRO A 36 -6.80 4.64 9.09
N SER A 37 -7.06 5.21 7.79
CA SER A 37 -6.79 4.53 6.41
C SER A 37 -5.24 4.62 5.93
N ILE A 38 -4.74 3.45 5.26
CA ILE A 38 -3.28 3.26 4.75
C ILE A 38 -3.21 3.60 3.15
N PHE A 39 -2.30 4.64 2.84
CA PHE A 39 -2.07 5.39 1.51
C PHE A 39 -0.53 5.37 1.06
N ILE A 40 -0.31 5.39 -0.37
CA ILE A 40 1.06 5.47 -1.08
C ILE A 40 1.48 6.99 -1.28
N THR A 41 2.83 7.21 -1.07
CA THR A 41 3.59 8.57 -1.12
C THR A 41 5.03 8.46 -1.73
N LYS A 42 5.76 7.21 -1.55
CA LYS A 42 7.14 6.99 -2.08
C LYS A 42 7.19 5.78 -3.09
N ILE A 43 7.73 6.10 -4.34
CA ILE A 43 8.04 5.16 -5.48
C ILE A 43 9.58 5.33 -5.86
N ILE A 44 10.32 4.13 -5.90
CA ILE A 44 11.77 3.96 -6.37
C ILE A 44 11.82 3.81 -8.04
N PRO A 45 12.67 4.77 -8.88
CA PRO A 45 12.76 4.72 -10.46
C PRO A 45 13.34 3.36 -11.15
N GLY A 46 14.12 2.51 -10.31
CA GLY A 46 14.70 1.19 -10.72
C GLY A 46 14.45 0.02 -9.72
N GLY A 47 13.15 -0.07 -9.10
CA GLY A 47 12.67 -1.22 -8.22
C GLY A 47 11.87 -2.36 -8.97
N ALA A 48 11.40 -3.39 -8.13
CA ALA A 48 10.64 -4.67 -8.54
C ALA A 48 9.05 -4.50 -8.81
N ALA A 49 8.30 -3.62 -7.96
CA ALA A 49 6.79 -3.28 -8.08
C ALA A 49 6.40 -2.14 -9.16
N ALA A 50 7.44 -1.18 -9.48
CA ALA A 50 7.38 -0.01 -10.47
C ALA A 50 7.71 -0.42 -12.00
N GLN A 51 8.88 -1.26 -12.21
CA GLN A 51 9.41 -1.79 -13.54
C GLN A 51 8.82 -3.22 -13.99
N ASP A 52 8.87 -4.30 -13.03
CA ASP A 52 8.49 -5.75 -13.27
C ASP A 52 6.97 -6.16 -12.98
N GLY A 53 6.24 -5.46 -11.91
CA GLY A 53 4.83 -5.86 -11.48
C GLY A 53 3.65 -5.18 -12.23
N ARG A 54 3.36 -3.80 -11.93
CA ARG A 54 2.24 -2.80 -12.54
C ARG A 54 2.02 -1.46 -11.70
N LEU A 55 2.41 -1.46 -10.29
CA LEU A 55 2.00 -0.44 -9.22
C LEU A 55 2.56 1.07 -9.39
N ARG A 56 1.52 2.01 -9.31
CA ARG A 56 1.61 3.53 -9.24
C ARG A 56 1.13 4.08 -7.80
N VAL A 57 1.68 5.31 -7.40
CA VAL A 57 1.43 6.13 -6.09
C VAL A 57 -0.13 6.53 -5.76
N ASN A 58 -0.94 6.58 -6.91
CA ASN A 58 -2.38 6.88 -7.01
C ASN A 58 -3.31 5.52 -6.93
N ASP A 59 -2.66 4.24 -6.59
CA ASP A 59 -3.41 2.87 -6.45
C ASP A 59 -4.12 2.60 -5.05
N SER A 60 -3.43 3.07 -3.84
CA SER A 60 -3.88 2.99 -2.31
C SER A 60 -4.46 1.58 -1.82
N ILE A 61 -3.74 0.94 -0.78
CA ILE A 61 -4.05 -0.49 -0.23
C ILE A 61 -5.20 -0.42 0.92
N LEU A 62 -6.28 -1.32 0.72
CA LEU A 62 -7.37 -1.63 1.75
C LEU A 62 -7.06 -2.92 2.58
N PHE A 63 -6.54 -4.06 1.83
CA PHE A 63 -6.27 -5.45 2.43
C PHE A 63 -4.89 -6.01 2.04
N VAL A 64 -4.01 -6.35 3.09
CA VAL A 64 -2.56 -6.89 2.87
C VAL A 64 -2.33 -8.30 3.48
N ASN A 65 -1.75 -9.29 2.64
CA ASN A 65 -1.57 -10.88 2.93
C ASN A 65 -3.01 -11.69 2.79
N GLU A 66 -4.15 -10.87 2.43
CA GLU A 66 -5.69 -11.11 2.57
C GLU A 66 -6.26 -10.65 4.04
N VAL A 67 -5.35 -9.80 4.83
CA VAL A 67 -5.61 -9.27 6.25
C VAL A 67 -6.28 -7.86 6.27
N ASP A 68 -7.02 -7.61 7.44
CA ASP A 68 -7.76 -6.37 7.75
C ASP A 68 -6.87 -5.19 8.38
N VAL A 69 -6.37 -4.30 7.40
CA VAL A 69 -5.52 -3.02 7.71
C VAL A 69 -6.34 -1.66 7.94
N ARG A 70 -7.74 -1.74 7.69
CA ARG A 70 -8.84 -0.61 7.86
C ARG A 70 -8.85 0.27 9.25
N GLU A 71 -8.29 -0.40 10.41
CA GLU A 71 -8.14 0.14 11.84
C GLU A 71 -6.90 -0.64 12.53
N VAL A 72 -5.63 -0.18 12.12
CA VAL A 72 -4.24 -0.68 12.60
C VAL A 72 -3.19 0.54 12.72
N THR A 73 -2.04 0.27 13.51
CA THR A 73 -0.72 1.14 13.57
C THR A 73 0.23 0.87 12.29
N HIS A 74 1.31 1.80 12.03
CA HIS A 74 2.42 1.68 10.90
C HIS A 74 3.19 0.26 10.87
N SER A 75 3.76 -0.13 12.14
CA SER A 75 4.50 -1.46 12.47
C SER A 75 3.63 -2.79 12.20
N ALA A 76 2.23 -2.67 12.53
CA ALA A 76 1.10 -3.69 12.32
C ALA A 76 0.69 -3.91 10.76
N ALA A 77 1.02 -2.83 9.83
CA ALA A 77 0.86 -2.86 8.31
C ALA A 77 2.16 -3.39 7.54
N VAL A 78 3.44 -3.08 8.13
CA VAL A 78 4.88 -3.54 7.61
C VAL A 78 5.16 -5.13 7.94
N GLU A 79 4.76 -5.60 9.21
CA GLU A 79 4.86 -7.05 9.80
C GLU A 79 3.97 -8.12 9.09
N ALA A 80 2.87 -7.61 8.31
CA ALA A 80 2.00 -8.38 7.32
C ALA A 80 2.77 -8.69 5.92
N LEU A 81 3.82 -7.75 5.54
CA LEU A 81 4.76 -7.83 4.34
C LEU A 81 6.11 -8.59 4.64
N LYS A 82 6.63 -8.41 5.96
CA LYS A 82 7.89 -9.04 6.57
C LYS A 82 7.64 -10.56 7.06
N GLU A 83 6.27 -10.93 7.40
CA GLU A 83 5.79 -12.39 7.77
C GLU A 83 5.77 -13.49 6.62
N ALA A 84 5.24 -13.06 5.33
CA ALA A 84 5.05 -13.96 4.10
C ALA A 84 6.41 -14.60 3.49
N GLY A 85 7.57 -13.85 3.83
CA GLY A 85 9.02 -14.22 3.63
C GLY A 85 9.70 -14.12 2.26
N SER A 86 8.89 -14.38 1.13
CA SER A 86 9.34 -14.57 -0.32
C SER A 86 8.15 -14.27 -1.34
N ILE A 87 6.81 -14.55 -0.91
CA ILE A 87 5.55 -14.46 -1.80
C ILE A 87 4.46 -13.63 -1.01
N VAL A 88 4.39 -12.31 -1.43
CA VAL A 88 3.50 -11.23 -0.85
C VAL A 88 2.25 -10.83 -1.78
N ARG A 89 1.00 -10.89 -1.15
CA ARG A 89 -0.38 -10.63 -1.82
C ARG A 89 -1.18 -9.36 -1.26
N LEU A 90 -1.07 -8.20 -2.05
CA LEU A 90 -1.71 -6.83 -1.81
C LEU A 90 -3.05 -6.60 -2.66
N TYR A 91 -4.08 -5.92 -1.97
CA TYR A 91 -5.44 -5.53 -2.50
C TYR A 91 -5.66 -3.97 -2.44
N VAL A 92 -5.73 -3.39 -3.71
CA VAL A 92 -5.82 -1.87 -4.05
C VAL A 92 -7.29 -1.35 -4.60
N MET A 93 -7.53 0.05 -4.46
CA MET A 93 -8.83 0.83 -4.80
C MET A 93 -8.64 2.04 -5.83
N ARG A 94 -9.37 1.92 -7.04
CA ARG A 94 -9.43 2.90 -8.22
C ARG A 94 -10.95 3.28 -8.58
N ARG A 95 -11.13 4.47 -9.30
CA ARG A 95 -12.45 5.02 -9.87
C ARG A 95 -12.64 4.76 -11.44
N LYS A 96 -13.99 4.68 -11.87
CA LYS A 96 -14.49 4.39 -13.32
C LYS A 96 -14.56 5.72 -14.28
N PRO A 97 -13.84 5.77 -15.65
CA PRO A 97 -13.93 6.97 -16.64
C PRO A 97 -15.38 7.13 -17.48
N PRO A 98 -16.03 8.51 -17.72
CA PRO A 98 -17.34 8.73 -18.55
C PRO A 98 -17.21 8.51 -20.17
N ALA A 99 -18.30 7.79 -20.76
CA ALA A 99 -18.45 7.45 -22.25
C ALA A 99 -19.65 8.24 -22.93
N VAL B 1 4.29 18.17 4.32
CA VAL B 1 3.22 17.82 5.32
C VAL B 1 3.75 17.87 6.84
N VAL B 2 2.80 18.37 7.74
CA VAL B 2 2.93 18.59 9.30
C VAL B 2 3.05 17.24 10.22
N SER B 3 2.56 16.04 9.61
CA SER B 3 2.43 14.65 10.25
C SER B 3 2.94 13.55 9.25
N GLU B 4 4.31 13.13 9.40
CA GLU B 4 5.02 12.07 8.51
C GLU B 4 6.03 11.18 9.33
N ARG B 5 5.66 9.83 9.39
CA ARG B 5 6.51 8.64 9.78
C ARG B 5 6.35 7.53 8.67
N ILE B 6 7.25 7.69 7.58
CA ILE B 6 7.27 6.87 6.30
C ILE B 6 8.43 5.74 6.32
N SER B 7 9.57 5.86 5.43
CA SER B 7 10.84 4.85 5.25
C SER B 7 10.52 3.21 5.20
N SER B 8 9.18 2.87 4.87
CA SER B 8 8.48 1.50 4.92
C SER B 8 8.70 0.56 3.60
N VAL B 9 7.84 -0.61 3.44
CA VAL B 9 7.94 -1.67 2.35
C VAL B 9 6.67 -1.52 1.35
#